data_1K8C
#
_entry.id   1K8C
#
_cell.length_a   182.202
_cell.length_b   127.809
_cell.length_c   80.251
_cell.angle_alpha   90.00
_cell.angle_beta   90.37
_cell.angle_gamma   90.00
#
_symmetry.space_group_name_H-M   'C 1 2 1'
#
loop_
_entity.id
_entity.type
_entity.pdbx_description
1 polymer 'xylose reductase'
2 non-polymer 'NADP NICOTINAMIDE-ADENINE-DINUCLEOTIDE PHOSPHATE'
3 water water
#
_entity_poly.entity_id   1
_entity_poly.type   'polypeptide(L)'
_entity_poly.pdbx_seq_one_letter_code
;MSASIPDIKLSSGHLMPSIGFGCWKLANATAGEQVYQAIKAGYRLFDGAEDYGNEKEVGDGVKRAIDEGLVKREEIFLTS
KLWNNYHDPKNVETALNKTLADLKVDYVDLFLIHFPIAFKFVPIEEKYPPGFYCGDGNNFVYEDVPILETWKALEKLVAA
GKIKSIGVSNFPGALLLDLLRGATIKPAVLQVEHHPYLQQPKLIEFAQKAGVTITAYSSFGPQSFVEMNQGRALNTPTLF
AHDTIKAIAAKYNKTPAEVLLRWAAQRGIAVIPKSNLPERLVQNRSFNTFDLTKEDFEEIAKLDIGLRFNDPWDWDNIPI
FV
;
_entity_poly.pdbx_strand_id   A,B,C,D
#
loop_
_chem_comp.id
_chem_comp.type
_chem_comp.name
_chem_comp.formula
NAP non-polymer 'NADP NICOTINAMIDE-ADENINE-DINUCLEOTIDE PHOSPHATE' 'C21 H28 N7 O17 P3'
#
# COMPACT_ATOMS: atom_id res chain seq x y z
N SER A 4 -12.02 22.71 -5.97
CA SER A 4 -11.63 23.41 -7.24
C SER A 4 -11.04 22.41 -8.23
N ILE A 5 -9.74 22.12 -8.10
CA ILE A 5 -9.04 21.18 -8.98
C ILE A 5 -9.71 19.81 -8.99
N PRO A 6 -10.35 19.45 -10.11
CA PRO A 6 -11.03 18.15 -10.20
C PRO A 6 -10.07 16.99 -9.99
N ASP A 7 -10.55 15.93 -9.34
CA ASP A 7 -9.75 14.73 -9.12
C ASP A 7 -10.15 13.69 -10.16
N ILE A 8 -9.28 12.73 -10.42
CA ILE A 8 -9.58 11.67 -11.37
C ILE A 8 -9.42 10.36 -10.61
N LYS A 9 -10.42 9.48 -10.70
CA LYS A 9 -10.31 8.21 -9.99
C LYS A 9 -9.54 7.24 -10.88
N LEU A 10 -8.42 6.74 -10.39
CA LEU A 10 -7.59 5.81 -11.15
C LEU A 10 -8.13 4.40 -11.05
N SER A 11 -7.71 3.58 -11.99
CA SER A 11 -8.12 2.19 -12.05
C SER A 11 -7.73 1.46 -10.77
N SER A 12 -6.88 2.10 -9.97
CA SER A 12 -6.41 1.51 -8.72
C SER A 12 -7.37 1.82 -7.56
N GLY A 13 -8.35 2.67 -7.82
CA GLY A 13 -9.28 3.06 -6.78
C GLY A 13 -8.90 4.43 -6.20
N HIS A 14 -7.60 4.69 -6.12
CA HIS A 14 -7.08 5.96 -5.58
C HIS A 14 -7.38 7.18 -6.47
N LEU A 15 -7.50 8.34 -5.85
CA LEU A 15 -7.77 9.56 -6.60
C LEU A 15 -6.48 10.27 -6.99
N MET A 16 -6.51 11.00 -8.11
CA MET A 16 -5.33 11.73 -8.55
C MET A 16 -5.73 13.11 -9.05
N PRO A 17 -5.12 14.17 -8.47
CA PRO A 17 -5.47 15.53 -8.93
C PRO A 17 -5.28 15.58 -10.44
N SER A 18 -6.11 16.38 -11.11
CA SER A 18 -6.04 16.49 -12.55
C SER A 18 -5.07 17.59 -12.96
N ILE A 19 -4.69 18.42 -11.98
CA ILE A 19 -3.73 19.48 -12.22
C ILE A 19 -2.64 19.28 -11.19
N GLY A 20 -1.40 19.22 -11.65
CA GLY A 20 -0.28 19.02 -10.74
C GLY A 20 0.85 19.99 -11.01
N PHE A 21 1.94 19.86 -10.27
CA PHE A 21 3.09 20.74 -10.42
C PHE A 21 4.29 19.90 -10.85
N GLY A 22 4.81 20.18 -12.06
CA GLY A 22 5.96 19.45 -12.56
C GLY A 22 7.23 19.85 -11.84
N CYS A 23 8.09 18.86 -11.57
CA CYS A 23 9.34 19.12 -10.83
C CYS A 23 10.61 19.00 -11.64
N TRP A 24 10.48 18.74 -12.93
CA TRP A 24 11.66 18.62 -13.77
C TRP A 24 12.33 19.98 -13.86
N LYS A 25 13.64 19.97 -13.59
CA LYS A 25 14.44 21.18 -13.64
C LYS A 25 14.26 22.18 -12.52
N LEU A 26 13.52 21.81 -11.48
CA LEU A 26 13.37 22.67 -10.33
C LEU A 26 14.78 22.64 -9.71
N ALA A 27 15.47 23.77 -9.71
CA ALA A 27 16.82 23.84 -9.14
C ALA A 27 16.86 23.29 -7.72
N ASN A 28 17.89 22.53 -7.39
CA ASN A 28 17.99 21.95 -6.05
C ASN A 28 17.97 22.95 -4.90
N ALA A 29 18.65 24.07 -5.09
CA ALA A 29 18.74 25.08 -4.05
C ALA A 29 17.40 25.71 -3.70
N THR A 30 16.46 25.74 -4.65
CA THR A 30 15.18 26.35 -4.37
C THR A 30 13.96 25.45 -4.54
N ALA A 31 14.19 24.18 -4.85
CA ALA A 31 13.09 23.23 -5.08
C ALA A 31 12.18 23.08 -3.86
N GLY A 32 12.78 22.98 -2.68
CA GLY A 32 12.00 22.87 -1.46
C GLY A 32 11.05 24.04 -1.30
N GLU A 33 11.56 25.26 -1.43
CA GLU A 33 10.75 26.47 -1.31
C GLU A 33 9.68 26.54 -2.40
N GLN A 34 10.04 26.22 -3.64
CA GLN A 34 9.04 26.28 -4.72
C GLN A 34 7.91 25.25 -4.54
N VAL A 35 8.25 24.05 -4.08
CA VAL A 35 7.22 23.04 -3.84
C VAL A 35 6.34 23.57 -2.71
N TYR A 36 6.96 24.11 -1.67
CA TYR A 36 6.21 24.65 -0.54
C TYR A 36 5.24 25.76 -1.00
N GLN A 37 5.72 26.69 -1.82
CA GLN A 37 4.89 27.79 -2.33
C GLN A 37 3.75 27.23 -3.17
N ALA A 38 4.06 26.19 -3.96
CA ALA A 38 3.04 25.55 -4.80
C ALA A 38 1.95 24.95 -3.90
N ILE A 39 2.35 24.34 -2.80
CA ILE A 39 1.36 23.77 -1.88
C ILE A 39 0.48 24.91 -1.35
N LYS A 40 1.09 26.00 -0.90
CA LYS A 40 0.33 27.15 -0.40
C LYS A 40 -0.59 27.69 -1.50
N ALA A 41 -0.18 27.54 -2.76
CA ALA A 41 -0.95 28.04 -3.89
C ALA A 41 -2.10 27.12 -4.30
N GLY A 42 -2.22 25.97 -3.65
CA GLY A 42 -3.31 25.08 -4.00
C GLY A 42 -2.95 23.74 -4.66
N TYR A 43 -1.67 23.54 -4.98
CA TYR A 43 -1.27 22.29 -5.61
C TYR A 43 -1.12 21.13 -4.61
N ARG A 44 -1.51 19.93 -5.03
CA ARG A 44 -1.43 18.75 -4.18
C ARG A 44 -0.66 17.58 -4.81
N LEU A 45 -0.57 17.60 -6.14
CA LEU A 45 0.17 16.55 -6.86
C LEU A 45 1.49 17.14 -7.35
N PHE A 46 2.58 16.43 -7.06
CA PHE A 46 3.90 16.85 -7.50
C PHE A 46 4.50 15.74 -8.34
N ASP A 47 4.72 16.05 -9.61
CA ASP A 47 5.28 15.08 -10.54
C ASP A 47 6.80 15.15 -10.49
N GLY A 48 7.40 14.14 -9.88
CA GLY A 48 8.86 14.10 -9.76
C GLY A 48 9.43 12.88 -10.44
N ALA A 49 10.72 12.63 -10.22
CA ALA A 49 11.38 11.50 -10.84
C ALA A 49 12.79 11.37 -10.29
N GLU A 50 13.28 10.15 -10.25
CA GLU A 50 14.63 9.92 -9.77
C GLU A 50 15.59 10.70 -10.68
N ASP A 51 15.32 10.66 -11.98
CA ASP A 51 16.19 11.36 -12.92
C ASP A 51 16.28 12.87 -12.69
N TYR A 52 15.25 13.48 -12.09
CA TYR A 52 15.29 14.93 -11.89
C TYR A 52 16.32 15.36 -10.86
N GLY A 53 16.81 14.41 -10.07
CA GLY A 53 17.83 14.69 -9.06
C GLY A 53 17.52 15.67 -7.95
N ASN A 54 16.23 15.96 -7.71
CA ASN A 54 15.85 16.89 -6.66
C ASN A 54 14.78 16.34 -5.72
N GLU A 55 14.64 15.01 -5.68
CA GLU A 55 13.61 14.42 -4.81
C GLU A 55 13.82 14.76 -3.34
N LYS A 56 15.07 14.85 -2.91
CA LYS A 56 15.39 15.19 -1.52
C LYS A 56 14.78 16.57 -1.21
N GLU A 57 14.95 17.51 -2.14
CA GLU A 57 14.45 18.87 -1.98
C GLU A 57 12.93 18.96 -2.14
N VAL A 58 12.37 18.19 -3.07
CA VAL A 58 10.92 18.18 -3.23
C VAL A 58 10.39 17.66 -1.87
N GLY A 59 11.14 16.73 -1.29
CA GLY A 59 10.76 16.15 -0.02
C GLY A 59 10.81 17.16 1.10
N ASP A 60 11.80 18.04 1.08
CA ASP A 60 11.92 19.07 2.11
C ASP A 60 10.69 19.98 2.03
N GLY A 61 10.32 20.36 0.82
CA GLY A 61 9.17 21.22 0.64
C GLY A 61 7.91 20.62 1.24
N VAL A 62 7.64 19.37 0.90
CA VAL A 62 6.47 18.70 1.41
C VAL A 62 6.53 18.51 2.91
N LYS A 63 7.70 18.15 3.44
CA LYS A 63 7.84 17.98 4.88
C LYS A 63 7.60 19.30 5.62
N ARG A 64 8.03 20.40 5.02
CA ARG A 64 7.83 21.69 5.66
C ARG A 64 6.34 22.04 5.69
N ALA A 65 5.62 21.78 4.61
CA ALA A 65 4.20 22.09 4.59
C ALA A 65 3.45 21.24 5.63
N ILE A 66 3.92 20.02 5.85
CA ILE A 66 3.25 19.15 6.80
C ILE A 66 3.61 19.51 8.25
N ASP A 67 4.87 19.85 8.48
CA ASP A 67 5.28 20.23 9.82
C ASP A 67 4.60 21.51 10.25
N GLU A 68 4.33 22.38 9.29
CA GLU A 68 3.67 23.66 9.58
C GLU A 68 2.18 23.47 9.62
N GLY A 69 1.74 22.23 9.43
CA GLY A 69 0.32 21.95 9.47
C GLY A 69 -0.53 22.44 8.31
N LEU A 70 0.09 22.81 7.20
CA LEU A 70 -0.67 23.28 6.03
C LEU A 70 -1.38 22.10 5.36
N VAL A 71 -0.77 20.93 5.41
CA VAL A 71 -1.33 19.73 4.81
C VAL A 71 -0.88 18.50 5.58
N LYS A 72 -1.51 17.39 5.26
CA LYS A 72 -1.17 16.12 5.88
C LYS A 72 -0.68 15.24 4.73
N ARG A 73 0.23 14.32 5.03
CA ARG A 73 0.76 13.42 4.02
C ARG A 73 -0.25 12.87 3.03
N GLU A 74 -1.39 12.38 3.53
CA GLU A 74 -2.39 11.79 2.65
C GLU A 74 -3.17 12.78 1.80
N GLU A 75 -2.86 14.07 1.90
CA GLU A 75 -3.56 15.06 1.08
C GLU A 75 -2.64 15.47 -0.07
N ILE A 76 -1.43 14.91 -0.05
CA ILE A 76 -0.44 15.20 -1.09
C ILE A 76 -0.23 13.94 -1.93
N PHE A 77 -0.27 14.11 -3.25
CA PHE A 77 -0.06 12.99 -4.17
C PHE A 77 1.33 13.12 -4.77
N LEU A 78 2.22 12.20 -4.42
CA LEU A 78 3.58 12.25 -4.95
C LEU A 78 3.83 11.24 -6.07
N THR A 79 4.27 11.71 -7.21
CA THR A 79 4.57 10.82 -8.33
C THR A 79 6.09 10.77 -8.53
N SER A 80 6.63 9.58 -8.67
CA SER A 80 8.04 9.49 -8.97
C SER A 80 8.14 8.54 -10.16
N LYS A 81 9.34 8.35 -10.67
CA LYS A 81 9.55 7.51 -11.83
C LYS A 81 10.82 6.71 -11.68
N LEU A 82 10.74 5.43 -12.04
CA LEU A 82 11.86 4.50 -11.98
C LEU A 82 12.73 4.79 -13.21
N TRP A 83 13.97 5.23 -13.00
CA TRP A 83 14.86 5.56 -14.12
C TRP A 83 15.31 4.31 -14.89
N ASN A 84 15.84 4.52 -16.09
CA ASN A 84 16.25 3.42 -16.99
C ASN A 84 17.27 2.37 -16.50
N ASN A 85 18.18 2.77 -15.61
CA ASN A 85 19.20 1.84 -15.11
C ASN A 85 18.67 0.86 -14.06
N TYR A 86 17.44 1.05 -13.62
CA TYR A 86 16.92 0.21 -12.56
C TYR A 86 15.75 -0.70 -12.91
N HIS A 87 15.71 -1.19 -14.15
CA HIS A 87 14.62 -2.07 -14.59
C HIS A 87 14.78 -3.52 -14.09
N ASP A 88 16.01 -3.98 -13.96
CA ASP A 88 16.26 -5.34 -13.48
C ASP A 88 15.56 -5.48 -12.10
N PRO A 89 14.65 -6.46 -11.95
CA PRO A 89 13.94 -6.65 -10.68
C PRO A 89 14.79 -6.58 -9.40
N LYS A 90 15.99 -7.10 -9.44
CA LYS A 90 16.87 -7.08 -8.27
C LYS A 90 17.35 -5.68 -7.89
N ASN A 91 17.04 -4.69 -8.73
CA ASN A 91 17.46 -3.31 -8.48
C ASN A 91 16.26 -2.37 -8.32
N VAL A 92 15.08 -2.81 -8.74
CA VAL A 92 13.90 -1.97 -8.66
C VAL A 92 13.65 -1.44 -7.25
N GLU A 93 13.64 -2.32 -6.25
CA GLU A 93 13.38 -1.88 -4.89
C GLU A 93 14.52 -0.96 -4.41
N THR A 94 15.74 -1.19 -4.88
CA THR A 94 16.86 -0.35 -4.47
C THR A 94 16.57 1.09 -4.91
N ALA A 95 16.14 1.25 -6.16
CA ALA A 95 15.83 2.58 -6.69
C ALA A 95 14.67 3.17 -5.92
N LEU A 96 13.60 2.40 -5.74
CA LEU A 96 12.45 2.91 -5.00
C LEU A 96 12.79 3.30 -3.56
N ASN A 97 13.64 2.53 -2.90
CA ASN A 97 14.00 2.84 -1.52
C ASN A 97 14.74 4.17 -1.44
N LYS A 98 15.52 4.46 -2.47
CA LYS A 98 16.26 5.72 -2.56
C LYS A 98 15.24 6.87 -2.75
N THR A 99 14.27 6.67 -3.63
CA THR A 99 13.24 7.69 -3.83
C THR A 99 12.49 7.94 -2.51
N LEU A 100 12.13 6.87 -1.81
CA LEU A 100 11.42 6.99 -0.52
C LEU A 100 12.29 7.71 0.52
N ALA A 101 13.55 7.33 0.63
CA ALA A 101 14.45 7.97 1.58
C ALA A 101 14.58 9.48 1.23
N ASP A 102 14.73 9.80 -0.06
CA ASP A 102 14.86 11.19 -0.49
C ASP A 102 13.60 12.01 -0.22
N LEU A 103 12.44 11.50 -0.63
CA LEU A 103 11.19 12.22 -0.42
C LEU A 103 10.77 12.21 1.05
N LYS A 104 11.44 11.37 1.84
CA LYS A 104 11.13 11.24 3.28
C LYS A 104 9.67 10.82 3.50
N VAL A 105 9.27 9.74 2.81
CA VAL A 105 7.90 9.20 2.92
C VAL A 105 7.93 7.67 2.99
N ASP A 106 6.82 7.05 3.42
CA ASP A 106 6.76 5.58 3.54
C ASP A 106 6.31 4.92 2.25
N TYR A 107 5.78 5.73 1.34
CA TYR A 107 5.29 5.23 0.07
C TYR A 107 5.12 6.40 -0.90
N VAL A 108 5.03 6.12 -2.20
CA VAL A 108 4.77 7.16 -3.17
C VAL A 108 3.38 6.84 -3.73
N ASP A 109 2.63 7.85 -4.14
CA ASP A 109 1.31 7.60 -4.67
C ASP A 109 1.27 6.97 -6.06
N LEU A 110 2.22 7.38 -6.90
CA LEU A 110 2.31 6.85 -8.26
C LEU A 110 3.79 6.65 -8.59
N PHE A 111 4.13 5.44 -9.01
CA PHE A 111 5.49 5.16 -9.40
C PHE A 111 5.39 4.69 -10.86
N LEU A 112 6.02 5.44 -11.78
CA LEU A 112 5.96 5.13 -13.20
C LEU A 112 7.25 4.57 -13.81
N ILE A 113 7.12 3.68 -14.78
CA ILE A 113 8.31 3.22 -15.47
C ILE A 113 8.58 4.46 -16.35
N HIS A 114 9.71 5.13 -16.15
CA HIS A 114 9.99 6.35 -16.88
C HIS A 114 10.09 6.20 -18.40
N PHE A 115 10.81 5.17 -18.85
CA PHE A 115 10.96 4.87 -20.28
C PHE A 115 10.99 3.35 -20.50
N PRO A 116 10.52 2.87 -21.67
CA PRO A 116 10.55 1.42 -21.92
C PRO A 116 11.97 1.12 -22.46
N ILE A 117 12.96 1.51 -21.67
CA ILE A 117 14.36 1.38 -22.01
C ILE A 117 15.09 0.91 -20.74
N ALA A 118 15.92 -0.12 -20.88
CA ALA A 118 16.69 -0.66 -19.76
C ALA A 118 18.19 -0.46 -19.92
N PHE A 119 18.72 0.56 -19.25
CA PHE A 119 20.15 0.87 -19.25
C PHE A 119 20.84 -0.11 -18.31
N LYS A 120 22.12 -0.39 -18.56
CA LYS A 120 22.88 -1.26 -17.67
C LYS A 120 22.84 -0.65 -16.25
N PHE A 121 22.66 -1.47 -15.23
CA PHE A 121 22.63 -0.98 -13.85
C PHE A 121 23.93 -0.30 -13.39
N VAL A 122 23.80 0.82 -12.70
CA VAL A 122 24.93 1.59 -12.13
C VAL A 122 24.53 1.78 -10.68
N PRO A 123 25.39 1.37 -9.72
CA PRO A 123 25.03 1.53 -8.31
C PRO A 123 24.74 2.98 -7.95
N ILE A 124 23.85 3.16 -6.95
CA ILE A 124 23.47 4.49 -6.51
C ILE A 124 24.73 5.24 -6.05
N GLU A 125 25.59 4.50 -5.38
CA GLU A 125 26.84 5.05 -4.83
C GLU A 125 27.81 5.46 -5.92
N GLU A 126 27.77 4.79 -7.07
CA GLU A 126 28.68 5.12 -8.18
C GLU A 126 28.32 6.45 -8.85
N LYS A 127 27.02 6.67 -9.07
CA LYS A 127 26.54 7.92 -9.67
C LYS A 127 25.02 8.03 -9.54
N TYR A 128 24.56 9.14 -8.99
CA TYR A 128 23.11 9.33 -8.85
C TYR A 128 22.73 10.80 -8.99
N PRO A 129 21.78 11.13 -9.89
CA PRO A 129 21.04 10.24 -10.80
C PRO A 129 22.04 9.87 -11.89
N PRO A 130 21.97 8.65 -12.44
CA PRO A 130 22.93 8.29 -13.50
C PRO A 130 22.73 8.95 -14.86
N GLY A 131 21.49 9.35 -15.14
CA GLY A 131 21.19 9.94 -16.43
C GLY A 131 21.51 8.93 -17.52
N PHE A 132 22.24 9.36 -18.55
CA PHE A 132 22.61 8.50 -19.64
C PHE A 132 23.88 7.67 -19.37
N TYR A 133 24.45 7.78 -18.18
CA TYR A 133 25.66 7.01 -17.85
C TYR A 133 25.27 5.54 -17.64
N CYS A 134 25.94 4.64 -18.36
CA CYS A 134 25.64 3.22 -18.21
C CYS A 134 26.83 2.40 -17.69
N GLY A 135 27.69 3.03 -16.91
CA GLY A 135 28.81 2.29 -16.34
C GLY A 135 29.99 2.00 -17.24
N ASP A 136 30.10 2.68 -18.37
CA ASP A 136 31.19 2.45 -19.29
C ASP A 136 31.48 3.67 -20.17
N GLY A 137 32.09 4.67 -19.56
CA GLY A 137 32.40 5.89 -20.28
C GLY A 137 31.11 6.52 -20.74
N ASN A 138 31.07 7.00 -21.99
CA ASN A 138 29.86 7.60 -22.50
C ASN A 138 29.04 6.65 -23.36
N ASN A 139 29.42 5.37 -23.37
CA ASN A 139 28.70 4.39 -24.18
C ASN A 139 27.38 4.01 -23.55
N PHE A 140 26.35 3.84 -24.38
CA PHE A 140 25.08 3.40 -23.85
C PHE A 140 25.20 1.88 -23.80
N VAL A 141 24.80 1.29 -22.68
CA VAL A 141 24.83 -0.16 -22.54
C VAL A 141 23.47 -0.52 -21.97
N TYR A 142 22.87 -1.59 -22.47
CA TYR A 142 21.53 -2.01 -22.05
C TYR A 142 21.48 -3.37 -21.38
N GLU A 143 20.36 -3.66 -20.71
CA GLU A 143 20.16 -4.95 -20.03
C GLU A 143 18.96 -5.69 -20.64
N ASP A 144 19.03 -7.02 -20.69
CA ASP A 144 17.91 -7.80 -21.23
C ASP A 144 16.83 -7.98 -20.15
N VAL A 145 16.10 -6.92 -19.85
CA VAL A 145 15.06 -7.02 -18.85
C VAL A 145 13.72 -6.65 -19.51
N PRO A 146 12.91 -7.67 -19.83
CA PRO A 146 11.62 -7.34 -20.45
C PRO A 146 10.78 -6.43 -19.55
N ILE A 147 9.93 -5.62 -20.17
CA ILE A 147 9.07 -4.70 -19.44
C ILE A 147 8.28 -5.40 -18.32
N LEU A 148 7.66 -6.53 -18.65
CA LEU A 148 6.85 -7.28 -17.70
C LEU A 148 7.60 -7.75 -16.43
N GLU A 149 8.91 -8.05 -16.54
CA GLU A 149 9.69 -8.45 -15.36
C GLU A 149 9.74 -7.24 -14.42
N THR A 150 10.06 -6.09 -14.99
CA THR A 150 10.11 -4.85 -14.20
C THR A 150 8.74 -4.59 -13.61
N TRP A 151 7.70 -4.79 -14.40
CA TRP A 151 6.35 -4.55 -13.93
C TRP A 151 6.00 -5.45 -12.74
N LYS A 152 6.32 -6.72 -12.84
CA LYS A 152 6.05 -7.64 -11.74
C LYS A 152 6.79 -7.20 -10.46
N ALA A 153 7.98 -6.64 -10.60
CA ALA A 153 8.72 -6.16 -9.42
C ALA A 153 7.97 -5.00 -8.79
N LEU A 154 7.30 -4.20 -9.63
CA LEU A 154 6.54 -3.06 -9.14
C LEU A 154 5.26 -3.54 -8.45
N GLU A 155 4.60 -4.52 -9.05
CA GLU A 155 3.36 -5.06 -8.46
C GLU A 155 3.67 -5.56 -7.05
N LYS A 156 4.84 -6.15 -6.89
CA LYS A 156 5.28 -6.65 -5.60
C LYS A 156 5.48 -5.51 -4.58
N LEU A 157 6.03 -4.41 -5.06
CA LEU A 157 6.26 -3.26 -4.20
C LEU A 157 4.94 -2.61 -3.83
N VAL A 158 3.92 -2.77 -4.68
CA VAL A 158 2.59 -2.25 -4.34
C VAL A 158 2.05 -3.09 -3.15
N ALA A 159 2.21 -4.41 -3.22
CA ALA A 159 1.72 -5.28 -2.16
C ALA A 159 2.50 -5.03 -0.87
N ALA A 160 3.72 -4.50 -1.00
CA ALA A 160 4.57 -4.25 0.15
C ALA A 160 4.13 -2.96 0.82
N GLY A 161 3.23 -2.25 0.18
CA GLY A 161 2.74 -1.00 0.74
C GLY A 161 3.59 0.23 0.42
N LYS A 162 4.65 0.05 -0.38
CA LYS A 162 5.52 1.17 -0.74
C LYS A 162 5.03 2.02 -1.90
N ILE A 163 4.02 1.55 -2.63
CA ILE A 163 3.45 2.28 -3.77
C ILE A 163 1.93 2.12 -3.81
N LYS A 164 1.20 3.22 -3.97
CA LYS A 164 -0.26 3.17 -4.04
C LYS A 164 -0.71 2.73 -5.43
N SER A 165 -0.22 3.41 -6.47
CA SER A 165 -0.58 3.04 -7.85
C SER A 165 0.66 3.04 -8.74
N ILE A 166 0.66 2.15 -9.72
CA ILE A 166 1.76 2.07 -10.66
C ILE A 166 1.30 2.38 -12.08
N GLY A 167 2.23 2.80 -12.93
CA GLY A 167 1.86 3.14 -14.29
C GLY A 167 3.08 3.23 -15.18
N VAL A 168 2.91 3.76 -16.38
CA VAL A 168 4.01 3.86 -17.32
C VAL A 168 4.09 5.22 -18.01
N SER A 169 5.26 5.51 -18.54
CA SER A 169 5.50 6.75 -19.24
C SER A 169 6.22 6.45 -20.56
N ASN A 170 5.90 7.21 -21.61
CA ASN A 170 6.56 7.07 -22.90
C ASN A 170 6.41 5.69 -23.55
N PHE A 171 5.26 5.07 -23.33
CA PHE A 171 4.95 3.77 -23.90
C PHE A 171 4.07 3.97 -25.13
N PRO A 172 4.46 3.38 -26.28
CA PRO A 172 3.61 3.53 -27.47
C PRO A 172 2.49 2.46 -27.34
N GLY A 173 1.44 2.59 -28.17
CA GLY A 173 0.30 1.68 -28.11
C GLY A 173 0.52 0.18 -28.07
N ALA A 174 1.38 -0.35 -28.96
CA ALA A 174 1.63 -1.78 -29.01
C ALA A 174 2.23 -2.31 -27.71
N LEU A 175 3.15 -1.53 -27.13
CA LEU A 175 3.81 -1.93 -25.90
C LEU A 175 2.83 -1.91 -24.74
N LEU A 176 1.98 -0.88 -24.68
CA LEU A 176 1.00 -0.80 -23.60
C LEU A 176 0.05 -1.99 -23.72
N LEU A 177 -0.38 -2.29 -24.94
CA LEU A 177 -1.29 -3.42 -25.20
C LEU A 177 -0.70 -4.71 -24.65
N ASP A 178 0.57 -4.96 -24.97
CA ASP A 178 1.20 -6.18 -24.49
C ASP A 178 1.31 -6.21 -22.97
N LEU A 179 1.70 -5.09 -22.37
CA LEU A 179 1.80 -5.05 -20.91
C LEU A 179 0.44 -5.38 -20.29
N LEU A 180 -0.63 -4.84 -20.88
CA LEU A 180 -1.98 -5.11 -20.37
C LEU A 180 -2.33 -6.61 -20.36
N ARG A 181 -1.81 -7.35 -21.32
CA ARG A 181 -2.07 -8.78 -21.38
C ARG A 181 -1.38 -9.51 -20.22
N GLY A 182 -0.29 -8.94 -19.70
CA GLY A 182 0.44 -9.58 -18.62
C GLY A 182 0.30 -8.99 -17.22
N ALA A 183 -0.26 -7.79 -17.13
CA ALA A 183 -0.41 -7.13 -15.85
C ALA A 183 -1.54 -7.67 -14.97
N THR A 184 -1.23 -7.85 -13.68
CA THR A 184 -2.23 -8.28 -12.72
C THR A 184 -2.84 -6.95 -12.26
N ILE A 185 -1.96 -6.00 -11.89
CA ILE A 185 -2.42 -4.66 -11.53
C ILE A 185 -2.28 -3.94 -12.87
N LYS A 186 -3.36 -3.40 -13.40
CA LYS A 186 -3.26 -2.70 -14.68
C LYS A 186 -2.56 -1.36 -14.53
N PRO A 187 -1.71 -0.99 -15.50
CA PRO A 187 -1.07 0.31 -15.32
C PRO A 187 -2.20 1.35 -15.27
N ALA A 188 -2.23 2.12 -14.20
CA ALA A 188 -3.27 3.12 -13.98
C ALA A 188 -3.05 4.39 -14.78
N VAL A 189 -1.79 4.65 -15.10
CA VAL A 189 -1.48 5.88 -15.83
C VAL A 189 -0.52 5.68 -17.00
N LEU A 190 -0.70 6.52 -18.02
CA LEU A 190 0.15 6.55 -19.19
C LEU A 190 0.55 8.02 -19.25
N GLN A 191 1.81 8.33 -18.96
CA GLN A 191 2.27 9.71 -19.03
C GLN A 191 3.07 9.89 -20.32
N VAL A 192 2.57 10.70 -21.23
CA VAL A 192 3.25 10.92 -22.51
C VAL A 192 3.30 12.38 -22.90
N GLU A 193 4.19 12.70 -23.83
CA GLU A 193 4.29 14.05 -24.34
C GLU A 193 2.94 14.29 -25.05
N HIS A 194 2.32 15.43 -24.83
CA HIS A 194 1.01 15.69 -25.45
C HIS A 194 0.77 17.19 -25.59
N HIS A 195 0.62 17.62 -26.83
CA HIS A 195 0.37 19.01 -27.16
C HIS A 195 -0.25 19.04 -28.56
N PRO A 196 -0.70 20.22 -29.01
CA PRO A 196 -1.32 20.30 -30.35
C PRO A 196 -0.46 19.82 -31.52
N TYR A 197 0.86 19.83 -31.39
CA TYR A 197 1.69 19.34 -32.51
C TYR A 197 1.87 17.82 -32.45
N LEU A 198 1.66 17.21 -31.29
CA LEU A 198 1.81 15.76 -31.13
C LEU A 198 0.58 15.29 -30.38
N GLN A 199 -0.53 15.17 -31.09
CA GLN A 199 -1.79 14.80 -30.47
C GLN A 199 -2.03 13.30 -30.26
N GLN A 200 -1.45 12.46 -31.11
CA GLN A 200 -1.59 11.00 -31.02
C GLN A 200 -3.00 10.57 -30.56
N PRO A 201 -4.05 11.11 -31.20
CA PRO A 201 -5.43 10.78 -30.84
C PRO A 201 -5.79 9.30 -30.71
N LYS A 202 -5.26 8.44 -31.57
CA LYS A 202 -5.59 7.01 -31.47
C LYS A 202 -5.00 6.37 -30.21
N LEU A 203 -3.84 6.84 -29.78
CA LEU A 203 -3.23 6.29 -28.59
C LEU A 203 -4.06 6.73 -27.38
N ILE A 204 -4.45 8.01 -27.37
CA ILE A 204 -5.25 8.55 -26.28
C ILE A 204 -6.57 7.77 -26.17
N GLU A 205 -7.23 7.64 -27.31
CA GLU A 205 -8.51 6.94 -27.38
C GLU A 205 -8.35 5.50 -26.90
N PHE A 206 -7.33 4.81 -27.38
CA PHE A 206 -7.15 3.43 -26.92
C PHE A 206 -6.93 3.36 -25.41
N ALA A 207 -6.02 4.20 -24.92
CA ALA A 207 -5.67 4.18 -23.50
C ALA A 207 -6.86 4.49 -22.63
N GLN A 208 -7.55 5.58 -22.94
CA GLN A 208 -8.71 5.96 -22.13
C GLN A 208 -9.73 4.84 -22.14
N LYS A 209 -9.99 4.26 -23.30
CA LYS A 209 -10.96 3.19 -23.38
C LYS A 209 -10.52 1.96 -22.58
N ALA A 210 -9.22 1.75 -22.42
CA ALA A 210 -8.76 0.59 -21.65
C ALA A 210 -8.79 0.88 -20.15
N GLY A 211 -9.23 2.09 -19.80
CA GLY A 211 -9.31 2.47 -18.40
C GLY A 211 -8.04 3.11 -17.86
N VAL A 212 -7.09 3.39 -18.75
CA VAL A 212 -5.84 3.99 -18.31
C VAL A 212 -5.99 5.51 -18.34
N THR A 213 -5.52 6.17 -17.29
CA THR A 213 -5.60 7.61 -17.22
C THR A 213 -4.36 8.23 -17.87
N ILE A 214 -4.60 9.28 -18.65
CA ILE A 214 -3.52 10.00 -19.32
C ILE A 214 -3.03 11.22 -18.55
N THR A 215 -1.72 11.34 -18.42
CA THR A 215 -1.13 12.53 -17.81
C THR A 215 -0.29 13.10 -18.95
N ALA A 216 -0.58 14.34 -19.32
CA ALA A 216 0.16 14.98 -20.41
C ALA A 216 1.36 15.73 -19.87
N TYR A 217 2.44 15.75 -20.65
CA TYR A 217 3.61 16.54 -20.27
C TYR A 217 4.00 17.35 -21.51
N SER A 218 4.68 18.46 -21.29
CA SER A 218 5.09 19.39 -22.35
C SER A 218 3.82 19.91 -23.01
N SER A 219 2.86 20.33 -22.19
CA SER A 219 1.60 20.85 -22.70
C SER A 219 1.77 22.10 -23.56
N PHE A 220 2.91 22.78 -23.41
CA PHE A 220 3.17 23.96 -24.21
C PHE A 220 4.12 23.66 -25.37
N GLY A 221 4.20 22.39 -25.76
CA GLY A 221 5.05 22.00 -26.87
C GLY A 221 6.50 22.46 -26.84
N PRO A 222 6.96 23.14 -27.89
CA PRO A 222 8.34 23.63 -27.99
C PRO A 222 8.84 24.42 -26.76
N GLN A 223 7.93 25.01 -26.01
CA GLN A 223 8.31 25.75 -24.80
C GLN A 223 8.59 24.75 -23.68
N SER A 224 9.83 24.28 -23.59
CA SER A 224 10.24 23.33 -22.55
C SER A 224 11.59 22.70 -22.88
N PHE A 225 11.95 22.75 -24.15
CA PHE A 225 13.23 22.21 -24.58
C PHE A 225 14.01 23.34 -25.26
N VAL A 226 13.55 24.58 -25.04
CA VAL A 226 14.20 25.76 -25.61
C VAL A 226 15.24 26.32 -24.65
N ASN A 229 18.21 23.57 -24.69
CA ASN A 229 18.62 24.35 -25.85
C ASN A 229 18.56 23.49 -27.12
N GLN A 230 17.47 22.75 -27.28
CA GLN A 230 17.31 21.87 -28.43
C GLN A 230 16.93 22.60 -29.70
N GLY A 231 17.68 22.33 -30.76
CA GLY A 231 17.41 22.97 -32.03
C GLY A 231 16.02 22.71 -32.57
N ARG A 232 15.56 21.47 -32.51
CA ARG A 232 14.24 21.11 -33.01
C ARG A 232 13.16 22.04 -32.44
N ALA A 233 13.14 22.21 -31.12
CA ALA A 233 12.17 23.08 -30.45
C ALA A 233 12.36 24.54 -30.82
N LEU A 234 13.61 25.02 -30.74
CA LEU A 234 13.91 26.42 -31.05
C LEU A 234 13.44 26.77 -32.46
N ASN A 235 13.58 25.85 -33.40
CA ASN A 235 13.17 26.10 -34.77
C ASN A 235 11.71 25.72 -35.07
N THR A 236 10.89 25.67 -34.03
CA THR A 236 9.47 25.35 -34.19
C THR A 236 8.63 26.55 -33.82
N PRO A 237 7.66 26.93 -34.68
CA PRO A 237 6.79 28.08 -34.40
C PRO A 237 6.09 27.87 -33.08
N THR A 238 6.19 28.87 -32.22
CA THR A 238 5.58 28.81 -30.90
C THR A 238 4.06 28.62 -30.92
N LEU A 239 3.55 27.83 -29.98
CA LEU A 239 2.11 27.59 -29.89
C LEU A 239 1.45 28.82 -29.29
N PHE A 240 2.21 29.56 -28.48
CA PHE A 240 1.69 30.76 -27.83
C PHE A 240 1.41 31.87 -28.84
N ALA A 241 1.96 31.74 -30.03
CA ALA A 241 1.76 32.73 -31.08
C ALA A 241 1.08 32.09 -32.29
N HIS A 242 0.63 30.86 -32.15
CA HIS A 242 -0.05 30.18 -33.26
C HIS A 242 -1.42 30.81 -33.47
N ASP A 243 -1.71 31.19 -34.71
CA ASP A 243 -2.98 31.83 -35.04
C ASP A 243 -4.23 31.14 -34.52
N THR A 244 -4.26 29.82 -34.57
CA THR A 244 -5.42 29.06 -34.09
C THR A 244 -5.58 29.18 -32.57
N ILE A 245 -4.46 29.11 -31.85
CA ILE A 245 -4.50 29.18 -30.40
C ILE A 245 -4.91 30.58 -29.93
N LYS A 246 -4.30 31.59 -30.53
CA LYS A 246 -4.61 32.98 -30.21
C LYS A 246 -6.10 33.23 -30.42
N ALA A 247 -6.57 32.88 -31.61
CA ALA A 247 -7.98 33.05 -31.99
C ALA A 247 -8.89 32.53 -30.89
N ILE A 248 -8.65 31.30 -30.45
CA ILE A 248 -9.47 30.69 -29.40
C ILE A 248 -9.23 31.37 -28.06
N ALA A 249 -8.00 31.78 -27.80
CA ALA A 249 -7.69 32.45 -26.54
C ALA A 249 -8.33 33.83 -26.46
N ALA A 250 -8.24 34.58 -27.56
CA ALA A 250 -8.82 35.91 -27.62
C ALA A 250 -10.33 35.82 -27.70
N LYS A 251 -10.83 34.64 -28.05
CA LYS A 251 -12.27 34.42 -28.16
C LYS A 251 -12.92 34.14 -26.81
N TYR A 252 -12.11 33.88 -25.80
CA TYR A 252 -12.63 33.59 -24.44
C TYR A 252 -11.96 34.51 -23.44
N ASN A 253 -11.07 35.36 -23.94
CA ASN A 253 -10.32 36.31 -23.13
C ASN A 253 -9.43 35.56 -22.14
N LYS A 254 -8.80 34.48 -22.63
CA LYS A 254 -7.92 33.66 -21.83
C LYS A 254 -6.54 33.70 -22.48
N THR A 255 -5.51 33.30 -21.76
CA THR A 255 -4.17 33.31 -22.34
C THR A 255 -3.97 32.06 -23.22
N PRO A 256 -3.01 32.10 -24.14
CA PRO A 256 -2.79 30.93 -24.98
C PRO A 256 -2.48 29.73 -24.05
N ALA A 257 -1.70 30.01 -23.01
CA ALA A 257 -1.32 28.98 -22.04
C ALA A 257 -2.56 28.31 -21.45
N GLU A 258 -3.57 29.11 -21.14
CA GLU A 258 -4.79 28.57 -20.56
C GLU A 258 -5.59 27.72 -21.53
N VAL A 259 -5.47 28.03 -22.82
CA VAL A 259 -6.19 27.25 -23.83
C VAL A 259 -5.47 25.91 -24.01
N LEU A 260 -4.15 25.95 -24.04
CA LEU A 260 -3.37 24.74 -24.21
C LEU A 260 -3.65 23.73 -23.09
N LEU A 261 -3.71 24.21 -21.85
CA LEU A 261 -4.00 23.34 -20.71
C LEU A 261 -5.46 22.85 -20.71
N ARG A 262 -6.38 23.74 -21.01
CA ARG A 262 -7.80 23.40 -21.02
C ARG A 262 -8.13 22.35 -22.10
N TRP A 263 -7.47 22.47 -23.24
CA TRP A 263 -7.66 21.53 -24.37
C TRP A 263 -7.41 20.09 -23.91
N ALA A 264 -6.47 19.92 -22.99
CA ALA A 264 -6.16 18.60 -22.47
C ALA A 264 -7.12 18.22 -21.34
N ALA A 265 -7.29 19.14 -20.38
CA ALA A 265 -8.14 18.91 -19.23
C ALA A 265 -9.57 18.54 -19.57
N GLN A 266 -10.14 19.25 -20.53
CA GLN A 266 -11.52 19.03 -20.93
C GLN A 266 -11.73 17.68 -21.57
N ARG A 267 -10.63 16.99 -21.87
CA ARG A 267 -10.74 15.67 -22.49
C ARG A 267 -10.38 14.59 -21.48
N GLY A 268 -10.32 14.97 -20.20
CA GLY A 268 -10.03 14.00 -19.15
C GLY A 268 -8.56 13.66 -18.99
N ILE A 269 -7.69 14.53 -19.51
CA ILE A 269 -6.25 14.30 -19.40
C ILE A 269 -5.68 15.14 -18.28
N ALA A 270 -4.90 14.52 -17.39
CA ALA A 270 -4.27 15.23 -16.29
C ALA A 270 -3.13 16.07 -16.84
N VAL A 271 -2.86 17.22 -16.21
CA VAL A 271 -1.77 18.08 -16.64
C VAL A 271 -0.87 18.42 -15.46
N ILE A 272 0.39 18.73 -15.76
CA ILE A 272 1.35 19.03 -14.73
C ILE A 272 2.29 20.19 -15.08
N PRO A 273 1.73 21.39 -15.35
CA PRO A 273 2.54 22.57 -15.71
C PRO A 273 3.53 22.98 -14.62
N LYS A 274 4.60 23.65 -15.04
CA LYS A 274 5.63 24.10 -14.11
C LYS A 274 6.08 25.51 -14.44
N SER A 275 5.92 26.42 -13.48
CA SER A 275 6.35 27.81 -13.68
C SER A 275 7.15 28.35 -12.50
N ASN A 276 8.24 29.03 -12.80
CA ASN A 276 9.10 29.63 -11.78
C ASN A 276 8.48 30.95 -11.35
N LEU A 277 7.48 31.39 -12.11
CA LEU A 277 6.81 32.65 -11.85
C LEU A 277 5.46 32.47 -11.14
N PRO A 278 5.32 33.08 -9.94
CA PRO A 278 4.11 33.03 -9.09
C PRO A 278 2.79 33.30 -9.78
N GLU A 279 2.73 34.31 -10.63
CA GLU A 279 1.51 34.63 -11.34
C GLU A 279 1.06 33.41 -12.15
N ARG A 280 1.94 32.92 -13.03
CA ARG A 280 1.62 31.77 -13.85
C ARG A 280 1.31 30.55 -13.00
N LEU A 281 1.96 30.46 -11.84
CA LEU A 281 1.75 29.36 -10.90
C LEU A 281 0.25 29.31 -10.61
N VAL A 282 -0.33 30.48 -10.43
CA VAL A 282 -1.75 30.63 -10.15
C VAL A 282 -2.57 30.29 -11.39
N GLN A 283 -2.22 30.90 -12.51
CA GLN A 283 -2.90 30.68 -13.79
C GLN A 283 -3.03 29.21 -14.13
N ASN A 284 -1.95 28.46 -13.91
CA ASN A 284 -1.92 27.05 -14.25
C ASN A 284 -2.81 26.11 -13.47
N ARG A 285 -3.36 26.55 -12.35
CA ARG A 285 -4.24 25.69 -11.56
C ARG A 285 -5.70 26.15 -11.65
N SER A 286 -5.95 27.21 -12.40
CA SER A 286 -7.30 27.73 -12.55
C SER A 286 -7.59 28.20 -13.96
N PHE A 287 -7.60 27.24 -14.89
CA PHE A 287 -7.85 27.52 -16.29
C PHE A 287 -9.16 26.86 -16.74
N ASN A 288 -9.81 26.16 -15.82
CA ASN A 288 -11.06 25.50 -16.12
C ASN A 288 -12.22 26.50 -15.95
N THR A 289 -12.15 27.60 -16.69
CA THR A 289 -13.16 28.64 -16.62
C THR A 289 -13.86 28.88 -17.96
N PHE A 290 -13.82 27.90 -18.84
CA PHE A 290 -14.45 28.02 -20.15
C PHE A 290 -14.33 26.69 -20.88
N ASP A 291 -15.28 26.39 -21.76
CA ASP A 291 -15.23 25.13 -22.50
C ASP A 291 -14.90 25.37 -23.96
N LEU A 292 -14.23 24.39 -24.57
CA LEU A 292 -13.89 24.46 -25.97
C LEU A 292 -15.08 23.85 -26.70
N THR A 293 -15.42 24.42 -27.85
CA THR A 293 -16.54 23.92 -28.62
C THR A 293 -16.02 22.88 -29.58
N LYS A 294 -16.92 22.07 -30.13
CA LYS A 294 -16.52 21.05 -31.09
C LYS A 294 -15.63 21.72 -32.13
N GLU A 295 -16.09 22.86 -32.64
CA GLU A 295 -15.36 23.60 -33.65
C GLU A 295 -13.98 24.00 -33.16
N ASP A 296 -13.84 24.31 -31.88
CA ASP A 296 -12.54 24.68 -31.33
C ASP A 296 -11.61 23.47 -31.42
N PHE A 297 -12.13 22.33 -30.96
CA PHE A 297 -11.38 21.10 -30.99
C PHE A 297 -10.99 20.75 -32.42
N GLU A 298 -11.93 20.93 -33.34
CA GLU A 298 -11.67 20.62 -34.74
C GLU A 298 -10.55 21.49 -35.29
N GLU A 299 -10.57 22.77 -34.93
CA GLU A 299 -9.53 23.66 -35.42
C GLU A 299 -8.19 23.33 -34.76
N ILE A 300 -8.23 22.93 -33.49
CA ILE A 300 -6.98 22.59 -32.81
C ILE A 300 -6.42 21.29 -33.39
N ALA A 301 -7.29 20.31 -33.59
CA ALA A 301 -6.87 19.03 -34.14
C ALA A 301 -6.13 19.15 -35.47
N LYS A 302 -6.28 20.29 -36.15
CA LYS A 302 -5.60 20.48 -37.43
C LYS A 302 -4.10 20.74 -37.24
N LEU A 303 -3.70 21.08 -36.02
CA LEU A 303 -2.29 21.37 -35.74
C LEU A 303 -1.44 20.10 -35.63
N ASP A 304 -2.07 18.94 -35.47
CA ASP A 304 -1.33 17.71 -35.31
C ASP A 304 -0.44 17.34 -36.50
N ILE A 305 0.86 17.38 -36.26
CA ILE A 305 1.83 17.06 -37.29
C ILE A 305 2.75 15.97 -36.76
N GLY A 306 2.43 15.43 -35.59
CA GLY A 306 3.25 14.39 -35.00
C GLY A 306 4.68 14.87 -34.71
N LEU A 307 4.83 16.09 -34.21
CA LEU A 307 6.17 16.63 -33.92
C LEU A 307 6.49 16.31 -32.48
N ARG A 308 7.53 15.51 -32.29
CA ARG A 308 7.94 15.03 -30.97
C ARG A 308 9.26 15.60 -30.48
N PHE A 309 9.24 16.24 -29.32
CA PHE A 309 10.46 16.84 -28.76
C PHE A 309 11.26 15.91 -27.85
N ASN A 310 10.59 14.98 -27.16
CA ASN A 310 11.25 14.04 -26.28
C ASN A 310 11.31 12.67 -26.98
N ASP A 311 12.40 12.42 -27.71
CA ASP A 311 12.54 11.17 -28.46
C ASP A 311 13.85 10.41 -28.19
N PRO A 312 13.76 9.21 -27.57
CA PRO A 312 14.97 8.43 -27.29
C PRO A 312 15.78 8.16 -28.56
N TRP A 313 15.16 8.37 -29.72
CA TRP A 313 15.86 8.15 -30.98
C TRP A 313 17.07 9.10 -31.04
N ASP A 314 16.95 10.29 -30.44
CA ASP A 314 18.03 11.26 -30.44
C ASP A 314 19.21 10.84 -29.55
N TRP A 315 18.94 10.06 -28.50
CA TRP A 315 20.00 9.64 -27.59
C TRP A 315 20.94 8.64 -28.19
N ASP A 316 20.37 7.54 -28.65
CA ASP A 316 21.16 6.45 -29.18
C ASP A 316 20.36 5.58 -30.16
N ASN A 317 19.55 6.24 -31.00
CA ASN A 317 18.71 5.53 -31.96
C ASN A 317 17.94 4.38 -31.31
N ILE A 318 17.31 4.68 -30.19
CA ILE A 318 16.50 3.72 -29.45
C ILE A 318 15.13 3.81 -30.16
N PRO A 319 14.66 2.68 -30.73
CA PRO A 319 13.40 2.58 -31.48
C PRO A 319 12.05 2.63 -30.78
N ILE A 320 11.96 3.38 -29.68
CA ILE A 320 10.70 3.44 -28.95
C ILE A 320 9.52 3.97 -29.76
N PHE A 321 9.74 5.02 -30.55
CA PHE A 321 8.65 5.59 -31.35
C PHE A 321 8.69 5.33 -32.85
N VAL A 322 9.30 4.22 -33.26
CA VAL A 322 9.38 3.90 -34.69
C VAL A 322 8.80 2.51 -34.99
N SER B 4 21.30 -17.11 -59.31
CA SER B 4 20.82 -15.72 -59.60
C SER B 4 20.28 -14.98 -58.38
N ILE B 5 19.41 -15.64 -57.61
CA ILE B 5 18.80 -15.03 -56.42
C ILE B 5 19.72 -15.13 -55.21
N PRO B 6 20.23 -13.98 -54.72
CA PRO B 6 21.14 -13.93 -53.57
C PRO B 6 20.48 -14.48 -52.29
N ASP B 7 21.25 -15.16 -51.44
CA ASP B 7 20.71 -15.66 -50.18
C ASP B 7 21.11 -14.69 -49.10
N ILE B 8 20.31 -14.63 -48.05
CA ILE B 8 20.61 -13.78 -46.92
C ILE B 8 20.91 -14.72 -45.77
N LYS B 9 21.91 -14.41 -44.96
CA LYS B 9 22.24 -15.27 -43.82
C LYS B 9 21.40 -14.84 -42.64
N LEU B 10 20.51 -15.71 -42.16
CA LEU B 10 19.70 -15.37 -40.98
C LEU B 10 20.49 -15.63 -39.69
N SER B 11 20.11 -14.91 -38.63
CA SER B 11 20.74 -15.03 -37.32
C SER B 11 20.63 -16.45 -36.75
N SER B 12 19.69 -17.22 -37.30
CA SER B 12 19.43 -18.58 -36.87
C SER B 12 20.47 -19.57 -37.42
N GLY B 13 21.26 -19.11 -38.38
CA GLY B 13 22.25 -19.97 -38.99
C GLY B 13 21.77 -20.63 -40.27
N HIS B 14 20.65 -20.17 -40.83
CA HIS B 14 20.12 -20.73 -42.06
C HIS B 14 20.05 -19.64 -43.12
N LEU B 15 20.15 -20.04 -44.39
CA LEU B 15 20.08 -19.10 -45.51
C LEU B 15 18.61 -18.94 -45.93
N MET B 16 18.27 -17.74 -46.40
CA MET B 16 16.92 -17.41 -46.87
C MET B 16 17.02 -16.63 -48.19
N PRO B 17 16.35 -17.12 -49.26
CA PRO B 17 16.39 -16.42 -50.55
C PRO B 17 15.95 -14.98 -50.37
N SER B 18 16.64 -14.05 -51.03
CA SER B 18 16.33 -12.63 -50.90
C SER B 18 15.09 -12.26 -51.75
N ILE B 19 14.68 -13.16 -52.63
CA ILE B 19 13.50 -12.94 -53.48
C ILE B 19 12.66 -14.19 -53.34
N GLY B 20 11.38 -14.04 -52.99
CA GLY B 20 10.50 -15.19 -52.83
C GLY B 20 9.16 -14.93 -53.52
N PHE B 21 8.24 -15.89 -53.41
CA PHE B 21 6.91 -15.78 -54.03
C PHE B 21 5.80 -15.57 -52.99
N GLY B 22 5.11 -14.44 -53.07
CA GLY B 22 4.02 -14.14 -52.13
C GLY B 22 2.78 -14.98 -52.42
N CYS B 23 2.11 -15.44 -51.38
CA CYS B 23 0.94 -16.29 -51.58
C CYS B 23 -0.38 -15.71 -51.11
N TRP B 24 -0.38 -14.46 -50.65
CA TRP B 24 -1.62 -13.87 -50.18
C TRP B 24 -2.54 -13.56 -51.36
N LYS B 25 -3.77 -14.04 -51.27
CA LYS B 25 -4.79 -13.83 -52.31
C LYS B 25 -4.49 -14.61 -53.58
N LEU B 26 -3.88 -15.78 -53.38
CA LEU B 26 -3.58 -16.70 -54.46
C LEU B 26 -4.81 -17.62 -54.36
N ALA B 27 -5.72 -17.50 -55.32
CA ALA B 27 -6.94 -18.32 -55.34
C ALA B 27 -6.67 -19.82 -55.20
N ASN B 28 -7.37 -20.47 -54.27
CA ASN B 28 -7.21 -21.89 -54.03
C ASN B 28 -7.25 -22.75 -55.29
N ALA B 29 -8.08 -22.35 -56.25
CA ALA B 29 -8.25 -23.11 -57.48
C ALA B 29 -7.01 -23.16 -58.37
N THR B 30 -6.26 -22.05 -58.42
CA THR B 30 -5.06 -21.99 -59.25
C THR B 30 -3.74 -21.86 -58.48
N ALA B 31 -3.80 -21.80 -57.14
CA ALA B 31 -2.59 -21.66 -56.34
C ALA B 31 -1.57 -22.77 -56.54
N GLY B 32 -2.05 -24.02 -56.51
CA GLY B 32 -1.15 -25.14 -56.68
C GLY B 32 -0.34 -25.03 -57.95
N GLU B 33 -1.05 -24.76 -59.04
CA GLU B 33 -0.45 -24.62 -60.36
C GLU B 33 0.49 -23.42 -60.43
N GLN B 34 0.11 -22.30 -59.82
CA GLN B 34 0.96 -21.12 -59.88
C GLN B 34 2.21 -21.31 -59.02
N VAL B 35 2.10 -22.04 -57.91
CA VAL B 35 3.26 -22.28 -57.05
C VAL B 35 4.25 -23.14 -57.85
N TYR B 36 3.72 -24.17 -58.50
CA TYR B 36 4.51 -25.05 -59.33
C TYR B 36 5.20 -24.27 -60.45
N GLN B 37 4.47 -23.38 -61.12
CA GLN B 37 5.08 -22.58 -62.20
C GLN B 37 6.15 -21.67 -61.64
N ALA B 38 5.92 -21.17 -60.43
CA ALA B 38 6.88 -20.29 -59.79
C ALA B 38 8.19 -21.08 -59.53
N ILE B 39 8.07 -22.32 -59.07
CA ILE B 39 9.24 -23.14 -58.81
C ILE B 39 9.99 -23.37 -60.14
N LYS B 40 9.23 -23.60 -61.22
CA LYS B 40 9.88 -23.81 -62.50
C LYS B 40 10.60 -22.53 -62.91
N ALA B 41 10.02 -21.38 -62.53
CA ALA B 41 10.63 -20.10 -62.89
C ALA B 41 11.82 -19.75 -61.98
N GLY B 42 12.22 -20.67 -61.11
CA GLY B 42 13.35 -20.39 -60.24
C GLY B 42 13.06 -19.90 -58.82
N TYR B 43 11.80 -19.70 -58.45
CA TYR B 43 11.50 -19.27 -57.08
C TYR B 43 11.73 -20.45 -56.13
N ARG B 44 12.30 -20.19 -54.96
CA ARG B 44 12.54 -21.24 -53.97
C ARG B 44 11.86 -20.94 -52.62
N LEU B 45 11.69 -19.67 -52.30
CA LEU B 45 11.01 -19.32 -51.07
C LEU B 45 9.53 -19.00 -51.37
N PHE B 46 8.64 -19.49 -50.51
CA PHE B 46 7.22 -19.25 -50.66
C PHE B 46 6.71 -18.67 -49.36
N ASP B 47 6.16 -17.45 -49.43
CA ASP B 47 5.66 -16.79 -48.24
C ASP B 47 4.17 -17.02 -48.07
N GLY B 48 3.83 -17.90 -47.14
CA GLY B 48 2.45 -18.22 -46.90
C GLY B 48 2.01 -17.88 -45.48
N ALA B 49 0.83 -18.36 -45.12
CA ALA B 49 0.28 -18.11 -43.79
C ALA B 49 -1.01 -18.89 -43.62
N GLU B 50 -1.29 -19.27 -42.38
CA GLU B 50 -2.50 -19.99 -42.06
C GLU B 50 -3.72 -19.15 -42.51
N ASP B 51 -3.65 -17.84 -42.31
CA ASP B 51 -4.74 -16.96 -42.67
C ASP B 51 -5.03 -16.87 -44.17
N TYR B 52 -4.07 -17.24 -45.02
CA TYR B 52 -4.27 -17.16 -46.46
C TYR B 52 -5.24 -18.23 -46.95
N GLY B 53 -5.42 -19.28 -46.15
CA GLY B 53 -6.31 -20.38 -46.46
C GLY B 53 -5.97 -21.25 -47.65
N ASN B 54 -4.75 -21.17 -48.15
CA ASN B 54 -4.38 -21.95 -49.31
C ASN B 54 -3.08 -22.74 -49.10
N GLU B 55 -2.73 -23.01 -47.85
CA GLU B 55 -1.49 -23.74 -47.56
C GLU B 55 -1.48 -25.17 -48.16
N LYS B 56 -2.65 -25.82 -48.21
CA LYS B 56 -2.74 -27.16 -48.78
C LYS B 56 -2.37 -27.08 -50.26
N GLU B 57 -2.84 -26.04 -50.94
CA GLU B 57 -2.53 -25.88 -52.36
C GLU B 57 -1.05 -25.52 -52.56
N VAL B 58 -0.52 -24.67 -51.69
CA VAL B 58 0.89 -24.31 -51.75
C VAL B 58 1.66 -25.62 -51.60
N GLY B 59 1.24 -26.44 -50.65
CA GLY B 59 1.88 -27.72 -50.43
C GLY B 59 1.80 -28.60 -51.67
N ASP B 60 0.64 -28.61 -52.34
CA ASP B 60 0.44 -29.43 -53.54
C ASP B 60 1.44 -29.03 -54.63
N GLY B 61 1.61 -27.72 -54.80
CA GLY B 61 2.52 -27.21 -55.80
C GLY B 61 3.96 -27.63 -55.53
N VAL B 62 4.37 -27.53 -54.27
CA VAL B 62 5.73 -27.91 -53.89
C VAL B 62 5.93 -29.42 -54.02
N LYS B 63 4.95 -30.19 -53.58
CA LYS B 63 5.03 -31.65 -53.64
C LYS B 63 5.11 -32.13 -55.08
N ARG B 64 4.43 -31.42 -55.99
CA ARG B 64 4.48 -31.81 -57.38
C ARG B 64 5.88 -31.60 -57.91
N ALA B 65 6.47 -30.44 -57.63
CA ALA B 65 7.82 -30.14 -58.09
C ALA B 65 8.82 -31.16 -57.53
N ILE B 66 8.62 -31.57 -56.28
CA ILE B 66 9.51 -32.54 -55.66
C ILE B 66 9.30 -33.93 -56.28
N ASP B 67 8.04 -34.30 -56.49
CA ASP B 67 7.77 -35.59 -57.08
C ASP B 67 8.30 -35.69 -58.51
N GLU B 68 8.41 -34.56 -59.20
CA GLU B 68 8.92 -34.57 -60.57
C GLU B 68 10.45 -34.54 -60.60
N GLY B 69 11.06 -34.29 -59.44
CA GLY B 69 12.51 -34.25 -59.39
C GLY B 69 13.11 -32.90 -59.73
N LEU B 70 12.28 -31.86 -59.79
CA LEU B 70 12.77 -30.52 -60.09
C LEU B 70 13.54 -29.97 -58.88
N VAL B 71 13.08 -30.31 -57.68
CA VAL B 71 13.71 -29.85 -56.45
C VAL B 71 13.52 -30.86 -55.34
N LYS B 72 14.35 -30.73 -54.30
CA LYS B 72 14.25 -31.58 -53.12
C LYS B 72 13.68 -30.67 -52.03
N ARG B 73 13.06 -31.24 -51.03
CA ARG B 73 12.49 -30.47 -49.92
C ARG B 73 13.45 -29.45 -49.35
N GLU B 74 14.70 -29.87 -49.14
CA GLU B 74 15.72 -29.01 -48.57
C GLU B 74 16.08 -27.80 -49.44
N GLU B 75 15.63 -27.79 -50.69
CA GLU B 75 15.93 -26.68 -51.58
C GLU B 75 14.81 -25.63 -51.57
N ILE B 76 13.74 -25.94 -50.86
CA ILE B 76 12.60 -25.03 -50.78
C ILE B 76 12.54 -24.42 -49.39
N PHE B 77 12.37 -23.11 -49.33
CA PHE B 77 12.26 -22.39 -48.06
C PHE B 77 10.76 -22.07 -47.91
N LEU B 78 10.12 -22.70 -46.93
CA LEU B 78 8.71 -22.47 -46.68
C LEU B 78 8.47 -21.57 -45.46
N THR B 79 7.83 -20.43 -45.69
CA THR B 79 7.49 -19.50 -44.61
C THR B 79 5.99 -19.59 -44.33
N SER B 80 5.62 -19.64 -43.06
CA SER B 80 4.21 -19.62 -42.69
C SER B 80 4.06 -18.69 -41.50
N LYS B 81 2.84 -18.44 -41.09
CA LYS B 81 2.60 -17.51 -39.99
C LYS B 81 1.54 -18.01 -39.04
N LEU B 82 1.82 -17.85 -37.75
CA LEU B 82 0.91 -18.23 -36.68
C LEU B 82 -0.19 -17.16 -36.63
N TRP B 83 -1.46 -17.53 -36.88
CA TRP B 83 -2.54 -16.55 -36.86
C TRP B 83 -2.95 -16.09 -35.45
N ASN B 84 -3.57 -14.91 -35.38
CA ASN B 84 -3.99 -14.29 -34.12
C ASN B 84 -4.75 -15.15 -33.09
N ASN B 85 -5.60 -16.09 -33.51
CA ASN B 85 -6.34 -16.89 -32.53
C ASN B 85 -5.48 -17.95 -31.84
N TYR B 86 -4.23 -18.13 -32.26
CA TYR B 86 -3.40 -19.18 -31.68
C TYR B 86 -2.16 -18.79 -30.88
N HIS B 87 -2.20 -17.64 -30.19
CA HIS B 87 -1.06 -17.19 -29.39
C HIS B 87 -0.90 -17.90 -28.06
N ASP B 88 -1.98 -18.38 -27.48
CA ASP B 88 -1.90 -19.09 -26.20
C ASP B 88 -0.98 -20.29 -26.44
N PRO B 89 0.08 -20.43 -25.64
CA PRO B 89 1.06 -21.53 -25.76
C PRO B 89 0.47 -22.90 -26.01
N LYS B 90 -0.64 -23.21 -25.34
CA LYS B 90 -1.25 -24.53 -25.51
C LYS B 90 -1.85 -24.74 -26.90
N ASN B 91 -1.98 -23.67 -27.69
CA ASN B 91 -2.56 -23.80 -29.02
C ASN B 91 -1.52 -23.58 -30.12
N VAL B 92 -0.33 -23.08 -29.76
CA VAL B 92 0.67 -22.81 -30.78
C VAL B 92 1.05 -24.03 -31.61
N GLU B 93 1.37 -25.14 -30.96
CA GLU B 93 1.78 -26.34 -31.69
C GLU B 93 0.65 -26.92 -32.53
N THR B 94 -0.58 -26.81 -32.04
CA THR B 94 -1.73 -27.30 -32.80
C THR B 94 -1.81 -26.55 -34.12
N ALA B 95 -1.65 -25.23 -34.08
CA ALA B 95 -1.73 -24.41 -35.29
C ALA B 95 -0.57 -24.75 -36.23
N LEU B 96 0.61 -24.98 -35.67
CA LEU B 96 1.76 -25.34 -36.48
C LEU B 96 1.50 -26.70 -37.10
N ASN B 97 0.90 -27.61 -36.35
CA ASN B 97 0.62 -28.95 -36.87
C ASN B 97 -0.31 -28.90 -38.07
N LYS B 98 -1.31 -28.02 -37.99
CA LYS B 98 -2.24 -27.87 -39.09
C LYS B 98 -1.43 -27.39 -40.32
N THR B 99 -0.55 -26.40 -40.11
CA THR B 99 0.27 -25.86 -41.20
C THR B 99 1.14 -26.96 -41.81
N LEU B 100 1.80 -27.75 -40.96
CA LEU B 100 2.66 -28.82 -41.43
C LEU B 100 1.86 -29.87 -42.22
N ALA B 101 0.69 -30.24 -41.70
CA ALA B 101 -0.15 -31.20 -42.39
C ALA B 101 -0.57 -30.65 -43.77
N ASP B 102 -1.07 -29.41 -43.80
CA ASP B 102 -1.46 -28.81 -45.08
C ASP B 102 -0.31 -28.69 -46.07
N LEU B 103 0.86 -28.28 -45.60
CA LEU B 103 2.02 -28.12 -46.47
C LEU B 103 2.64 -29.46 -46.83
N LYS B 104 2.24 -30.49 -46.10
CA LYS B 104 2.75 -31.84 -46.32
C LYS B 104 4.25 -31.91 -46.13
N VAL B 105 4.70 -31.35 -45.02
CA VAL B 105 6.12 -31.34 -44.68
C VAL B 105 6.30 -31.59 -43.19
N ASP B 106 7.53 -31.85 -42.78
CA ASP B 106 7.83 -32.14 -41.37
C ASP B 106 8.25 -30.89 -40.60
N TYR B 107 8.61 -29.83 -41.32
CA TYR B 107 9.05 -28.59 -40.69
C TYR B 107 8.87 -27.41 -41.65
N VAL B 108 8.70 -26.22 -41.08
CA VAL B 108 8.63 -25.01 -41.87
C VAL B 108 9.98 -24.35 -41.65
N ASP B 109 10.50 -23.70 -42.69
CA ASP B 109 11.78 -23.04 -42.60
C ASP B 109 11.72 -21.78 -41.74
N LEU B 110 10.60 -21.06 -41.83
CA LEU B 110 10.39 -19.83 -41.08
C LEU B 110 8.93 -19.75 -40.63
N PHE B 111 8.72 -19.52 -39.33
CA PHE B 111 7.38 -19.39 -38.78
C PHE B 111 7.35 -18.04 -38.05
N LEU B 112 6.42 -17.17 -38.44
CA LEU B 112 6.30 -15.83 -37.87
C LEU B 112 5.04 -15.60 -37.06
N ILE B 113 5.14 -14.71 -36.07
CA ILE B 113 3.95 -14.34 -35.32
C ILE B 113 3.34 -13.36 -36.34
N HIS B 114 2.19 -13.72 -36.92
CA HIS B 114 1.55 -12.90 -37.94
C HIS B 114 1.29 -11.47 -37.48
N PHE B 115 0.74 -11.32 -36.28
CA PHE B 115 0.44 -9.99 -35.72
C PHE B 115 0.62 -10.02 -34.21
N PRO B 116 1.08 -8.92 -33.59
CA PRO B 116 1.21 -8.94 -32.13
C PRO B 116 -0.20 -8.67 -31.58
N ILE B 117 -1.11 -9.58 -31.94
CA ILE B 117 -2.51 -9.51 -31.56
C ILE B 117 -2.97 -10.92 -31.18
N ALA B 118 -3.61 -11.06 -30.02
CA ALA B 118 -4.07 -12.37 -29.57
C ALA B 118 -5.59 -12.47 -29.53
N PHE B 119 -6.19 -13.03 -30.58
CA PHE B 119 -7.65 -13.21 -30.63
C PHE B 119 -7.99 -14.44 -29.78
N LYS B 120 -9.21 -14.47 -29.24
CA LYS B 120 -9.66 -15.61 -28.46
C LYS B 120 -9.55 -16.86 -29.36
N PHE B 121 -9.11 -17.96 -28.76
CA PHE B 121 -8.93 -19.21 -29.49
C PHE B 121 -10.24 -19.75 -30.08
N VAL B 122 -10.17 -20.20 -31.33
CA VAL B 122 -11.32 -20.78 -31.99
C VAL B 122 -10.85 -22.14 -32.46
N PRO B 123 -11.52 -23.22 -32.02
CA PRO B 123 -11.15 -24.58 -32.42
C PRO B 123 -11.05 -24.69 -33.95
N ILE B 124 -10.04 -25.40 -34.43
CA ILE B 124 -9.85 -25.54 -35.87
C ILE B 124 -11.02 -26.17 -36.61
N GLU B 125 -11.71 -27.12 -35.98
CA GLU B 125 -12.85 -27.77 -36.62
C GLU B 125 -14.10 -26.88 -36.61
N GLU B 126 -14.03 -25.76 -35.91
CA GLU B 126 -15.14 -24.82 -35.81
C GLU B 126 -15.08 -23.86 -36.99
N LYS B 127 -13.88 -23.42 -37.35
CA LYS B 127 -13.70 -22.52 -38.48
C LYS B 127 -12.21 -22.37 -38.74
N TYR B 128 -11.81 -22.56 -39.99
CA TYR B 128 -10.42 -22.43 -40.35
C TYR B 128 -10.29 -22.10 -41.81
N PRO B 129 -9.53 -21.06 -42.16
CA PRO B 129 -8.84 -20.18 -41.20
C PRO B 129 -9.90 -19.31 -40.53
N PRO B 130 -9.70 -18.93 -39.26
CA PRO B 130 -10.74 -18.10 -38.64
C PRO B 130 -10.87 -16.64 -39.03
N GLY B 131 -9.82 -16.05 -39.60
CA GLY B 131 -9.90 -14.64 -39.94
C GLY B 131 -10.18 -13.83 -38.68
N PHE B 132 -11.14 -12.90 -38.77
CA PHE B 132 -11.49 -12.05 -37.64
C PHE B 132 -12.51 -12.68 -36.69
N TYR B 133 -12.93 -13.90 -36.97
CA TYR B 133 -13.87 -14.56 -36.09
C TYR B 133 -13.20 -14.90 -34.76
N CYS B 134 -13.86 -14.57 -33.66
CA CYS B 134 -13.33 -14.82 -32.33
C CYS B 134 -14.27 -15.61 -31.44
N GLY B 135 -15.15 -16.39 -32.06
CA GLY B 135 -16.06 -17.21 -31.29
C GLY B 135 -17.35 -16.58 -30.81
N ASP B 136 -17.66 -15.37 -31.27
CA ASP B 136 -18.88 -14.71 -30.85
C ASP B 136 -19.42 -13.79 -31.93
N GLY B 137 -20.04 -14.37 -32.94
CA GLY B 137 -20.58 -13.56 -34.02
C GLY B 137 -19.48 -12.75 -34.67
N ASN B 138 -19.75 -11.48 -34.94
CA ASN B 138 -18.75 -10.62 -35.56
C ASN B 138 -17.95 -9.82 -34.55
N ASN B 139 -18.09 -10.13 -33.26
CA ASN B 139 -17.36 -9.39 -32.23
C ASN B 139 -15.91 -9.83 -32.06
N PHE B 140 -15.05 -8.88 -31.79
CA PHE B 140 -13.65 -9.20 -31.56
C PHE B 140 -13.49 -9.55 -30.08
N VAL B 141 -12.88 -10.68 -29.79
CA VAL B 141 -12.64 -11.08 -28.42
C VAL B 141 -11.14 -11.42 -28.39
N TYR B 142 -10.45 -11.00 -27.32
CA TYR B 142 -9.01 -11.19 -27.17
C TYR B 142 -8.62 -12.05 -25.98
N GLU B 143 -7.36 -12.50 -25.95
CA GLU B 143 -6.84 -13.31 -24.84
C GLU B 143 -5.65 -12.62 -24.25
N ASP B 144 -5.49 -12.71 -22.93
CA ASP B 144 -4.35 -12.06 -22.29
C ASP B 144 -3.11 -12.92 -22.38
N VAL B 145 -2.49 -12.94 -23.56
CA VAL B 145 -1.29 -13.74 -23.75
C VAL B 145 -0.16 -12.82 -24.20
N PRO B 146 0.80 -12.53 -23.30
CA PRO B 146 1.89 -11.65 -23.72
C PRO B 146 2.66 -12.28 -24.88
N ILE B 147 3.25 -11.43 -25.70
CA ILE B 147 4.04 -11.87 -26.82
C ILE B 147 5.09 -12.92 -26.42
N LEU B 148 5.82 -12.63 -25.33
CA LEU B 148 6.87 -13.54 -24.89
C LEU B 148 6.38 -14.97 -24.60
N GLU B 149 5.16 -15.11 -24.11
CA GLU B 149 4.63 -16.45 -23.83
C GLU B 149 4.52 -17.22 -25.15
N THR B 150 4.03 -16.55 -26.17
CA THR B 150 3.91 -17.17 -27.48
C THR B 150 5.28 -17.48 -28.04
N TRP B 151 6.21 -16.54 -27.87
CA TRP B 151 7.57 -16.74 -28.38
C TRP B 151 8.26 -17.97 -27.76
N LYS B 152 8.11 -18.15 -26.45
CA LYS B 152 8.71 -19.32 -25.78
C LYS B 152 8.10 -20.61 -26.33
N ALA B 153 6.81 -20.58 -26.68
CA ALA B 153 6.21 -21.79 -27.21
C ALA B 153 6.85 -22.06 -28.58
N LEU B 154 7.16 -20.99 -29.32
CA LEU B 154 7.77 -21.13 -30.63
C LEU B 154 9.22 -21.63 -30.48
N GLU B 155 9.93 -21.11 -29.48
CA GLU B 155 11.32 -21.54 -29.26
C GLU B 155 11.35 -23.06 -29.02
N LYS B 156 10.37 -23.57 -28.27
CA LYS B 156 10.32 -25.01 -28.01
C LYS B 156 10.11 -25.77 -29.31
N LEU B 157 9.27 -25.24 -30.20
CA LEU B 157 9.01 -25.92 -31.46
C LEU B 157 10.28 -25.93 -32.32
N VAL B 158 11.13 -24.93 -32.16
CA VAL B 158 12.39 -24.92 -32.90
C VAL B 158 13.25 -26.06 -32.33
N ALA B 159 13.29 -26.17 -31.00
CA ALA B 159 14.07 -27.22 -30.37
C ALA B 159 13.58 -28.61 -30.77
N ALA B 160 12.28 -28.76 -31.01
CA ALA B 160 11.72 -30.05 -31.39
C ALA B 160 11.93 -30.36 -32.87
N GLY B 161 12.58 -29.45 -33.59
CA GLY B 161 12.85 -29.66 -35.01
C GLY B 161 11.70 -29.35 -35.97
N LYS B 162 10.58 -28.83 -35.47
CA LYS B 162 9.45 -28.53 -36.36
C LYS B 162 9.54 -27.20 -37.07
N ILE B 163 10.41 -26.32 -36.58
CA ILE B 163 10.65 -25.00 -37.16
C ILE B 163 12.15 -24.72 -37.16
N LYS B 164 12.70 -24.22 -38.27
CA LYS B 164 14.14 -23.91 -38.36
C LYS B 164 14.45 -22.52 -37.82
N SER B 165 13.73 -21.52 -38.33
CA SER B 165 13.93 -20.14 -37.92
C SER B 165 12.59 -19.56 -37.52
N ILE B 166 12.60 -18.68 -36.53
CA ILE B 166 11.34 -18.06 -36.10
C ILE B 166 11.54 -16.55 -36.16
N GLY B 167 10.45 -15.82 -36.32
CA GLY B 167 10.53 -14.38 -36.41
C GLY B 167 9.16 -13.75 -36.17
N VAL B 168 9.05 -12.47 -36.46
CA VAL B 168 7.79 -11.75 -36.26
C VAL B 168 7.42 -10.86 -37.45
N SER B 169 6.15 -10.52 -37.50
CA SER B 169 5.60 -9.68 -38.55
C SER B 169 4.73 -8.60 -37.91
N ASN B 170 4.73 -7.41 -38.50
CA ASN B 170 3.91 -6.32 -38.00
C ASN B 170 4.24 -5.86 -36.58
N PHE B 171 5.53 -5.89 -36.24
CA PHE B 171 6.00 -5.44 -34.94
C PHE B 171 6.65 -4.07 -35.06
N PRO B 172 6.23 -3.10 -34.23
CA PRO B 172 6.86 -1.77 -34.31
C PRO B 172 8.16 -1.85 -33.48
N GLY B 173 8.99 -0.81 -33.54
CA GLY B 173 10.24 -0.83 -32.82
C GLY B 173 10.25 -1.18 -31.34
N ALA B 174 9.47 -0.47 -30.53
CA ALA B 174 9.46 -0.73 -29.10
C ALA B 174 9.11 -2.18 -28.76
N LEU B 175 8.19 -2.77 -29.52
CA LEU B 175 7.77 -4.14 -29.30
C LEU B 175 8.86 -5.14 -29.65
N LEU B 176 9.56 -4.89 -30.77
CA LEU B 176 10.65 -5.75 -31.21
C LEU B 176 11.78 -5.63 -30.21
N LEU B 177 12.07 -4.39 -29.78
CA LEU B 177 13.11 -4.14 -28.78
C LEU B 177 12.81 -4.97 -27.52
N ASP B 178 11.58 -4.91 -27.01
CA ASP B 178 11.23 -5.68 -25.82
C ASP B 178 11.34 -7.20 -26.01
N LEU B 179 10.91 -7.70 -27.17
CA LEU B 179 11.00 -9.13 -27.44
C LEU B 179 12.46 -9.53 -27.41
N LEU B 180 13.31 -8.73 -28.03
CA LEU B 180 14.74 -9.01 -28.07
C LEU B 180 15.30 -9.16 -26.64
N ARG B 181 14.70 -8.47 -25.68
CA ARG B 181 15.14 -8.56 -24.29
C ARG B 181 14.81 -9.88 -23.64
N GLY B 182 13.65 -10.46 -23.98
CA GLY B 182 13.26 -11.71 -23.35
C GLY B 182 13.50 -12.97 -24.15
N ALA B 183 13.87 -12.82 -25.42
CA ALA B 183 14.09 -13.97 -26.28
C ALA B 183 15.39 -14.72 -26.06
N THR B 184 15.32 -16.05 -26.14
CA THR B 184 16.53 -16.86 -26.01
C THR B 184 16.99 -17.06 -27.47
N ILE B 185 16.03 -17.36 -28.36
CA ILE B 185 16.33 -17.46 -29.80
C ILE B 185 15.85 -16.11 -30.31
N LYS B 186 16.78 -15.27 -30.75
CA LYS B 186 16.38 -13.96 -31.24
C LYS B 186 15.53 -14.07 -32.50
N PRO B 187 14.50 -13.21 -32.63
CA PRO B 187 13.68 -13.29 -33.83
C PRO B 187 14.60 -13.04 -35.03
N ALA B 188 14.62 -13.96 -35.99
CA ALA B 188 15.49 -13.84 -37.15
C ALA B 188 15.00 -12.90 -38.25
N VAL B 189 13.69 -12.68 -38.31
CA VAL B 189 13.09 -11.85 -39.35
C VAL B 189 12.00 -10.93 -38.82
N LEU B 190 11.98 -9.71 -39.35
CA LEU B 190 10.92 -8.75 -39.05
C LEU B 190 10.26 -8.56 -40.43
N GLN B 191 9.01 -8.98 -40.59
CA GLN B 191 8.33 -8.81 -41.87
C GLN B 191 7.33 -7.68 -41.71
N VAL B 192 7.51 -6.60 -42.46
CA VAL B 192 6.61 -5.46 -42.34
C VAL B 192 6.24 -4.84 -43.67
N GLU B 193 5.15 -4.08 -43.67
CA GLU B 193 4.70 -3.38 -44.87
C GLU B 193 5.83 -2.40 -45.20
N HIS B 194 6.29 -2.42 -46.44
CA HIS B 194 7.42 -1.57 -46.83
C HIS B 194 7.36 -1.19 -48.30
N HIS B 195 7.16 0.09 -48.56
CA HIS B 195 7.09 0.59 -49.93
C HIS B 195 7.39 2.08 -49.83
N PRO B 196 7.65 2.74 -50.97
CA PRO B 196 7.95 4.19 -50.89
C PRO B 196 6.97 5.09 -50.13
N TYR B 197 5.72 4.68 -49.93
CA TYR B 197 4.79 5.55 -49.15
C TYR B 197 4.90 5.30 -47.64
N LEU B 198 5.55 4.19 -47.25
CA LEU B 198 5.73 3.83 -45.85
C LEU B 198 7.12 3.21 -45.73
N GLN B 199 8.13 4.09 -45.62
CA GLN B 199 9.53 3.66 -45.58
C GLN B 199 10.10 3.32 -44.21
N GLN B 200 9.53 3.90 -43.15
CA GLN B 200 9.94 3.69 -41.78
C GLN B 200 11.46 3.44 -41.71
N PRO B 201 12.26 4.38 -42.21
CA PRO B 201 13.71 4.20 -42.19
C PRO B 201 14.33 3.90 -40.82
N LYS B 202 13.78 4.49 -39.75
CA LYS B 202 14.36 4.24 -38.43
C LYS B 202 14.14 2.81 -37.95
N LEU B 203 12.98 2.24 -38.28
CA LEU B 203 12.69 0.85 -37.90
C LEU B 203 13.64 -0.08 -38.64
N ILE B 204 13.81 0.17 -39.94
CA ILE B 204 14.67 -0.64 -40.79
C ILE B 204 16.11 -0.59 -40.24
N GLU B 205 16.56 0.61 -39.91
CA GLU B 205 17.91 0.81 -39.40
C GLU B 205 18.13 0.09 -38.06
N PHE B 206 17.21 0.28 -37.13
CA PHE B 206 17.32 -0.39 -35.86
C PHE B 206 17.35 -1.91 -36.02
N ALA B 207 16.38 -2.45 -36.77
CA ALA B 207 16.31 -3.90 -36.96
C ALA B 207 17.54 -4.46 -37.63
N GLN B 208 18.03 -3.80 -38.68
CA GLN B 208 19.21 -4.31 -39.36
C GLN B 208 20.46 -4.22 -38.48
N LYS B 209 20.56 -3.15 -37.68
CA LYS B 209 21.70 -3.01 -36.80
C LYS B 209 21.63 -4.08 -35.71
N ALA B 210 20.41 -4.52 -35.38
CA ALA B 210 20.26 -5.54 -34.35
C ALA B 210 20.40 -6.95 -34.92
N GLY B 211 20.75 -7.06 -36.20
CA GLY B 211 20.90 -8.38 -36.79
C GLY B 211 19.60 -9.06 -37.23
N VAL B 212 18.49 -8.33 -37.25
CA VAL B 212 17.23 -8.94 -37.68
C VAL B 212 17.07 -8.65 -39.18
N THR B 213 16.76 -9.68 -39.97
CA THR B 213 16.59 -9.53 -41.41
C THR B 213 15.19 -8.97 -41.72
N ILE B 214 15.13 -7.98 -42.60
CA ILE B 214 13.84 -7.40 -42.96
C ILE B 214 13.26 -8.06 -44.21
N THR B 215 12.00 -8.48 -44.13
CA THR B 215 11.33 -8.98 -45.33
C THR B 215 10.25 -7.92 -45.56
N ALA B 216 10.24 -7.33 -46.75
CA ALA B 216 9.24 -6.33 -47.09
C ALA B 216 8.00 -7.02 -47.64
N TYR B 217 6.81 -6.52 -47.31
CA TYR B 217 5.57 -7.05 -47.91
C TYR B 217 4.81 -5.85 -48.49
N SER B 218 4.02 -6.10 -49.55
CA SER B 218 3.28 -5.04 -50.26
C SER B 218 4.30 -4.04 -50.85
N SER B 219 5.32 -4.56 -51.53
CA SER B 219 6.33 -3.68 -52.12
C SER B 219 5.74 -2.79 -53.19
N PHE B 220 4.58 -3.17 -53.71
CA PHE B 220 3.93 -2.35 -54.73
C PHE B 220 2.88 -1.41 -54.12
N GLY B 221 2.97 -1.24 -52.81
CA GLY B 221 2.09 -0.32 -52.11
C GLY B 221 0.60 -0.58 -52.15
N PRO B 222 -0.21 0.37 -52.63
CA PRO B 222 -1.67 0.17 -52.67
C PRO B 222 -2.19 -0.93 -53.61
N GLN B 223 -1.42 -1.25 -54.64
CA GLN B 223 -1.83 -2.24 -55.62
C GLN B 223 -2.57 -3.46 -55.10
N SER B 224 -1.94 -4.17 -54.17
CA SER B 224 -2.48 -5.38 -53.61
C SER B 224 -3.83 -5.23 -52.91
N PHE B 225 -4.08 -4.03 -52.40
CA PHE B 225 -5.31 -3.77 -51.67
C PHE B 225 -6.51 -3.28 -52.50
N VAL B 226 -6.31 -2.80 -53.73
CA VAL B 226 -7.45 -2.30 -54.49
C VAL B 226 -8.42 -3.40 -54.86
N GLU B 227 -7.92 -4.61 -55.10
CA GLU B 227 -8.82 -5.71 -55.45
C GLU B 227 -9.65 -6.11 -54.24
N MET B 228 -9.26 -5.66 -53.05
CA MET B 228 -10.01 -5.99 -51.85
C MET B 228 -11.01 -4.88 -51.62
N ASN B 229 -11.02 -3.94 -52.56
CA ASN B 229 -11.93 -2.81 -52.51
C ASN B 229 -11.66 -1.93 -51.29
N GLN B 230 -10.39 -1.83 -50.90
CA GLN B 230 -10.05 -0.96 -49.78
C GLN B 230 -10.07 0.48 -50.26
N GLY B 231 -10.79 1.33 -49.54
CA GLY B 231 -10.88 2.74 -49.91
C GLY B 231 -9.57 3.51 -49.82
N ARG B 232 -8.80 3.30 -48.76
CA ARG B 232 -7.55 4.02 -48.62
C ARG B 232 -6.69 3.77 -49.85
N ALA B 233 -6.55 2.50 -50.22
CA ALA B 233 -5.74 2.12 -51.38
C ALA B 233 -6.29 2.66 -52.72
N LEU B 234 -7.62 2.60 -52.90
CA LEU B 234 -8.25 3.10 -54.13
C LEU B 234 -8.01 4.59 -54.29
N ASN B 235 -7.98 5.31 -53.17
CA ASN B 235 -7.75 6.76 -53.18
C ASN B 235 -6.29 7.16 -53.33
N THR B 236 -5.40 6.19 -53.30
CA THR B 236 -3.96 6.48 -53.39
C THR B 236 -3.39 6.35 -54.78
N PRO B 237 -2.70 7.39 -55.27
CA PRO B 237 -2.10 7.33 -56.61
C PRO B 237 -1.10 6.16 -56.62
N THR B 238 -1.11 5.35 -57.67
CA THR B 238 -0.20 4.22 -57.74
C THR B 238 1.28 4.59 -57.84
N LEU B 239 2.12 3.68 -57.37
CA LEU B 239 3.55 3.87 -57.44
C LEU B 239 3.95 3.63 -58.89
N PHE B 240 3.20 2.75 -59.57
CA PHE B 240 3.45 2.43 -60.97
C PHE B 240 3.32 3.62 -61.90
N ALA B 241 2.42 4.55 -61.57
CA ALA B 241 2.21 5.73 -62.42
C ALA B 241 2.81 7.00 -61.82
N HIS B 242 3.58 6.85 -60.73
CA HIS B 242 4.20 7.97 -60.05
C HIS B 242 5.39 8.50 -60.87
N ASP B 243 5.42 9.81 -61.11
CA ASP B 243 6.51 10.41 -61.89
C ASP B 243 7.92 10.10 -61.39
N THR B 244 8.12 10.03 -60.07
CA THR B 244 9.45 9.72 -59.56
C THR B 244 9.90 8.33 -59.97
N ILE B 245 9.05 7.34 -59.71
CA ILE B 245 9.35 5.98 -60.05
C ILE B 245 9.52 5.78 -61.57
N LYS B 246 8.62 6.39 -62.36
CA LYS B 246 8.69 6.30 -63.81
C LYS B 246 9.97 6.93 -64.37
N ALA B 247 10.36 8.09 -63.85
CA ALA B 247 11.57 8.74 -64.35
C ALA B 247 12.80 7.86 -64.07
N ILE B 248 12.84 7.20 -62.93
CA ILE B 248 13.98 6.36 -62.60
C ILE B 248 13.98 5.10 -63.49
N ALA B 249 12.79 4.53 -63.69
CA ALA B 249 12.67 3.35 -64.54
C ALA B 249 13.15 3.67 -65.96
N ALA B 250 12.73 4.82 -66.49
CA ALA B 250 13.09 5.21 -67.85
C ALA B 250 14.61 5.39 -67.97
N LYS B 251 15.19 6.10 -67.01
CA LYS B 251 16.62 6.34 -66.96
C LYS B 251 17.44 5.04 -67.14
N TYR B 252 17.02 3.95 -66.50
CA TYR B 252 17.76 2.69 -66.62
C TYR B 252 17.13 1.73 -67.63
N ASN B 253 16.00 2.12 -68.19
CA ASN B 253 15.30 1.29 -69.14
C ASN B 253 14.79 0.03 -68.44
N LYS B 254 14.25 0.23 -67.24
CA LYS B 254 13.70 -0.85 -66.44
C LYS B 254 12.23 -0.52 -66.21
N THR B 255 11.47 -1.46 -65.67
CA THR B 255 10.05 -1.20 -65.43
C THR B 255 9.90 -0.59 -64.03
N PRO B 256 8.82 0.19 -63.82
CA PRO B 256 8.63 0.79 -62.49
C PRO B 256 8.57 -0.29 -61.41
N ALA B 257 8.08 -1.49 -61.75
CA ALA B 257 7.99 -2.60 -60.80
C ALA B 257 9.41 -3.04 -60.38
N GLU B 258 10.31 -3.10 -61.36
CA GLU B 258 11.69 -3.48 -61.11
C GLU B 258 12.39 -2.47 -60.20
N VAL B 259 12.12 -1.19 -60.42
CA VAL B 259 12.71 -0.17 -59.57
C VAL B 259 12.16 -0.31 -58.13
N LEU B 260 10.85 -0.51 -58.00
CA LEU B 260 10.23 -0.69 -56.67
C LEU B 260 10.81 -1.88 -55.92
N LEU B 261 11.03 -2.99 -56.61
CA LEU B 261 11.62 -4.14 -55.97
C LEU B 261 13.12 -3.92 -55.69
N ARG B 262 13.85 -3.34 -56.63
CA ARG B 262 15.28 -3.09 -56.46
C ARG B 262 15.55 -2.10 -55.32
N TRP B 263 14.65 -1.13 -55.15
CA TRP B 263 14.79 -0.14 -54.10
C TRP B 263 14.88 -0.84 -52.74
N ALA B 264 14.26 -2.00 -52.62
CA ALA B 264 14.35 -2.70 -51.35
C ALA B 264 15.54 -3.66 -51.35
N ALA B 265 15.66 -4.44 -52.43
CA ALA B 265 16.72 -5.44 -52.53
C ALA B 265 18.11 -4.87 -52.36
N GLN B 266 18.35 -3.72 -52.97
CA GLN B 266 19.63 -3.09 -52.91
C GLN B 266 20.04 -2.68 -51.51
N ARG B 267 19.06 -2.55 -50.62
CA ARG B 267 19.33 -2.17 -49.24
C ARG B 267 19.31 -3.38 -48.31
N GLY B 268 19.42 -4.56 -48.89
CA GLY B 268 19.45 -5.76 -48.06
C GLY B 268 18.12 -6.26 -47.55
N ILE B 269 17.04 -5.73 -48.10
CA ILE B 269 15.70 -6.13 -47.69
C ILE B 269 15.17 -7.22 -48.60
N ALA B 270 14.69 -8.31 -48.01
CA ALA B 270 14.15 -9.42 -48.80
C ALA B 270 12.77 -9.03 -49.33
N VAL B 271 12.41 -9.55 -50.50
CA VAL B 271 11.11 -9.28 -51.09
C VAL B 271 10.39 -10.57 -51.44
N ILE B 272 9.06 -10.47 -51.48
CA ILE B 272 8.21 -11.61 -51.77
C ILE B 272 7.06 -11.13 -52.66
N PRO B 273 7.36 -10.58 -53.85
CA PRO B 273 6.29 -10.10 -54.73
C PRO B 273 5.31 -11.20 -55.07
N LYS B 274 4.02 -10.83 -55.14
CA LYS B 274 2.97 -11.77 -55.48
C LYS B 274 2.46 -11.50 -56.88
N SER B 275 2.03 -12.55 -57.56
CA SER B 275 1.45 -12.37 -58.91
C SER B 275 0.72 -13.58 -59.43
N ASN B 276 -0.49 -13.34 -59.94
CA ASN B 276 -1.30 -14.41 -60.54
C ASN B 276 -0.85 -14.58 -62.01
N LEU B 277 -0.06 -13.64 -62.51
CA LEU B 277 0.40 -13.69 -63.90
C LEU B 277 1.74 -14.34 -64.18
N PRO B 278 1.74 -15.37 -65.03
CA PRO B 278 2.96 -16.10 -65.42
C PRO B 278 4.05 -15.19 -65.97
N GLU B 279 3.64 -14.20 -66.75
CA GLU B 279 4.55 -13.24 -67.36
C GLU B 279 5.32 -12.47 -66.27
N ARG B 280 4.69 -12.23 -65.14
CA ARG B 280 5.36 -11.47 -64.07
C ARG B 280 6.31 -12.28 -63.20
N LEU B 281 6.20 -13.62 -63.26
CA LEU B 281 7.07 -14.48 -62.45
C LEU B 281 8.55 -14.20 -62.70
N VAL B 282 8.99 -14.34 -63.95
CA VAL B 282 10.39 -14.12 -64.25
C VAL B 282 10.84 -12.70 -63.94
N GLN B 283 10.02 -11.73 -64.35
CA GLN B 283 10.32 -10.32 -64.11
C GLN B 283 10.48 -9.93 -62.63
N ASN B 284 9.61 -10.43 -61.78
CA ASN B 284 9.67 -10.11 -60.36
C ASN B 284 10.85 -10.78 -59.64
N ARG B 285 11.62 -11.58 -60.37
CA ARG B 285 12.74 -12.27 -59.78
C ARG B 285 14.06 -11.97 -60.50
N SER B 286 14.03 -11.08 -61.49
CA SER B 286 15.25 -10.76 -62.24
C SER B 286 15.56 -9.27 -62.31
N PHE B 287 15.09 -8.52 -61.32
CA PHE B 287 15.27 -7.08 -61.30
C PHE B 287 16.64 -6.58 -60.84
N ASN B 288 17.48 -7.49 -60.35
CA ASN B 288 18.81 -7.09 -59.85
C ASN B 288 19.83 -6.88 -60.98
N THR B 289 19.51 -5.98 -61.90
CA THR B 289 20.37 -5.70 -63.04
C THR B 289 20.84 -4.26 -63.19
N PHE B 290 20.58 -3.43 -62.18
CA PHE B 290 21.01 -2.04 -62.25
C PHE B 290 21.17 -1.55 -60.82
N ASP B 291 21.82 -0.41 -60.64
CA ASP B 291 22.02 0.10 -59.30
C ASP B 291 21.43 1.47 -59.16
N LEU B 292 20.64 1.64 -58.09
CA LEU B 292 20.05 2.93 -57.81
C LEU B 292 21.18 3.74 -57.23
N THR B 293 21.29 5.00 -57.65
CA THR B 293 22.34 5.88 -57.15
C THR B 293 21.91 6.56 -55.86
N LYS B 294 22.83 7.29 -55.24
CA LYS B 294 22.56 8.03 -54.01
C LYS B 294 21.40 8.99 -54.32
N GLU B 295 21.48 9.63 -55.48
CA GLU B 295 20.47 10.57 -55.93
C GLU B 295 19.10 9.92 -56.10
N ASP B 296 19.05 8.73 -56.71
CA ASP B 296 17.78 8.02 -56.89
C ASP B 296 17.11 7.77 -55.53
N PHE B 297 17.91 7.37 -54.54
CA PHE B 297 17.36 7.11 -53.20
C PHE B 297 16.83 8.38 -52.57
N GLU B 298 17.52 9.50 -52.79
CA GLU B 298 17.03 10.74 -52.24
C GLU B 298 15.67 11.10 -52.85
N GLU B 299 15.51 10.82 -54.14
CA GLU B 299 14.26 11.13 -54.83
C GLU B 299 13.11 10.26 -54.36
N ILE B 300 13.37 8.96 -54.22
CA ILE B 300 12.36 8.02 -53.75
C ILE B 300 12.05 8.29 -52.26
N ALA B 301 13.03 8.75 -51.51
CA ALA B 301 12.82 9.04 -50.08
C ALA B 301 11.73 10.09 -49.89
N LYS B 302 11.62 10.98 -50.86
CA LYS B 302 10.63 12.05 -50.80
C LYS B 302 9.19 11.56 -50.80
N LEU B 303 8.94 10.34 -51.27
CA LEU B 303 7.56 9.82 -51.30
C LEU B 303 7.08 9.30 -49.95
N ASP B 304 7.98 9.17 -48.98
CA ASP B 304 7.58 8.65 -47.66
C ASP B 304 6.57 9.57 -46.99
N ILE B 305 5.38 9.06 -46.71
CA ILE B 305 4.34 9.88 -46.06
C ILE B 305 3.70 9.11 -44.93
N GLY B 306 4.27 7.94 -44.61
CA GLY B 306 3.75 7.12 -43.53
C GLY B 306 2.35 6.62 -43.82
N LEU B 307 2.08 6.29 -45.08
CA LEU B 307 0.75 5.79 -45.45
C LEU B 307 0.77 4.28 -45.36
N ARG B 308 -0.04 3.76 -44.44
CA ARG B 308 -0.11 2.34 -44.16
C ARG B 308 -1.43 1.71 -44.61
N PHE B 309 -1.35 0.70 -45.46
CA PHE B 309 -2.54 0.02 -45.96
C PHE B 309 -3.00 -1.13 -45.07
N ASN B 310 -2.06 -1.77 -44.37
CA ASN B 310 -2.43 -2.91 -43.53
C ASN B 310 -2.37 -2.47 -42.06
N ASP B 311 -3.49 -1.95 -41.57
CA ASP B 311 -3.55 -1.41 -40.22
C ASP B 311 -4.65 -1.96 -39.33
N PRO B 312 -4.29 -2.72 -38.28
CA PRO B 312 -5.25 -3.33 -37.35
C PRO B 312 -6.17 -2.28 -36.71
N TRP B 313 -5.76 -1.03 -36.76
CA TRP B 313 -6.57 0.04 -36.21
C TRP B 313 -7.91 0.05 -36.99
N ASP B 314 -7.84 -0.31 -38.28
CA ASP B 314 -9.00 -0.37 -39.16
C ASP B 314 -9.93 -1.52 -38.79
N TRP B 315 -9.38 -2.61 -38.24
CA TRP B 315 -10.21 -3.76 -37.88
C TRP B 315 -11.06 -3.52 -36.67
N ASP B 316 -10.44 -2.96 -35.63
CA ASP B 316 -11.14 -2.78 -34.37
C ASP B 316 -10.39 -1.82 -33.44
N ASN B 317 -9.81 -0.77 -34.03
CA ASN B 317 -9.05 0.22 -33.26
C ASN B 317 -7.99 -0.45 -32.38
N ILE B 318 -7.28 -1.44 -32.94
CA ILE B 318 -6.21 -2.13 -32.22
C ILE B 318 -5.01 -1.18 -32.36
N PRO B 319 -4.44 -0.74 -31.23
CA PRO B 319 -3.31 0.21 -31.20
C PRO B 319 -1.89 -0.26 -31.57
N ILE B 320 -1.78 -1.15 -32.55
CA ILE B 320 -0.45 -1.64 -32.91
C ILE B 320 0.52 -0.58 -33.43
N PHE B 321 0.03 0.30 -34.31
CA PHE B 321 0.90 1.31 -34.88
C PHE B 321 0.66 2.73 -34.38
N VAL B 322 0.14 2.88 -33.16
CA VAL B 322 -0.13 4.21 -32.62
C VAL B 322 0.66 4.50 -31.33
N SER C 4 26.05 2.90 50.53
CA SER C 4 25.13 1.92 51.20
C SER C 4 23.84 1.75 50.40
N ILE C 5 23.24 2.86 49.96
CA ILE C 5 22.01 2.81 49.17
C ILE C 5 22.39 2.56 47.72
N PRO C 6 22.13 1.33 47.24
CA PRO C 6 22.44 0.96 45.85
C PRO C 6 21.78 1.89 44.83
N ASP C 7 22.50 2.17 43.74
CA ASP C 7 21.97 2.99 42.67
C ASP C 7 21.43 2.10 41.56
N ILE C 8 20.46 2.62 40.82
CA ILE C 8 19.88 1.89 39.70
C ILE C 8 20.22 2.70 38.47
N LYS C 9 20.73 2.04 37.43
CA LYS C 9 21.04 2.76 36.21
C LYS C 9 19.80 2.80 35.34
N LEU C 10 19.29 4.01 35.09
CA LEU C 10 18.11 4.19 34.26
C LEU C 10 18.47 4.02 32.79
N SER C 11 17.48 3.72 31.96
CA SER C 11 17.68 3.57 30.53
C SER C 11 18.25 4.87 29.98
N SER C 12 18.07 5.96 30.71
CA SER C 12 18.59 7.25 30.27
C SER C 12 20.10 7.38 30.48
N GLY C 13 20.68 6.44 31.23
CA GLY C 13 22.11 6.50 31.51
C GLY C 13 22.44 7.13 32.86
N HIS C 14 21.45 7.73 33.51
CA HIS C 14 21.68 8.35 34.82
C HIS C 14 21.34 7.35 35.92
N LEU C 15 22.05 7.49 37.04
CA LEU C 15 21.82 6.61 38.17
C LEU C 15 20.73 7.23 39.04
N MET C 16 19.97 6.38 39.70
CA MET C 16 18.88 6.80 40.57
C MET C 16 18.92 5.94 41.83
N PRO C 17 19.04 6.57 43.01
CA PRO C 17 19.09 5.82 44.26
C PRO C 17 17.87 4.91 44.35
N SER C 18 18.09 3.67 44.80
CA SER C 18 17.04 2.66 44.91
C SER C 18 16.16 2.90 46.12
N ILE C 19 16.57 3.83 46.97
CA ILE C 19 15.79 4.16 48.15
C ILE C 19 15.74 5.68 48.23
N GLY C 20 14.54 6.23 48.26
CA GLY C 20 14.38 7.68 48.34
C GLY C 20 13.45 8.05 49.48
N PHE C 21 13.19 9.34 49.62
CA PHE C 21 12.30 9.86 50.65
C PHE C 21 11.00 10.37 49.98
N GLY C 22 9.86 9.81 50.39
CA GLY C 22 8.59 10.26 49.82
C GLY C 22 8.13 11.57 50.44
N CYS C 23 7.66 12.52 49.62
CA CYS C 23 7.22 13.83 50.13
C CYS C 23 5.73 14.08 50.12
N TRP C 24 4.93 13.08 49.77
CA TRP C 24 3.49 13.28 49.74
C TRP C 24 2.94 13.39 51.17
N LYS C 25 2.13 14.42 51.38
CA LYS C 25 1.51 14.67 52.68
C LYS C 25 2.53 15.05 53.74
N LEU C 26 3.59 15.73 53.27
CA LEU C 26 4.61 16.25 54.16
C LEU C 26 4.15 17.69 54.38
N ALA C 27 3.59 17.95 55.56
CA ALA C 27 3.11 19.30 55.91
C ALA C 27 4.09 20.40 55.54
N ASN C 28 3.57 21.46 54.90
CA ASN C 28 4.41 22.59 54.49
C ASN C 28 5.19 23.17 55.66
N ALA C 29 4.60 23.09 56.86
CA ALA C 29 5.18 23.63 58.07
C ALA C 29 6.51 22.99 58.46
N THR C 30 6.57 21.67 58.41
CA THR C 30 7.77 20.91 58.80
C THR C 30 8.51 20.25 57.63
N ALA C 31 7.99 20.42 56.42
CA ALA C 31 8.58 19.80 55.22
C ALA C 31 10.06 20.10 55.02
N GLY C 32 10.42 21.38 55.03
CA GLY C 32 11.81 21.76 54.84
C GLY C 32 12.74 21.11 55.83
N GLU C 33 12.40 21.22 57.11
CA GLU C 33 13.19 20.64 58.18
C GLU C 33 13.29 19.12 58.01
N GLN C 34 12.17 18.48 57.70
CA GLN C 34 12.21 17.03 57.56
C GLN C 34 13.02 16.58 56.34
N VAL C 35 13.08 17.41 55.29
CA VAL C 35 13.84 17.07 54.08
C VAL C 35 15.34 17.23 54.40
N TYR C 36 15.67 18.27 55.14
CA TYR C 36 17.04 18.52 55.57
C TYR C 36 17.53 17.35 56.46
N GLN C 37 16.70 16.93 57.40
CA GLN C 37 17.06 15.81 58.29
C GLN C 37 17.22 14.51 57.49
N ALA C 38 16.38 14.33 56.47
CA ALA C 38 16.48 13.14 55.63
C ALA C 38 17.84 13.14 54.91
N ILE C 39 18.29 14.31 54.48
CA ILE C 39 19.58 14.40 53.80
C ILE C 39 20.69 14.02 54.79
N LYS C 40 20.58 14.52 56.02
CA LYS C 40 21.55 14.21 57.06
C LYS C 40 21.48 12.73 57.38
N ALA C 41 20.30 12.14 57.22
CA ALA C 41 20.13 10.72 57.49
C ALA C 41 20.65 9.91 56.31
N GLY C 42 21.11 10.61 55.27
CA GLY C 42 21.65 9.92 54.11
C GLY C 42 20.76 9.77 52.88
N TYR C 43 19.57 10.35 52.90
CA TYR C 43 18.72 10.23 51.71
C TYR C 43 19.23 11.18 50.64
N ARG C 44 19.17 10.75 49.39
CA ARG C 44 19.64 11.59 48.29
C ARG C 44 18.56 11.82 47.23
N LEU C 45 17.61 10.90 47.12
CA LEU C 45 16.49 11.06 46.18
C LEU C 45 15.25 11.54 46.95
N PHE C 46 14.56 12.52 46.39
CA PHE C 46 13.35 13.04 47.00
C PHE C 46 12.25 12.98 45.96
N ASP C 47 11.21 12.21 46.27
CA ASP C 47 10.11 12.03 45.35
C ASP C 47 9.03 13.06 45.62
N GLY C 48 8.97 14.08 44.78
CA GLY C 48 7.98 15.12 44.97
C GLY C 48 7.00 15.21 43.82
N ALA C 49 6.21 16.26 43.82
CA ALA C 49 5.21 16.45 42.78
C ALA C 49 4.55 17.81 42.94
N GLU C 50 4.20 18.40 41.81
CA GLU C 50 3.52 19.68 41.82
C GLU C 50 2.27 19.59 42.72
N ASP C 51 1.57 18.47 42.65
CA ASP C 51 0.34 18.29 43.43
C ASP C 51 0.54 18.25 44.93
N TYR C 52 1.72 17.86 45.39
CA TYR C 52 1.96 17.79 46.82
C TYR C 52 1.96 19.18 47.45
N GLY C 53 2.08 20.21 46.62
CA GLY C 53 2.06 21.58 47.09
C GLY C 53 3.16 21.97 48.08
N ASN C 54 4.26 21.24 48.09
CA ASN C 54 5.33 21.57 49.03
C ASN C 54 6.70 21.60 48.37
N GLU C 55 6.74 21.79 47.05
CA GLU C 55 8.00 21.82 46.35
C GLU C 55 8.92 22.96 46.81
N LYS C 56 8.34 24.08 47.23
CA LYS C 56 9.14 25.20 47.74
C LYS C 56 9.88 24.78 49.02
N GLU C 57 9.18 24.08 49.90
CA GLU C 57 9.75 23.62 51.18
C GLU C 57 10.79 22.52 50.92
N VAL C 58 10.48 21.64 49.96
CA VAL C 58 11.42 20.58 49.59
C VAL C 58 12.69 21.30 49.11
N GLY C 59 12.48 22.33 48.31
CA GLY C 59 13.59 23.11 47.78
C GLY C 59 14.39 23.78 48.89
N ASP C 60 13.70 24.26 49.91
CA ASP C 60 14.35 24.90 51.04
C ASP C 60 15.28 23.91 51.76
N GLY C 61 14.75 22.71 52.00
CA GLY C 61 15.52 21.67 52.69
C GLY C 61 16.77 21.27 51.94
N VAL C 62 16.65 21.14 50.63
CA VAL C 62 17.80 20.77 49.81
C VAL C 62 18.78 21.95 49.76
N LYS C 63 18.24 23.15 49.57
CA LYS C 63 19.09 24.34 49.51
C LYS C 63 19.88 24.55 50.79
N ARG C 64 19.27 24.25 51.94
CA ARG C 64 19.93 24.42 53.22
C ARG C 64 21.09 23.46 53.35
N ALA C 65 20.87 22.22 52.90
CA ALA C 65 21.88 21.19 52.95
C ALA C 65 23.03 21.59 52.03
N ILE C 66 22.71 22.13 50.86
CA ILE C 66 23.77 22.53 49.95
C ILE C 66 24.56 23.72 50.52
N ASP C 67 23.86 24.74 51.01
CA ASP C 67 24.54 25.90 51.58
C ASP C 67 25.42 25.52 52.78
N GLU C 68 25.07 24.43 53.46
CA GLU C 68 25.83 23.97 54.62
C GLU C 68 27.02 23.12 54.20
N GLY C 69 27.09 22.81 52.90
CA GLY C 69 28.18 22.00 52.40
C GLY C 69 28.00 20.50 52.60
N LEU C 70 26.82 20.07 53.03
CA LEU C 70 26.56 18.65 53.23
C LEU C 70 26.52 17.87 51.91
N VAL C 71 26.00 18.49 50.86
CA VAL C 71 25.90 17.86 49.55
C VAL C 71 25.92 18.95 48.50
N LYS C 72 26.20 18.56 47.25
CA LYS C 72 26.18 19.49 46.12
C LYS C 72 24.98 19.09 45.26
N ARG C 73 24.41 20.04 44.54
CA ARG C 73 23.26 19.79 43.69
C ARG C 73 23.32 18.47 42.94
N GLU C 74 24.50 18.18 42.39
CA GLU C 74 24.72 16.97 41.61
C GLU C 74 24.51 15.67 42.38
N GLU C 75 24.69 15.70 43.70
CA GLU C 75 24.53 14.49 44.52
C GLU C 75 23.08 14.24 44.93
N ILE C 76 22.21 15.21 44.65
CA ILE C 76 20.81 15.08 45.02
C ILE C 76 19.99 14.71 43.78
N PHE C 77 19.10 13.74 43.95
CA PHE C 77 18.23 13.30 42.86
C PHE C 77 16.82 13.80 43.17
N LEU C 78 16.34 14.73 42.36
CA LEU C 78 15.01 15.32 42.53
C LEU C 78 13.98 14.83 41.52
N THR C 79 12.96 14.14 42.00
CA THR C 79 11.90 13.65 41.14
C THR C 79 10.68 14.55 41.33
N SER C 80 10.05 14.95 40.24
CA SER C 80 8.82 15.73 40.36
C SER C 80 7.83 15.13 39.36
N LYS C 81 6.61 15.65 39.36
CA LYS C 81 5.58 15.10 38.47
C LYS C 81 4.65 16.17 37.91
N LEU C 82 4.37 16.04 36.62
CA LEU C 82 3.51 16.95 35.89
C LEU C 82 2.07 16.63 36.27
N TRP C 83 1.36 17.58 36.88
CA TRP C 83 -0.02 17.35 37.28
C TRP C 83 -1.03 17.33 36.11
N ASN C 84 -2.17 16.68 36.35
CA ASN C 84 -3.21 16.51 35.34
C ASN C 84 -3.68 17.72 34.49
N ASN C 85 -3.63 18.92 35.04
CA ASN C 85 -4.07 20.11 34.30
C ASN C 85 -3.08 20.62 33.27
N TYR C 86 -1.87 20.08 33.28
CA TYR C 86 -0.81 20.57 32.40
C TYR C 86 -0.33 19.62 31.31
N HIS C 87 -1.20 18.80 30.76
CA HIS C 87 -0.79 17.87 29.72
C HIS C 87 -0.69 18.52 28.34
N ASP C 88 -1.44 19.60 28.12
CA ASP C 88 -1.40 20.26 26.81
C ASP C 88 0.05 20.70 26.63
N PRO C 89 0.70 20.28 25.51
CA PRO C 89 2.09 20.65 25.22
C PRO C 89 2.45 22.09 25.49
N LYS C 90 1.53 23.02 25.20
CA LYS C 90 1.83 24.43 25.40
C LYS C 90 1.87 24.83 26.88
N ASN C 91 1.45 23.95 27.78
CA ASN C 91 1.47 24.28 29.20
C ASN C 91 2.51 23.45 29.94
N VAL C 92 3.05 22.42 29.28
CA VAL C 92 4.01 21.55 29.93
C VAL C 92 5.23 22.27 30.51
N GLU C 93 5.95 23.04 29.69
CA GLU C 93 7.12 23.77 30.16
C GLU C 93 6.77 24.80 31.24
N THR C 94 5.56 25.36 31.15
CA THR C 94 5.11 26.33 32.13
C THR C 94 5.08 25.67 33.50
N ALA C 95 4.51 24.46 33.54
CA ALA C 95 4.40 23.72 34.79
C ALA C 95 5.77 23.31 35.31
N LEU C 96 6.65 22.89 34.42
CA LEU C 96 7.98 22.49 34.84
C LEU C 96 8.74 23.70 35.37
N ASN C 97 8.49 24.87 34.78
CA ASN C 97 9.18 26.09 35.24
C ASN C 97 8.78 26.41 36.66
N LYS C 98 7.49 26.27 36.97
CA LYS C 98 7.02 26.51 38.31
C LYS C 98 7.76 25.54 39.23
N THR C 99 7.87 24.26 38.84
CA THR C 99 8.55 23.28 39.65
C THR C 99 10.02 23.64 39.86
N LEU C 100 10.70 24.05 38.79
CA LEU C 100 12.10 24.41 38.89
C LEU C 100 12.24 25.63 39.81
N ALA C 101 11.32 26.57 39.68
CA ALA C 101 11.31 27.77 40.50
C ALA C 101 11.10 27.43 41.99
N ASP C 102 10.13 26.59 42.29
CA ASP C 102 9.91 26.22 43.69
C ASP C 102 11.08 25.43 44.28
N LEU C 103 11.64 24.51 43.49
CA LEU C 103 12.77 23.68 43.94
C LEU C 103 14.06 24.47 43.95
N LYS C 104 14.06 25.59 43.25
CA LYS C 104 15.23 26.44 43.17
C LYS C 104 16.41 25.70 42.55
N VAL C 105 16.16 25.07 41.41
CA VAL C 105 17.19 24.33 40.69
C VAL C 105 17.04 24.61 39.20
N ASP C 106 18.05 24.26 38.42
CA ASP C 106 17.98 24.50 36.98
C ASP C 106 17.41 23.31 36.22
N TYR C 107 17.36 22.15 36.86
CA TYR C 107 16.82 20.95 36.21
C TYR C 107 16.32 20.01 37.29
N VAL C 108 15.40 19.13 36.91
CA VAL C 108 14.90 18.11 37.84
C VAL C 108 15.51 16.83 37.27
N ASP C 109 15.88 15.90 38.12
CA ASP C 109 16.48 14.64 37.67
C ASP C 109 15.48 13.71 36.97
N LEU C 110 14.26 13.68 37.48
CA LEU C 110 13.23 12.84 36.89
C LEU C 110 11.92 13.60 36.93
N PHE C 111 11.23 13.63 35.80
CA PHE C 111 9.94 14.29 35.73
C PHE C 111 8.98 13.24 35.16
N LEU C 112 7.90 12.98 35.88
CA LEU C 112 6.93 11.96 35.46
C LEU C 112 5.58 12.54 35.13
N ILE C 113 4.86 11.87 34.24
CA ILE C 113 3.50 12.26 33.93
C ILE C 113 2.83 11.63 35.14
N HIS C 114 2.27 12.44 36.02
CA HIS C 114 1.66 11.97 37.25
C HIS C 114 0.53 10.95 37.04
N PHE C 115 -0.38 11.24 36.12
CA PHE C 115 -1.49 10.34 35.79
C PHE C 115 -1.81 10.43 34.30
N PRO C 116 -2.23 9.32 33.69
CA PRO C 116 -2.56 9.40 32.26
C PRO C 116 -3.99 9.99 32.19
N ILE C 117 -4.13 11.18 32.78
CA ILE C 117 -5.40 11.90 32.87
C ILE C 117 -5.12 13.37 32.53
N ALA C 118 -5.95 13.95 31.67
CA ALA C 118 -5.73 15.34 31.28
C ALA C 118 -6.87 16.24 31.71
N PHE C 119 -6.69 16.93 32.84
CA PHE C 119 -7.70 17.85 33.33
C PHE C 119 -7.60 19.14 32.48
N LYS C 120 -8.70 19.88 32.40
CA LYS C 120 -8.71 21.14 31.67
C LYS C 120 -7.69 22.09 32.34
N PHE C 121 -6.93 22.79 31.53
CA PHE C 121 -5.93 23.72 32.04
C PHE C 121 -6.51 24.81 32.93
N VAL C 122 -5.84 25.04 34.05
CA VAL C 122 -6.22 26.08 34.99
C VAL C 122 -4.95 26.89 35.15
N PRO C 123 -4.98 28.19 34.82
CA PRO C 123 -3.77 29.01 34.96
C PRO C 123 -3.18 28.94 36.37
N ILE C 124 -1.86 28.99 36.47
CA ILE C 124 -1.22 28.91 37.78
C ILE C 124 -1.71 30.03 38.71
N GLU C 125 -1.93 31.22 38.17
CA GLU C 125 -2.36 32.35 38.98
C GLU C 125 -3.77 32.23 39.56
N GLU C 126 -4.59 31.35 39.01
CA GLU C 126 -5.94 31.17 39.51
C GLU C 126 -6.00 30.18 40.66
N LYS C 127 -5.18 29.14 40.62
CA LYS C 127 -5.12 28.18 41.72
C LYS C 127 -3.92 27.29 41.55
N TYR C 128 -3.13 27.13 42.61
CA TYR C 128 -1.96 26.28 42.53
C TYR C 128 -1.50 25.72 43.85
N PRO C 129 -1.38 24.39 43.96
CA PRO C 129 -1.68 23.42 42.90
C PRO C 129 -3.19 23.32 42.73
N PRO C 130 -3.67 23.02 41.51
CA PRO C 130 -5.11 22.94 41.31
C PRO C 130 -5.84 21.74 41.90
N GLY C 131 -5.11 20.66 42.14
CA GLY C 131 -5.76 19.46 42.66
C GLY C 131 -6.83 19.02 41.66
N PHE C 132 -8.03 18.74 42.14
CA PHE C 132 -9.11 18.32 41.25
C PHE C 132 -9.87 19.49 40.59
N TYR C 133 -9.45 20.72 40.85
CA TYR C 133 -10.12 21.87 40.25
C TYR C 133 -9.86 21.90 38.75
N CYS C 134 -10.94 22.01 37.97
CA CYS C 134 -10.81 22.02 36.52
C CYS C 134 -11.41 23.27 35.89
N GLY C 135 -11.50 24.34 36.69
CA GLY C 135 -12.00 25.61 36.20
C GLY C 135 -13.51 25.83 36.24
N ASP C 136 -14.25 24.86 36.72
CA ASP C 136 -15.70 25.00 36.77
C ASP C 136 -16.25 24.48 38.09
N GLY C 137 -16.11 25.28 39.13
CA GLY C 137 -16.59 24.87 40.44
C GLY C 137 -15.98 23.53 40.81
N ASN C 138 -16.81 22.61 41.31
CA ASN C 138 -16.35 21.28 41.71
C ASN C 138 -16.45 20.25 40.60
N ASN C 139 -16.86 20.68 39.40
CA ASN C 139 -16.98 19.74 38.29
C ASN C 139 -15.65 19.35 37.68
N PHE C 140 -15.55 18.11 37.23
CA PHE C 140 -14.34 17.65 36.56
C PHE C 140 -14.48 17.98 35.07
N VAL C 141 -13.42 18.51 34.46
CA VAL C 141 -13.43 18.85 33.05
C VAL C 141 -12.09 18.40 32.50
N TYR C 142 -12.14 17.76 31.34
CA TYR C 142 -10.98 17.17 30.68
C TYR C 142 -10.58 17.83 29.37
N GLU C 143 -9.36 17.57 28.91
CA GLU C 143 -8.84 18.14 27.65
C GLU C 143 -8.50 17.00 26.72
N ASP C 144 -8.77 17.17 25.43
CA ASP C 144 -8.44 16.12 24.48
C ASP C 144 -6.99 16.20 24.09
N VAL C 145 -6.12 15.74 24.99
CA VAL C 145 -4.70 15.73 24.76
C VAL C 145 -4.14 14.32 24.93
N PRO C 146 -3.77 13.67 23.82
CA PRO C 146 -3.23 12.30 23.86
C PRO C 146 -1.92 12.25 24.65
N ILE C 147 -1.65 11.10 25.27
CA ILE C 147 -0.43 10.93 26.05
C ILE C 147 0.82 11.33 25.26
N LEU C 148 0.94 10.79 24.04
CA LEU C 148 2.09 11.04 23.19
C LEU C 148 2.44 12.53 22.95
N GLU C 149 1.43 13.38 22.83
CA GLU C 149 1.70 14.81 22.65
C GLU C 149 2.40 15.33 23.90
N THR C 150 1.93 14.90 25.07
CA THR C 150 2.53 15.33 26.33
C THR C 150 3.96 14.81 26.37
N TRP C 151 4.15 13.55 25.99
CA TRP C 151 5.49 12.96 26.00
C TRP C 151 6.45 13.69 25.05
N LYS C 152 5.99 14.10 23.88
CA LYS C 152 6.92 14.78 22.97
C LYS C 152 7.35 16.11 23.57
N ALA C 153 6.43 16.76 24.28
CA ALA C 153 6.74 18.04 24.92
C ALA C 153 7.82 17.80 25.97
N LEU C 154 7.71 16.68 26.68
CA LEU C 154 8.68 16.35 27.70
C LEU C 154 10.01 15.98 27.07
N GLU C 155 9.96 15.32 25.92
CA GLU C 155 11.20 14.95 25.24
C GLU C 155 11.95 16.22 24.86
N LYS C 156 11.23 17.24 24.41
CA LYS C 156 11.88 18.49 24.04
C LYS C 156 12.52 19.15 25.26
N LEU C 157 11.88 19.04 26.43
CA LEU C 157 12.43 19.64 27.63
C LEU C 157 13.68 18.90 28.07
N VAL C 158 13.79 17.61 27.74
CA VAL C 158 14.98 16.85 28.09
C VAL C 158 16.07 17.36 27.14
N ALA C 159 15.68 17.65 25.91
CA ALA C 159 16.60 18.17 24.91
C ALA C 159 17.15 19.52 25.37
N ALA C 160 16.30 20.33 26.02
CA ALA C 160 16.71 21.65 26.51
C ALA C 160 17.48 21.60 27.82
N GLY C 161 17.68 20.40 28.35
CA GLY C 161 18.42 20.24 29.59
C GLY C 161 17.69 20.61 30.88
N LYS C 162 16.37 20.76 30.83
CA LYS C 162 15.64 21.10 32.04
C LYS C 162 15.21 19.86 32.80
N ILE C 163 15.33 18.70 32.15
CA ILE C 163 14.97 17.42 32.77
C ILE C 163 16.01 16.41 32.33
N LYS C 164 16.53 15.59 33.27
CA LYS C 164 17.53 14.57 32.93
C LYS C 164 16.90 13.27 32.42
N SER C 165 15.86 12.81 33.10
CA SER C 165 15.18 11.58 32.73
C SER C 165 13.68 11.82 32.83
N ILE C 166 12.92 11.16 31.97
CA ILE C 166 11.48 11.29 32.01
C ILE C 166 10.85 9.92 32.16
N GLY C 167 9.70 9.88 32.83
CA GLY C 167 9.02 8.62 33.02
C GLY C 167 7.54 8.87 33.17
N VAL C 168 6.81 7.85 33.60
CA VAL C 168 5.38 7.97 33.75
C VAL C 168 4.97 7.32 35.05
N SER C 169 3.81 7.73 35.55
CA SER C 169 3.26 7.19 36.78
C SER C 169 1.80 6.77 36.57
N ASN C 170 1.39 5.69 37.23
CA ASN C 170 0.02 5.22 37.12
C ASN C 170 -0.42 4.79 35.72
N PHE C 171 0.52 4.25 34.96
CA PHE C 171 0.23 3.78 33.62
C PHE C 171 0.03 2.25 33.62
N PRO C 172 -1.10 1.76 33.11
CA PRO C 172 -1.24 0.31 33.11
C PRO C 172 -0.50 -0.26 31.86
N GLY C 173 -0.32 -1.58 31.83
CA GLY C 173 0.38 -2.23 30.73
C GLY C 173 0.10 -1.81 29.28
N ALA C 174 -1.16 -1.79 28.88
CA ALA C 174 -1.52 -1.43 27.50
C ALA C 174 -1.10 -0.02 27.13
N LEU C 175 -1.27 0.90 28.07
CA LEU C 175 -0.93 2.30 27.86
C LEU C 175 0.58 2.49 27.77
N LEU C 176 1.34 1.78 28.60
CA LEU C 176 2.79 1.89 28.56
C LEU C 176 3.24 1.31 27.22
N LEU C 177 2.64 0.19 26.83
CA LEU C 177 3.00 -0.44 25.56
C LEU C 177 2.86 0.55 24.42
N ASP C 178 1.68 1.16 24.29
CA ASP C 178 1.46 2.14 23.25
C ASP C 178 2.45 3.32 23.31
N LEU C 179 2.73 3.83 24.51
CA LEU C 179 3.67 4.94 24.64
C LEU C 179 5.04 4.53 24.08
N LEU C 180 5.44 3.29 24.36
CA LEU C 180 6.72 2.79 23.88
C LEU C 180 6.81 2.77 22.35
N ARG C 181 5.65 2.86 21.68
CA ARG C 181 5.61 2.83 20.21
C ARG C 181 5.88 4.18 19.58
N GLY C 182 5.58 5.25 20.31
CA GLY C 182 5.78 6.57 19.76
C GLY C 182 6.85 7.37 20.49
N ALA C 183 7.52 6.74 21.44
CA ALA C 183 8.54 7.43 22.21
C ALA C 183 9.94 7.32 21.66
N THR C 184 10.59 8.48 21.50
CA THR C 184 11.96 8.50 21.03
C THR C 184 12.81 8.23 22.27
N ILE C 185 12.54 8.97 23.34
CA ILE C 185 13.23 8.71 24.61
C ILE C 185 12.27 7.77 25.35
N LYS C 186 12.72 6.54 25.64
CA LYS C 186 11.85 5.59 26.33
C LYS C 186 11.65 5.98 27.79
N PRO C 187 10.40 5.90 28.29
CA PRO C 187 10.17 6.27 29.70
C PRO C 187 11.15 5.46 30.54
N ALA C 188 11.99 6.14 31.31
CA ALA C 188 12.98 5.44 32.11
C ALA C 188 12.38 4.84 33.36
N VAL C 189 11.25 5.38 33.79
CA VAL C 189 10.62 4.92 35.03
C VAL C 189 9.13 4.76 34.95
N LEU C 190 8.63 3.73 35.62
CA LEU C 190 7.18 3.50 35.74
C LEU C 190 6.95 3.52 37.27
N GLN C 191 6.19 4.49 37.76
CA GLN C 191 5.95 4.56 39.20
C GLN C 191 4.50 4.15 39.45
N VAL C 192 4.31 3.10 40.23
CA VAL C 192 2.96 2.61 40.50
C VAL C 192 2.76 2.15 41.93
N GLU C 193 1.50 2.08 42.34
CA GLU C 193 1.16 1.60 43.68
C GLU C 193 1.66 0.17 43.71
N HIS C 194 2.43 -0.20 44.72
CA HIS C 194 2.96 -1.55 44.79
C HIS C 194 3.16 -1.99 46.22
N HIS C 195 2.39 -3.01 46.63
CA HIS C 195 2.46 -3.58 47.98
C HIS C 195 1.85 -4.98 47.93
N PRO C 196 2.06 -5.78 48.99
CA PRO C 196 1.51 -7.14 49.00
C PRO C 196 0.02 -7.31 48.64
N TYR C 197 -0.80 -6.28 48.83
CA TYR C 197 -2.21 -6.41 48.44
C TYR C 197 -2.45 -6.07 46.96
N LEU C 198 -1.45 -5.49 46.29
CA LEU C 198 -1.55 -5.11 44.87
C LEU C 198 -0.19 -5.33 44.23
N GLN C 199 0.09 -6.59 43.94
CA GLN C 199 1.38 -6.98 43.38
C GLN C 199 1.60 -6.81 41.89
N GLN C 200 0.52 -6.94 41.10
CA GLN C 200 0.58 -6.78 39.65
C GLN C 200 1.90 -7.32 39.05
N PRO C 201 2.25 -8.57 39.38
CA PRO C 201 3.49 -9.18 38.87
C PRO C 201 3.72 -9.19 37.35
N LYS C 202 2.65 -9.25 36.56
CA LYS C 202 2.81 -9.25 35.11
C LYS C 202 3.24 -7.86 34.62
N LEU C 203 2.72 -6.81 35.25
CA LEU C 203 3.10 -5.45 34.87
C LEU C 203 4.58 -5.23 35.23
N ILE C 204 4.98 -5.63 36.43
CA ILE C 204 6.37 -5.49 36.87
C ILE C 204 7.27 -6.21 35.87
N GLU C 205 6.90 -7.44 35.56
CA GLU C 205 7.67 -8.25 34.64
C GLU C 205 7.80 -7.62 33.26
N PHE C 206 6.70 -7.17 32.67
CA PHE C 206 6.76 -6.55 31.35
C PHE C 206 7.64 -5.29 31.38
N ALA C 207 7.41 -4.41 32.34
CA ALA C 207 8.18 -3.17 32.43
C ALA C 207 9.67 -3.44 32.63
N GLN C 208 10.00 -4.32 33.56
CA GLN C 208 11.41 -4.58 33.78
C GLN C 208 12.07 -5.15 32.54
N LYS C 209 11.35 -5.99 31.79
CA LYS C 209 11.95 -6.55 30.59
C LYS C 209 12.00 -5.53 29.47
N ALA C 210 11.12 -4.53 29.52
CA ALA C 210 11.14 -3.51 28.48
C ALA C 210 12.26 -2.51 28.81
N GLY C 211 13.04 -2.80 29.84
CA GLY C 211 14.11 -1.91 30.24
C GLY C 211 13.64 -0.72 31.06
N VAL C 212 12.41 -0.77 31.57
CA VAL C 212 11.85 0.32 32.37
C VAL C 212 12.02 0.04 33.86
N THR C 213 12.49 1.05 34.60
CA THR C 213 12.70 0.89 36.03
C THR C 213 11.44 1.13 36.83
N ILE C 214 11.13 0.24 37.76
CA ILE C 214 9.93 0.40 38.60
C ILE C 214 10.21 1.11 39.93
N THR C 215 9.34 2.06 40.27
CA THR C 215 9.45 2.71 41.57
C THR C 215 8.10 2.40 42.22
N ALA C 216 8.14 1.76 43.37
CA ALA C 216 6.91 1.43 44.06
C ALA C 216 6.49 2.61 44.92
N TYR C 217 5.18 2.88 45.01
CA TYR C 217 4.72 3.92 45.94
C TYR C 217 3.68 3.25 46.87
N SER C 218 3.54 3.78 48.08
CA SER C 218 2.65 3.21 49.09
C SER C 218 3.05 1.77 49.38
N SER C 219 4.35 1.56 49.65
CA SER C 219 4.89 0.24 49.97
C SER C 219 4.24 -0.35 51.22
N PHE C 220 3.64 0.51 52.05
CA PHE C 220 2.97 0.05 53.26
C PHE C 220 1.45 -0.07 53.06
N GLY C 221 1.03 -0.15 51.81
CA GLY C 221 -0.39 -0.33 51.55
C GLY C 221 -1.36 0.73 52.04
N PRO C 222 -2.36 0.34 52.85
CA PRO C 222 -3.37 1.28 53.35
C PRO C 222 -2.91 2.35 54.34
N GLN C 223 -1.78 2.12 55.01
CA GLN C 223 -1.27 3.05 56.00
C GLN C 223 -1.33 4.53 55.63
N SER C 224 -0.79 4.85 54.47
CA SER C 224 -0.74 6.21 53.96
C SER C 224 -2.12 6.86 53.79
N PHE C 225 -3.14 6.06 53.47
CA PHE C 225 -4.48 6.57 53.21
C PHE C 225 -5.40 6.66 54.42
N VAL C 226 -5.02 5.99 55.50
CA VAL C 226 -5.84 6.00 56.71
C VAL C 226 -5.94 7.42 57.25
N GLU C 227 -4.84 8.16 57.22
CA GLU C 227 -4.87 9.53 57.73
C GLU C 227 -5.72 10.41 56.87
N MET C 228 -6.01 9.93 55.65
CA MET C 228 -6.83 10.71 54.75
C MET C 228 -8.29 10.37 54.98
N ASN C 229 -8.53 9.51 55.96
CA ASN C 229 -9.89 9.09 56.28
C ASN C 229 -10.53 8.36 55.09
N GLN C 230 -9.74 7.55 54.39
CA GLN C 230 -10.29 6.81 53.26
C GLN C 230 -10.97 5.55 53.75
N GLY C 231 -12.26 5.37 53.41
CA GLY C 231 -12.95 4.18 53.85
C GLY C 231 -12.27 2.86 53.48
N ARG C 232 -11.86 2.71 52.22
CA ARG C 232 -11.24 1.47 51.79
C ARG C 232 -10.02 1.13 52.66
N ALA C 233 -9.13 2.08 52.83
CA ALA C 233 -7.93 1.86 53.63
C ALA C 233 -8.26 1.50 55.10
N LEU C 234 -9.18 2.24 55.72
CA LEU C 234 -9.55 1.97 57.11
C LEU C 234 -10.14 0.57 57.33
N ASN C 235 -10.86 0.06 56.34
CA ASN C 235 -11.48 -1.26 56.39
C ASN C 235 -10.51 -2.39 56.14
N THR C 236 -9.29 -2.05 55.76
CA THR C 236 -8.29 -3.04 55.39
C THR C 236 -7.29 -3.39 56.49
N PRO C 237 -7.17 -4.68 56.83
CA PRO C 237 -6.22 -5.10 57.87
C PRO C 237 -4.85 -4.61 57.44
N THR C 238 -4.12 -3.99 58.36
CA THR C 238 -2.79 -3.46 58.03
C THR C 238 -1.77 -4.54 57.71
N LEU C 239 -0.78 -4.19 56.90
CA LEU C 239 0.28 -5.10 56.55
C LEU C 239 1.17 -5.28 57.78
N PHE C 240 1.27 -4.23 58.59
CA PHE C 240 2.07 -4.24 59.81
C PHE C 240 1.59 -5.25 60.84
N ALA C 241 0.29 -5.54 60.85
CA ALA C 241 -0.22 -6.48 61.84
C ALA C 241 -0.61 -7.82 61.21
N HIS C 242 -0.24 -8.00 59.94
CA HIS C 242 -0.57 -9.21 59.20
C HIS C 242 0.35 -10.37 59.60
N ASP C 243 -0.26 -11.49 60.00
CA ASP C 243 0.47 -12.68 60.41
C ASP C 243 1.58 -13.09 59.44
N THR C 244 1.30 -13.07 58.14
CA THR C 244 2.31 -13.46 57.16
C THR C 244 3.53 -12.55 57.24
N ILE C 245 3.30 -11.24 57.24
CA ILE C 245 4.41 -10.30 57.31
C ILE C 245 5.17 -10.42 58.65
N LYS C 246 4.44 -10.56 59.76
CA LYS C 246 5.07 -10.67 61.06
C LYS C 246 5.91 -11.95 61.24
N ALA C 247 5.37 -13.08 60.78
CA ALA C 247 6.10 -14.34 60.90
C ALA C 247 7.44 -14.20 60.18
N ILE C 248 7.42 -13.69 58.95
CA ILE C 248 8.64 -13.53 58.20
C ILE C 248 9.61 -12.57 58.91
N ALA C 249 9.09 -11.46 59.42
CA ALA C 249 9.94 -10.51 60.13
C ALA C 249 10.58 -11.18 61.35
N ALA C 250 9.78 -11.92 62.12
CA ALA C 250 10.30 -12.58 63.32
C ALA C 250 11.39 -13.59 62.94
N LYS C 251 11.17 -14.30 61.84
CA LYS C 251 12.10 -15.30 61.37
C LYS C 251 13.50 -14.73 61.08
N TYR C 252 13.56 -13.48 60.60
CA TYR C 252 14.85 -12.86 60.31
C TYR C 252 15.20 -11.84 61.38
N ASN C 253 14.34 -11.74 62.39
CA ASN C 253 14.56 -10.78 63.45
C ASN C 253 14.60 -9.37 62.85
N LYS C 254 13.61 -9.09 62.03
CA LYS C 254 13.49 -7.77 61.40
C LYS C 254 12.10 -7.25 61.70
N THR C 255 11.85 -6.01 61.32
CA THR C 255 10.54 -5.40 61.57
C THR C 255 9.69 -5.62 60.35
N PRO C 256 8.36 -5.61 60.52
CA PRO C 256 7.49 -5.81 59.36
C PRO C 256 7.71 -4.72 58.28
N ALA C 257 8.02 -3.50 58.71
CA ALA C 257 8.26 -2.43 57.76
C ALA C 257 9.45 -2.82 56.87
N GLU C 258 10.50 -3.35 57.51
CA GLU C 258 11.70 -3.77 56.78
C GLU C 258 11.38 -4.88 55.79
N VAL C 259 10.55 -5.84 56.19
CA VAL C 259 10.19 -6.93 55.28
C VAL C 259 9.44 -6.36 54.08
N LEU C 260 8.49 -5.47 54.36
CA LEU C 260 7.68 -4.84 53.30
C LEU C 260 8.53 -4.08 52.28
N LEU C 261 9.54 -3.33 52.75
CA LEU C 261 10.40 -2.61 51.82
C LEU C 261 11.37 -3.57 51.09
N ARG C 262 11.97 -4.50 51.84
CA ARG C 262 12.90 -5.45 51.24
C ARG C 262 12.22 -6.26 50.13
N TRP C 263 10.99 -6.67 50.40
CA TRP C 263 10.20 -7.44 49.45
C TRP C 263 10.22 -6.82 48.06
N ALA C 264 10.30 -5.49 48.03
CA ALA C 264 10.35 -4.76 46.77
C ALA C 264 11.78 -4.59 46.28
N ALA C 265 12.63 -4.12 47.18
CA ALA C 265 14.03 -3.88 46.88
C ALA C 265 14.75 -5.10 46.31
N GLN C 266 14.45 -6.27 46.85
CA GLN C 266 15.11 -7.49 46.41
C GLN C 266 14.77 -7.81 44.96
N ARG C 267 13.62 -7.34 44.48
CA ARG C 267 13.24 -7.62 43.10
C ARG C 267 13.65 -6.48 42.16
N GLY C 268 14.55 -5.63 42.63
CA GLY C 268 15.02 -4.52 41.80
C GLY C 268 14.06 -3.36 41.68
N ILE C 269 13.14 -3.26 42.62
CA ILE C 269 12.16 -2.19 42.60
C ILE C 269 12.58 -1.09 43.56
N ALA C 270 12.65 0.14 43.08
CA ALA C 270 13.02 1.28 43.92
C ALA C 270 11.89 1.65 44.86
N VAL C 271 12.24 2.14 46.05
CA VAL C 271 11.24 2.55 47.03
C VAL C 271 11.46 3.98 47.50
N ILE C 272 10.37 4.60 47.91
CA ILE C 272 10.40 5.98 48.36
C ILE C 272 9.51 6.15 49.61
N PRO C 273 9.86 5.42 50.68
CA PRO C 273 9.14 5.45 51.96
C PRO C 273 8.98 6.87 52.46
N LYS C 274 7.78 7.22 52.91
CA LYS C 274 7.54 8.54 53.46
C LYS C 274 7.47 8.40 54.98
N SER C 275 8.05 9.36 55.69
CA SER C 275 7.96 9.36 57.14
C SER C 275 8.11 10.74 57.77
N ASN C 276 7.20 11.08 58.68
CA ASN C 276 7.26 12.36 59.36
C ASN C 276 8.13 12.17 60.62
N LEU C 277 8.39 10.92 60.96
CA LEU C 277 9.12 10.58 62.17
C LEU C 277 10.62 10.36 62.02
N PRO C 278 11.43 11.17 62.73
CA PRO C 278 12.89 11.11 62.73
C PRO C 278 13.42 9.69 62.83
N GLU C 279 12.95 8.98 63.86
CA GLU C 279 13.35 7.61 64.12
C GLU C 279 13.16 6.66 62.92
N ARG C 280 12.16 6.92 62.11
CA ARG C 280 11.90 6.06 60.97
C ARG C 280 12.81 6.34 59.78
N LEU C 281 13.47 7.50 59.79
CA LEU C 281 14.35 7.84 58.69
C LEU C 281 15.45 6.79 58.48
N VAL C 282 16.19 6.48 59.54
CA VAL C 282 17.26 5.48 59.45
C VAL C 282 16.72 4.12 59.09
N GLN C 283 15.72 3.67 59.83
CA GLN C 283 15.10 2.36 59.60
C GLN C 283 14.64 2.17 58.16
N ASN C 284 14.07 3.22 57.58
CA ASN C 284 13.54 3.10 56.23
C ASN C 284 14.54 2.99 55.08
N ARG C 285 15.84 3.10 55.37
CA ARG C 285 16.84 2.95 54.31
C ARG C 285 17.98 1.99 54.69
N SER C 286 17.76 1.23 55.75
CA SER C 286 18.75 0.27 56.24
C SER C 286 18.13 -1.12 56.32
N PHE C 287 17.13 -1.39 55.49
CA PHE C 287 16.45 -2.67 55.52
C PHE C 287 17.10 -3.76 54.68
N ASN C 288 18.09 -3.42 53.86
CA ASN C 288 18.74 -4.43 53.01
C ASN C 288 19.81 -5.21 53.79
N THR C 289 19.38 -5.90 54.84
CA THR C 289 20.27 -6.67 55.69
C THR C 289 19.99 -8.16 55.71
N PHE C 290 19.06 -8.61 54.88
CA PHE C 290 18.69 -10.01 54.82
C PHE C 290 18.09 -10.33 53.46
N ASP C 291 17.91 -11.61 53.17
CA ASP C 291 17.33 -12.01 51.89
C ASP C 291 16.08 -12.86 52.08
N LEU C 292 15.02 -12.51 51.37
CA LEU C 292 13.78 -13.29 51.44
C LEU C 292 14.00 -14.51 50.55
N THR C 293 13.53 -15.66 50.98
CA THR C 293 13.70 -16.88 50.17
C THR C 293 12.54 -17.05 49.21
N LYS C 294 12.70 -18.02 48.30
CA LYS C 294 11.68 -18.36 47.33
C LYS C 294 10.39 -18.62 48.09
N GLU C 295 10.50 -19.40 49.16
CA GLU C 295 9.36 -19.73 50.00
C GLU C 295 8.68 -18.47 50.57
N ASP C 296 9.49 -17.51 51.01
CA ASP C 296 8.96 -16.27 51.57
C ASP C 296 8.10 -15.54 50.52
N PHE C 297 8.61 -15.45 49.30
CA PHE C 297 7.88 -14.78 48.23
C PHE C 297 6.56 -15.48 47.95
N GLU C 298 6.57 -16.80 48.00
CA GLU C 298 5.34 -17.54 47.74
C GLU C 298 4.31 -17.25 48.83
N GLU C 299 4.76 -17.08 50.05
CA GLU C 299 3.84 -16.78 51.13
C GLU C 299 3.23 -15.38 50.98
N ILE C 300 4.06 -14.41 50.62
CA ILE C 300 3.63 -13.03 50.46
C ILE C 300 2.77 -12.88 49.21
N ALA C 301 3.06 -13.71 48.21
CA ALA C 301 2.30 -13.70 46.99
C ALA C 301 0.83 -13.97 47.28
N LYS C 302 0.57 -14.74 48.34
CA LYS C 302 -0.80 -15.07 48.71
C LYS C 302 -1.65 -13.85 49.12
N LEU C 303 -1.00 -12.76 49.52
CA LEU C 303 -1.73 -11.57 49.95
C LEU C 303 -2.33 -10.76 48.80
N ASP C 304 -1.85 -11.01 47.58
CA ASP C 304 -2.31 -10.29 46.41
C ASP C 304 -3.79 -10.48 46.13
N ILE C 305 -4.56 -9.42 46.31
CA ILE C 305 -5.98 -9.49 46.08
C ILE C 305 -6.39 -8.36 45.14
N GLY C 306 -5.40 -7.67 44.58
CA GLY C 306 -5.72 -6.58 43.67
C GLY C 306 -6.43 -5.43 44.39
N LEU C 307 -6.03 -5.15 45.63
CA LEU C 307 -6.67 -4.04 46.37
C LEU C 307 -5.88 -2.76 46.09
N ARG C 308 -6.55 -1.80 45.44
CA ARG C 308 -5.93 -0.55 45.04
C ARG C 308 -6.45 0.64 45.84
N PHE C 309 -5.55 1.32 46.52
CA PHE C 309 -5.97 2.47 47.33
C PHE C 309 -5.98 3.79 46.59
N ASN C 310 -5.14 3.93 45.56
CA ASN C 310 -5.07 5.18 44.81
C ASN C 310 -5.67 4.94 43.44
N ASP C 311 -6.97 5.19 43.33
CA ASP C 311 -7.71 4.89 42.10
C ASP C 311 -8.58 6.02 41.58
N PRO C 312 -8.23 6.58 40.39
CA PRO C 312 -8.99 7.68 39.78
C PRO C 312 -10.47 7.31 39.61
N TRP C 313 -10.78 6.02 39.67
CA TRP C 313 -12.17 5.61 39.55
C TRP C 313 -12.94 6.25 40.73
N ASP C 314 -12.25 6.41 41.85
CA ASP C 314 -12.86 7.01 43.03
C ASP C 314 -13.12 8.50 42.85
N TRP C 315 -12.35 9.16 41.99
CA TRP C 315 -12.53 10.60 41.78
C TRP C 315 -13.72 10.96 40.93
N ASP C 316 -13.79 10.32 39.75
CA ASP C 316 -14.83 10.64 38.80
C ASP C 316 -15.02 9.54 37.76
N ASN C 317 -14.97 8.29 38.23
CA ASN C 317 -15.11 7.11 37.39
C ASN C 317 -14.18 7.16 36.18
N ILE C 318 -12.94 7.58 36.44
CA ILE C 318 -11.96 7.65 35.37
C ILE C 318 -11.48 6.19 35.22
N PRO C 319 -11.64 5.60 34.02
CA PRO C 319 -11.27 4.20 33.74
C PRO C 319 -9.80 3.82 33.60
N ILE C 320 -8.92 4.46 34.36
CA ILE C 320 -7.50 4.14 34.23
C ILE C 320 -7.13 2.68 34.50
N PHE C 321 -7.72 2.10 35.55
CA PHE C 321 -7.39 0.73 35.91
C PHE C 321 -8.52 -0.30 35.69
N VAL C 322 -9.42 -0.01 34.74
CA VAL C 322 -10.52 -0.93 34.44
C VAL C 322 -10.45 -1.44 33.00
N SER D 4 -38.14 -8.39 18.10
CA SER D 4 -37.37 -9.66 18.23
C SER D 4 -35.91 -9.34 18.51
N ILE D 5 -35.25 -8.72 17.52
CA ILE D 5 -33.84 -8.32 17.62
C ILE D 5 -33.79 -6.80 17.58
N PRO D 6 -33.85 -6.15 18.74
CA PRO D 6 -33.80 -4.68 18.80
C PRO D 6 -32.50 -4.14 18.18
N ASP D 7 -32.56 -2.94 17.63
CA ASP D 7 -31.38 -2.32 17.04
C ASP D 7 -30.75 -1.33 17.99
N ILE D 8 -29.44 -1.15 17.88
CA ILE D 8 -28.75 -0.20 18.72
C ILE D 8 -28.24 0.91 17.82
N LYS D 9 -28.60 2.15 18.11
CA LYS D 9 -28.10 3.24 17.28
C LYS D 9 -26.70 3.56 17.77
N LEU D 10 -25.73 3.37 16.88
CA LEU D 10 -24.35 3.63 17.20
C LEU D 10 -24.13 5.13 17.24
N SER D 11 -23.01 5.55 17.81
CA SER D 11 -22.66 6.95 17.92
C SER D 11 -22.38 7.51 16.53
N SER D 12 -22.21 6.63 15.56
CA SER D 12 -21.94 7.05 14.20
C SER D 12 -23.23 7.35 13.45
N GLY D 13 -24.37 7.16 14.11
CA GLY D 13 -25.65 7.40 13.46
C GLY D 13 -26.28 6.14 12.90
N HIS D 14 -25.45 5.16 12.53
CA HIS D 14 -25.93 3.89 11.97
C HIS D 14 -26.50 2.92 13.00
N LEU D 15 -27.51 2.17 12.59
CA LEU D 15 -28.13 1.19 13.48
C LEU D 15 -27.37 -0.12 13.41
N MET D 16 -27.27 -0.81 14.54
CA MET D 16 -26.58 -2.10 14.58
C MET D 16 -27.43 -3.12 15.34
N PRO D 17 -27.71 -4.28 14.71
CA PRO D 17 -28.51 -5.35 15.32
C PRO D 17 -27.89 -5.76 16.66
N SER D 18 -28.72 -5.85 17.70
CA SER D 18 -28.25 -6.22 19.03
C SER D 18 -27.87 -7.69 19.15
N ILE D 19 -28.18 -8.46 18.10
CA ILE D 19 -27.86 -9.89 18.08
C ILE D 19 -27.30 -10.24 16.72
N GLY D 20 -26.10 -10.80 16.70
CA GLY D 20 -25.50 -11.18 15.43
C GLY D 20 -25.04 -12.61 15.43
N PHE D 21 -24.56 -13.06 14.27
CA PHE D 21 -24.05 -14.39 14.11
C PHE D 21 -22.53 -14.36 14.06
N GLY D 22 -21.89 -15.00 15.04
CA GLY D 22 -20.43 -15.03 15.07
C GLY D 22 -19.92 -15.90 13.94
N CYS D 23 -18.80 -15.52 13.32
CA CYS D 23 -18.26 -16.30 12.21
C CYS D 23 -16.92 -16.94 12.52
N TRP D 24 -16.39 -16.72 13.71
CA TRP D 24 -15.11 -17.32 14.07
C TRP D 24 -15.26 -18.83 14.10
N LYS D 25 -14.31 -19.52 13.46
CA LYS D 25 -14.28 -20.97 13.38
C LYS D 25 -15.30 -21.61 12.45
N LEU D 26 -15.98 -20.81 11.64
CA LEU D 26 -16.91 -21.40 10.68
C LEU D 26 -16.00 -22.00 9.62
N ALA D 27 -16.10 -23.32 9.40
CA ALA D 27 -15.29 -24.01 8.40
C ALA D 27 -15.48 -23.39 7.03
N ASN D 28 -14.38 -23.21 6.30
CA ASN D 28 -14.46 -22.63 4.98
C ASN D 28 -15.41 -23.42 4.06
N ALA D 29 -15.38 -24.74 4.19
CA ALA D 29 -16.25 -25.60 3.38
C ALA D 29 -17.74 -25.30 3.56
N THR D 30 -18.13 -24.97 4.79
CA THR D 30 -19.55 -24.72 5.06
C THR D 30 -19.95 -23.32 5.46
N ALA D 31 -18.97 -22.43 5.67
CA ALA D 31 -19.27 -21.06 6.08
C ALA D 31 -20.34 -20.41 5.20
N GLY D 32 -20.22 -20.62 3.90
CA GLY D 32 -21.19 -20.04 2.98
C GLY D 32 -22.61 -20.45 3.28
N GLU D 33 -22.86 -21.76 3.31
CA GLU D 33 -24.19 -22.29 3.60
C GLU D 33 -24.66 -21.83 4.98
N GLN D 34 -23.79 -21.95 5.98
CA GLN D 34 -24.14 -21.54 7.33
C GLN D 34 -24.62 -20.08 7.43
N VAL D 35 -23.92 -19.14 6.79
CA VAL D 35 -24.34 -17.75 6.85
C VAL D 35 -25.68 -17.58 6.14
N TYR D 36 -25.82 -18.23 5.00
CA TYR D 36 -27.07 -18.18 4.24
C TYR D 36 -28.23 -18.68 5.12
N GLN D 37 -28.01 -19.80 5.81
CA GLN D 37 -29.04 -20.35 6.68
C GLN D 37 -29.36 -19.36 7.81
N ALA D 38 -28.33 -18.76 8.39
CA ALA D 38 -28.53 -17.78 9.45
C ALA D 38 -29.37 -16.60 8.95
N ILE D 39 -29.15 -16.19 7.72
CA ILE D 39 -29.94 -15.08 7.17
C ILE D 39 -31.38 -15.58 7.09
N LYS D 40 -31.58 -16.77 6.54
CA LYS D 40 -32.93 -17.32 6.44
C LYS D 40 -33.57 -17.38 7.81
N ALA D 41 -32.76 -17.64 8.84
CA ALA D 41 -33.27 -17.72 10.20
C ALA D 41 -33.51 -16.36 10.84
N GLY D 42 -33.22 -15.28 10.11
CA GLY D 42 -33.44 -13.96 10.68
C GLY D 42 -32.22 -13.15 11.07
N TYR D 43 -31.03 -13.74 11.05
CA TYR D 43 -29.83 -12.98 11.40
C TYR D 43 -29.50 -11.96 10.31
N ARG D 44 -29.10 -10.75 10.72
CA ARG D 44 -28.75 -9.70 9.79
C ARG D 44 -27.31 -9.20 9.96
N LEU D 45 -26.75 -9.39 11.16
CA LEU D 45 -25.38 -8.98 11.44
C LEU D 45 -24.43 -10.18 11.50
N PHE D 46 -23.30 -10.06 10.81
CA PHE D 46 -22.32 -11.13 10.83
C PHE D 46 -21.00 -10.57 11.31
N ASP D 47 -20.55 -11.09 12.45
CA ASP D 47 -19.32 -10.63 13.04
C ASP D 47 -18.18 -11.44 12.47
N GLY D 48 -17.47 -10.86 11.51
CA GLY D 48 -16.36 -11.56 10.88
C GLY D 48 -15.00 -10.97 11.24
N ALA D 49 -13.95 -11.49 10.62
CA ALA D 49 -12.61 -10.97 10.89
C ALA D 49 -11.62 -11.51 9.89
N GLU D 50 -10.65 -10.68 9.53
CA GLU D 50 -9.63 -11.09 8.57
C GLU D 50 -8.93 -12.32 9.12
N ASP D 51 -8.65 -12.31 10.43
CA ASP D 51 -7.98 -13.44 11.05
C ASP D 51 -8.77 -14.75 10.98
N TYR D 52 -10.08 -14.67 10.79
CA TYR D 52 -10.87 -15.91 10.76
C TYR D 52 -10.62 -16.75 9.50
N GLY D 53 -10.04 -16.13 8.48
CA GLY D 53 -9.72 -16.82 7.24
C GLY D 53 -10.89 -17.35 6.41
N ASN D 54 -12.06 -16.76 6.56
CA ASN D 54 -13.24 -17.25 5.83
C ASN D 54 -14.15 -16.16 5.31
N GLU D 55 -13.64 -14.94 5.17
CA GLU D 55 -14.48 -13.85 4.70
C GLU D 55 -14.95 -14.06 3.25
N LYS D 56 -14.18 -14.80 2.46
CA LYS D 56 -14.62 -15.08 1.09
C LYS D 56 -15.94 -15.86 1.19
N GLU D 57 -15.92 -16.95 1.97
CA GLU D 57 -17.09 -17.80 2.15
C GLU D 57 -18.24 -17.06 2.82
N VAL D 58 -17.95 -16.27 3.84
CA VAL D 58 -19.04 -15.52 4.49
C VAL D 58 -19.71 -14.63 3.43
N GLY D 59 -18.89 -14.06 2.55
CA GLY D 59 -19.42 -13.21 1.49
C GLY D 59 -20.27 -14.01 0.50
N ASP D 60 -19.84 -15.21 0.18
CA ASP D 60 -20.60 -16.07 -0.73
C ASP D 60 -22.03 -16.26 -0.21
N GLY D 61 -22.14 -16.62 1.07
CA GLY D 61 -23.43 -16.83 1.68
C GLY D 61 -24.28 -15.59 1.63
N VAL D 62 -23.67 -14.44 1.90
CA VAL D 62 -24.39 -13.19 1.90
C VAL D 62 -24.91 -12.85 0.51
N LYS D 63 -24.06 -13.05 -0.49
CA LYS D 63 -24.40 -12.78 -1.89
C LYS D 63 -25.59 -13.63 -2.34
N ARG D 64 -25.52 -14.92 -2.04
CA ARG D 64 -26.60 -15.83 -2.41
C ARG D 64 -27.91 -15.33 -1.82
N ALA D 65 -27.88 -14.92 -0.55
CA ALA D 65 -29.09 -14.43 0.09
C ALA D 65 -29.62 -13.22 -0.66
N ILE D 66 -28.71 -12.41 -1.19
CA ILE D 66 -29.09 -11.21 -1.93
C ILE D 66 -29.55 -11.60 -3.33
N ASP D 67 -28.76 -12.43 -4.01
CA ASP D 67 -29.12 -12.87 -5.36
C ASP D 67 -30.54 -13.46 -5.38
N GLU D 68 -30.85 -14.27 -4.38
CA GLU D 68 -32.17 -14.87 -4.28
C GLU D 68 -33.24 -13.88 -3.88
N GLY D 69 -32.83 -12.67 -3.55
CA GLY D 69 -33.81 -11.67 -3.16
C GLY D 69 -34.24 -11.78 -1.71
N LEU D 70 -33.47 -12.53 -0.92
CA LEU D 70 -33.80 -12.67 0.50
C LEU D 70 -33.57 -11.36 1.25
N VAL D 71 -32.44 -10.71 0.97
CA VAL D 71 -32.10 -9.43 1.61
C VAL D 71 -31.30 -8.52 0.67
N LYS D 72 -31.44 -7.21 0.90
CA LYS D 72 -30.71 -6.21 0.14
C LYS D 72 -29.48 -5.83 0.98
N ARG D 73 -28.35 -5.59 0.33
CA ARG D 73 -27.12 -5.25 1.04
C ARG D 73 -27.34 -4.37 2.27
N GLU D 74 -28.17 -3.33 2.11
CA GLU D 74 -28.41 -2.39 3.20
C GLU D 74 -29.08 -3.01 4.41
N GLU D 75 -29.64 -4.20 4.22
CA GLU D 75 -30.33 -4.89 5.31
C GLU D 75 -29.38 -5.78 6.10
N ILE D 76 -28.18 -5.96 5.55
CA ILE D 76 -27.15 -6.79 6.15
C ILE D 76 -26.05 -5.91 6.79
N PHE D 77 -25.68 -6.22 8.03
CA PHE D 77 -24.65 -5.47 8.75
C PHE D 77 -23.40 -6.34 8.84
N LEU D 78 -22.34 -5.97 8.12
CA LEU D 78 -21.13 -6.76 8.14
C LEU D 78 -20.03 -6.12 9.00
N THR D 79 -19.47 -6.91 9.91
CA THR D 79 -18.39 -6.47 10.79
C THR D 79 -17.15 -7.25 10.45
N SER D 80 -16.03 -6.55 10.32
CA SER D 80 -14.77 -7.22 10.08
C SER D 80 -13.79 -6.56 11.03
N LYS D 81 -12.59 -7.11 11.12
CA LYS D 81 -11.57 -6.58 12.02
C LYS D 81 -10.21 -6.60 11.36
N LEU D 82 -9.44 -5.54 11.61
CA LEU D 82 -8.09 -5.36 11.09
C LEU D 82 -7.14 -6.17 11.96
N TRP D 83 -6.42 -7.12 11.37
CA TRP D 83 -5.50 -7.95 12.13
C TRP D 83 -4.26 -7.18 12.60
N ASN D 84 -3.51 -7.76 13.54
CA ASN D 84 -2.33 -7.12 14.12
C ASN D 84 -1.16 -6.77 13.19
N ASN D 85 -1.07 -7.43 12.03
CA ASN D 85 0.04 -7.16 11.11
C ASN D 85 -0.23 -5.93 10.25
N TYR D 86 -1.45 -5.41 10.29
CA TYR D 86 -1.81 -4.27 9.46
C TYR D 86 -2.05 -2.94 10.16
N HIS D 87 -1.36 -2.67 11.27
CA HIS D 87 -1.57 -1.39 11.95
C HIS D 87 -0.88 -0.19 11.27
N ASP D 88 0.31 -0.41 10.71
CA ASP D 88 1.05 0.65 10.00
C ASP D 88 0.08 1.27 8.98
N PRO D 89 -0.17 2.59 9.07
CA PRO D 89 -1.11 3.21 8.12
C PRO D 89 -0.93 2.87 6.64
N LYS D 90 0.29 2.53 6.22
CA LYS D 90 0.56 2.18 4.81
C LYS D 90 0.15 0.73 4.52
N ASN D 91 -0.63 0.15 5.42
CA ASN D 91 -1.10 -1.22 5.26
C ASN D 91 -2.57 -1.34 5.60
N VAL D 92 -3.10 -0.37 6.34
CA VAL D 92 -4.49 -0.40 6.75
C VAL D 92 -5.42 -0.55 5.55
N GLU D 93 -5.23 0.34 4.58
CA GLU D 93 -6.03 0.35 3.37
C GLU D 93 -6.01 -0.98 2.64
N THR D 94 -4.81 -1.54 2.50
CA THR D 94 -4.65 -2.79 1.82
C THR D 94 -5.55 -3.84 2.49
N ALA D 95 -5.31 -4.05 3.78
CA ALA D 95 -6.04 -5.04 4.57
C ALA D 95 -7.53 -4.86 4.37
N LEU D 96 -7.99 -3.63 4.40
CA LEU D 96 -9.41 -3.37 4.24
C LEU D 96 -9.91 -3.70 2.83
N ASN D 97 -9.00 -3.71 1.84
CA ASN D 97 -9.39 -4.02 0.48
C ASN D 97 -9.53 -5.52 0.33
N LYS D 98 -8.57 -6.25 0.90
CA LYS D 98 -8.63 -7.70 0.86
C LYS D 98 -9.95 -8.14 1.47
N THR D 99 -10.37 -7.45 2.53
CA THR D 99 -11.61 -7.76 3.22
C THR D 99 -12.83 -7.37 2.42
N LEU D 100 -12.75 -6.28 1.67
CA LEU D 100 -13.88 -5.86 0.87
C LEU D 100 -13.99 -6.80 -0.34
N ALA D 101 -12.85 -7.23 -0.86
CA ALA D 101 -12.84 -8.12 -2.01
C ALA D 101 -13.44 -9.46 -1.60
N ASP D 102 -12.86 -10.08 -0.58
CA ASP D 102 -13.33 -11.35 -0.09
C ASP D 102 -14.83 -11.31 0.18
N LEU D 103 -15.30 -10.32 0.93
CA LEU D 103 -16.73 -10.19 1.24
C LEU D 103 -17.54 -9.76 0.03
N LYS D 104 -16.85 -9.48 -1.07
CA LYS D 104 -17.52 -9.05 -2.30
C LYS D 104 -18.50 -7.91 -2.04
N VAL D 105 -18.06 -6.90 -1.29
CA VAL D 105 -18.90 -5.74 -1.01
C VAL D 105 -18.10 -4.45 -1.24
N ASP D 106 -18.77 -3.31 -1.17
CA ASP D 106 -18.10 -2.02 -1.36
C ASP D 106 -17.60 -1.48 -0.03
N TYR D 107 -18.41 -1.67 1.02
CA TYR D 107 -18.12 -1.17 2.35
C TYR D 107 -18.50 -2.15 3.47
N VAL D 108 -17.84 -2.03 4.63
CA VAL D 108 -18.19 -2.86 5.78
C VAL D 108 -18.96 -1.90 6.67
N ASP D 109 -19.90 -2.42 7.43
CA ASP D 109 -20.70 -1.57 8.30
C ASP D 109 -19.93 -1.19 9.57
N LEU D 110 -19.04 -2.09 9.99
CA LEU D 110 -18.24 -1.88 11.17
C LEU D 110 -16.90 -2.54 10.94
N PHE D 111 -15.83 -1.77 11.14
CA PHE D 111 -14.48 -2.29 10.98
C PHE D 111 -13.83 -1.99 12.32
N LEU D 112 -13.27 -3.02 12.95
CA LEU D 112 -12.66 -2.87 14.27
C LEU D 112 -11.18 -3.19 14.33
N ILE D 113 -10.44 -2.45 15.14
CA ILE D 113 -9.04 -2.78 15.35
C ILE D 113 -9.24 -4.02 16.23
N HIS D 114 -8.74 -5.16 15.77
CA HIS D 114 -8.89 -6.43 16.46
C HIS D 114 -8.18 -6.51 17.82
N PHE D 115 -6.94 -6.04 17.89
CA PHE D 115 -6.17 -6.04 19.14
C PHE D 115 -5.29 -4.80 19.19
N PRO D 116 -5.03 -4.26 20.39
CA PRO D 116 -4.17 -3.08 20.46
C PRO D 116 -2.73 -3.61 20.47
N ILE D 117 -2.43 -4.39 19.45
CA ILE D 117 -1.13 -5.04 19.26
C ILE D 117 -0.70 -4.87 17.80
N ALA D 118 0.55 -4.48 17.57
CA ALA D 118 1.02 -4.26 16.21
C ALA D 118 2.11 -5.23 15.77
N PHE D 119 1.71 -6.27 15.06
CA PHE D 119 2.63 -7.25 14.53
C PHE D 119 3.30 -6.64 13.29
N LYS D 120 4.51 -7.11 12.97
CA LYS D 120 5.23 -6.64 11.78
C LYS D 120 4.45 -7.07 10.54
N PHE D 121 4.32 -6.16 9.58
CA PHE D 121 3.59 -6.45 8.36
C PHE D 121 4.11 -7.69 7.63
N VAL D 122 3.17 -8.41 7.00
CA VAL D 122 3.42 -9.61 6.21
C VAL D 122 2.49 -9.39 5.03
N PRO D 123 3.01 -9.45 3.78
CA PRO D 123 2.22 -9.23 2.57
C PRO D 123 0.95 -10.09 2.47
N ILE D 124 -0.18 -9.47 2.15
CA ILE D 124 -1.44 -10.18 2.01
C ILE D 124 -1.24 -11.36 1.08
N GLU D 125 -0.32 -11.19 0.13
CA GLU D 125 0.00 -12.19 -0.87
C GLU D 125 1.00 -13.28 -0.42
N GLU D 126 1.70 -13.07 0.69
CA GLU D 126 2.68 -14.04 1.16
C GLU D 126 2.12 -15.08 2.12
N LYS D 127 1.11 -14.67 2.88
CA LYS D 127 0.44 -15.55 3.84
C LYS D 127 -0.81 -14.84 4.30
N TYR D 128 -1.90 -15.56 4.36
CA TYR D 128 -3.13 -14.90 4.77
C TYR D 128 -4.22 -15.90 5.14
N PRO D 129 -4.79 -15.77 6.35
CA PRO D 129 -4.42 -14.72 7.31
C PRO D 129 -3.09 -15.11 7.93
N PRO D 130 -2.29 -14.11 8.37
CA PRO D 130 -0.99 -14.41 8.97
C PRO D 130 -1.01 -15.01 10.36
N GLY D 131 -2.11 -14.81 11.09
CA GLY D 131 -2.16 -15.33 12.44
C GLY D 131 -1.04 -14.71 13.28
N PHE D 132 -0.29 -15.54 13.99
CA PHE D 132 0.80 -15.04 14.81
C PHE D 132 2.09 -14.96 14.01
N TYR D 133 2.01 -15.14 12.70
CA TYR D 133 3.20 -15.07 11.88
C TYR D 133 3.60 -13.61 11.70
N CYS D 134 4.84 -13.29 12.06
CA CYS D 134 5.31 -11.91 11.94
C CYS D 134 6.46 -11.76 10.95
N GLY D 135 6.53 -12.66 9.97
CA GLY D 135 7.58 -12.56 8.97
C GLY D 135 8.96 -13.10 9.34
N ASP D 136 9.05 -13.84 10.44
CA ASP D 136 10.34 -14.41 10.86
C ASP D 136 10.16 -15.72 11.64
N GLY D 137 9.78 -16.79 10.93
CA GLY D 137 9.59 -18.07 11.58
C GLY D 137 8.52 -18.00 12.66
N ASN D 138 8.85 -18.56 13.83
CA ASN D 138 7.90 -18.55 14.94
C ASN D 138 8.14 -17.40 15.92
N ASN D 139 8.78 -16.34 15.46
CA ASN D 139 9.04 -15.20 16.34
C ASN D 139 8.06 -14.06 16.20
N PHE D 140 7.64 -13.52 17.33
CA PHE D 140 6.76 -12.38 17.28
C PHE D 140 7.71 -11.22 17.00
N VAL D 141 7.27 -10.29 16.17
CA VAL D 141 8.05 -9.11 15.83
C VAL D 141 7.00 -8.03 15.73
N TYR D 142 7.25 -6.90 16.41
CA TYR D 142 6.28 -5.82 16.46
C TYR D 142 6.69 -4.55 15.74
N GLU D 143 5.73 -3.67 15.50
CA GLU D 143 5.98 -2.41 14.83
C GLU D 143 5.64 -1.25 15.77
N ASP D 144 6.49 -0.22 15.78
CA ASP D 144 6.24 0.95 16.60
C ASP D 144 5.16 1.80 15.98
N VAL D 145 3.92 1.34 16.05
CA VAL D 145 2.82 2.09 15.48
C VAL D 145 1.80 2.38 16.55
N PRO D 146 1.76 3.63 17.04
CA PRO D 146 0.80 4.02 18.08
C PRO D 146 -0.64 3.83 17.57
N ILE D 147 -1.52 3.41 18.46
CA ILE D 147 -2.93 3.19 18.12
C ILE D 147 -3.56 4.33 17.32
N LEU D 148 -3.33 5.56 17.75
CA LEU D 148 -3.89 6.73 17.10
C LEU D 148 -3.53 6.85 15.61
N GLU D 149 -2.35 6.37 15.24
CA GLU D 149 -1.94 6.41 13.84
C GLU D 149 -2.89 5.51 13.06
N THR D 150 -2.97 4.24 13.47
CA THR D 150 -3.86 3.28 12.85
C THR D 150 -5.28 3.81 12.78
N TRP D 151 -5.73 4.44 13.87
CA TRP D 151 -7.06 4.98 13.95
C TRP D 151 -7.33 6.09 12.93
N LYS D 152 -6.39 7.01 12.79
CA LYS D 152 -6.52 8.11 11.83
C LYS D 152 -6.64 7.53 10.42
N ALA D 153 -5.89 6.46 10.15
CA ALA D 153 -5.97 5.79 8.85
C ALA D 153 -7.41 5.30 8.64
N LEU D 154 -8.00 4.75 9.71
CA LEU D 154 -9.37 4.26 9.62
C LEU D 154 -10.36 5.39 9.40
N GLU D 155 -10.12 6.52 10.05
CA GLU D 155 -11.02 7.66 9.91
C GLU D 155 -11.06 8.13 8.46
N LYS D 156 -9.92 8.05 7.79
CA LYS D 156 -9.85 8.47 6.40
C LYS D 156 -10.77 7.53 5.62
N LEU D 157 -10.57 6.23 5.85
CA LEU D 157 -11.36 5.20 5.18
C LEU D 157 -12.87 5.37 5.36
N VAL D 158 -13.28 5.99 6.46
CA VAL D 158 -14.70 6.23 6.68
C VAL D 158 -15.11 7.36 5.74
N ALA D 159 -14.27 8.38 5.65
CA ALA D 159 -14.53 9.51 4.78
C ALA D 159 -14.58 9.01 3.34
N ALA D 160 -13.71 8.07 3.00
CA ALA D 160 -13.67 7.51 1.65
C ALA D 160 -14.84 6.54 1.41
N GLY D 161 -15.80 6.51 2.32
CA GLY D 161 -16.95 5.63 2.17
C GLY D 161 -16.76 4.12 2.16
N LYS D 162 -15.58 3.62 2.51
CA LYS D 162 -15.31 2.18 2.53
C LYS D 162 -15.65 1.53 3.89
N ILE D 163 -16.08 2.34 4.86
CA ILE D 163 -16.43 1.86 6.19
C ILE D 163 -17.49 2.80 6.76
N LYS D 164 -18.57 2.24 7.30
CA LYS D 164 -19.67 3.05 7.87
C LYS D 164 -19.43 3.48 9.31
N SER D 165 -18.89 2.57 10.12
CA SER D 165 -18.61 2.83 11.53
C SER D 165 -17.31 2.12 11.87
N ILE D 166 -16.53 2.69 12.79
CA ILE D 166 -15.27 2.09 13.19
C ILE D 166 -15.28 1.95 14.71
N GLY D 167 -14.46 1.03 15.21
CA GLY D 167 -14.43 0.83 16.65
C GLY D 167 -13.22 0.01 17.02
N VAL D 168 -13.16 -0.42 18.28
CA VAL D 168 -12.03 -1.21 18.73
C VAL D 168 -12.45 -2.49 19.46
N SER D 169 -11.50 -3.42 19.58
CA SER D 169 -11.75 -4.66 20.22
C SER D 169 -10.60 -4.97 21.17
N ASN D 170 -10.93 -5.53 22.35
CA ASN D 170 -9.91 -5.88 23.33
C ASN D 170 -9.06 -4.71 23.84
N PHE D 171 -9.70 -3.56 24.00
CA PHE D 171 -9.07 -2.34 24.51
C PHE D 171 -9.41 -2.13 26.00
N PRO D 172 -8.40 -2.08 26.88
CA PRO D 172 -8.79 -1.85 28.28
C PRO D 172 -9.17 -0.36 28.44
N GLY D 173 -9.74 0.00 29.59
CA GLY D 173 -10.19 1.36 29.82
C GLY D 173 -9.26 2.54 29.60
N ALA D 174 -8.01 2.44 30.06
CA ALA D 174 -7.04 3.53 29.92
C ALA D 174 -6.71 3.81 28.46
N LEU D 175 -6.66 2.74 27.67
CA LEU D 175 -6.35 2.84 26.26
C LEU D 175 -7.54 3.45 25.51
N LEU D 176 -8.75 3.01 25.85
CA LEU D 176 -9.94 3.57 25.22
C LEU D 176 -9.99 5.04 25.57
N LEU D 177 -9.65 5.38 26.80
CA LEU D 177 -9.70 6.77 27.23
C LEU D 177 -8.80 7.63 26.35
N ASP D 178 -7.54 7.24 26.27
CA ASP D 178 -6.57 7.98 25.49
C ASP D 178 -6.98 8.14 24.01
N LEU D 179 -7.51 7.07 23.41
CA LEU D 179 -7.93 7.14 22.02
C LEU D 179 -9.05 8.15 21.85
N LEU D 180 -9.96 8.21 22.82
CA LEU D 180 -11.06 9.16 22.77
C LEU D 180 -10.50 10.59 22.71
N ARG D 181 -9.31 10.77 23.28
CA ARG D 181 -8.67 12.08 23.30
C ARG D 181 -8.14 12.53 21.92
N GLY D 182 -7.72 11.60 21.08
CA GLY D 182 -7.18 11.98 19.77
C GLY D 182 -8.04 11.60 18.57
N ALA D 183 -9.17 10.97 18.84
CA ALA D 183 -10.08 10.54 17.80
C ALA D 183 -11.02 11.65 17.31
N THR D 184 -11.14 11.76 15.99
CA THR D 184 -12.05 12.74 15.42
C THR D 184 -13.38 11.97 15.34
N ILE D 185 -13.31 10.75 14.79
CA ILE D 185 -14.50 9.89 14.76
C ILE D 185 -14.34 9.05 16.02
N LYS D 186 -15.27 9.16 16.96
CA LYS D 186 -15.18 8.39 18.19
C LYS D 186 -15.49 6.91 17.95
N PRO D 187 -14.69 6.01 18.55
CA PRO D 187 -14.94 4.57 18.38
C PRO D 187 -16.40 4.28 18.71
N ALA D 188 -17.13 3.79 17.72
CA ALA D 188 -18.55 3.52 17.88
C ALA D 188 -18.82 2.26 18.71
N VAL D 189 -17.87 1.34 18.67
CA VAL D 189 -18.02 0.07 19.36
C VAL D 189 -16.76 -0.41 20.06
N LEU D 190 -16.96 -1.05 21.21
CA LEU D 190 -15.88 -1.67 21.97
C LEU D 190 -16.28 -3.15 22.06
N GLN D 191 -15.53 -4.03 21.39
CA GLN D 191 -15.85 -5.45 21.45
C GLN D 191 -14.89 -6.14 22.43
N VAL D 192 -15.43 -6.74 23.49
CA VAL D 192 -14.58 -7.39 24.49
C VAL D 192 -15.15 -8.71 25.00
N GLU D 193 -14.28 -9.55 25.56
CA GLU D 193 -14.73 -10.79 26.13
C GLU D 193 -15.66 -10.38 27.27
N HIS D 194 -16.85 -10.96 27.32
CA HIS D 194 -17.84 -10.59 28.34
C HIS D 194 -18.76 -11.77 28.72
N HIS D 195 -18.72 -12.15 30.00
CA HIS D 195 -19.53 -13.25 30.54
C HIS D 195 -19.51 -13.17 32.08
N PRO D 196 -20.36 -13.96 32.75
CA PRO D 196 -20.33 -13.87 34.22
C PRO D 196 -19.00 -14.03 34.96
N TYR D 197 -18.00 -14.67 34.36
CA TYR D 197 -16.71 -14.80 35.08
C TYR D 197 -15.77 -13.62 34.83
N LEU D 198 -16.07 -12.80 33.82
CA LEU D 198 -15.24 -11.62 33.49
C LEU D 198 -16.23 -10.51 33.15
N GLN D 199 -16.79 -9.91 34.19
CA GLN D 199 -17.82 -8.88 33.99
C GLN D 199 -17.34 -7.45 33.74
N GLN D 200 -16.18 -7.10 34.30
CA GLN D 200 -15.59 -5.76 34.13
C GLN D 200 -16.68 -4.69 34.11
N PRO D 201 -17.54 -4.69 35.15
CA PRO D 201 -18.62 -3.71 35.22
C PRO D 201 -18.23 -2.25 35.07
N LYS D 202 -17.01 -1.90 35.50
CA LYS D 202 -16.57 -0.52 35.40
C LYS D 202 -16.17 -0.13 33.99
N LEU D 203 -15.65 -1.08 33.23
CA LEU D 203 -15.25 -0.82 31.86
C LEU D 203 -16.52 -0.60 31.05
N ILE D 204 -17.50 -1.47 31.28
CA ILE D 204 -18.78 -1.40 30.60
C ILE D 204 -19.44 -0.06 30.88
N GLU D 205 -19.50 0.30 32.16
CA GLU D 205 -20.10 1.56 32.57
C GLU D 205 -19.40 2.74 31.90
N PHE D 206 -18.07 2.76 31.99
CA PHE D 206 -17.36 3.86 31.36
C PHE D 206 -17.69 3.99 29.87
N ALA D 207 -17.49 2.90 29.12
CA ALA D 207 -17.73 2.92 27.69
C ALA D 207 -19.16 3.33 27.37
N GLN D 208 -20.14 2.75 28.06
CA GLN D 208 -21.52 3.10 27.77
C GLN D 208 -21.78 4.57 28.09
N LYS D 209 -21.27 5.05 29.21
CA LYS D 209 -21.49 6.44 29.56
C LYS D 209 -20.80 7.35 28.56
N ALA D 210 -19.78 6.84 27.91
CA ALA D 210 -19.06 7.62 26.92
C ALA D 210 -19.76 7.51 25.58
N GLY D 211 -20.86 6.76 25.54
CA GLY D 211 -21.60 6.61 24.30
C GLY D 211 -21.07 5.53 23.37
N VAL D 212 -20.09 4.75 23.82
CA VAL D 212 -19.54 3.66 23.01
C VAL D 212 -20.47 2.45 23.24
N THR D 213 -20.77 1.71 22.17
CA THR D 213 -21.64 0.55 22.27
C THR D 213 -20.79 -0.69 22.51
N ILE D 214 -21.22 -1.51 23.46
CA ILE D 214 -20.49 -2.73 23.78
C ILE D 214 -20.98 -3.94 23.01
N THR D 215 -20.06 -4.70 22.44
CA THR D 215 -20.40 -5.97 21.81
C THR D 215 -19.62 -7.03 22.59
N ALA D 216 -20.35 -7.98 23.14
CA ALA D 216 -19.75 -9.04 23.92
C ALA D 216 -19.41 -10.27 23.09
N TYR D 217 -18.33 -10.96 23.45
CA TYR D 217 -18.01 -12.21 22.77
C TYR D 217 -17.69 -13.22 23.88
N SER D 218 -17.78 -14.51 23.57
CA SER D 218 -17.57 -15.58 24.55
C SER D 218 -18.59 -15.44 25.67
N SER D 219 -19.84 -15.14 25.29
CA SER D 219 -20.94 -14.98 26.23
C SER D 219 -21.16 -16.23 27.07
N PHE D 220 -20.65 -17.36 26.60
CA PHE D 220 -20.81 -18.61 27.33
C PHE D 220 -19.53 -18.95 28.07
N GLY D 221 -18.65 -17.96 28.20
CA GLY D 221 -17.41 -18.18 28.93
C GLY D 221 -16.57 -19.35 28.47
N PRO D 222 -16.27 -20.29 29.36
CA PRO D 222 -15.48 -21.49 29.10
C PRO D 222 -15.84 -22.22 27.81
N GLN D 223 -17.09 -22.08 27.37
CA GLN D 223 -17.53 -22.74 26.15
C GLN D 223 -17.17 -22.01 24.86
N SER D 224 -16.26 -22.62 24.11
CA SER D 224 -15.77 -22.16 22.82
C SER D 224 -14.46 -21.40 22.79
N PHE D 225 -13.80 -21.31 23.94
CA PHE D 225 -12.51 -20.65 23.98
C PHE D 225 -11.51 -21.75 24.18
N VAL D 226 -11.93 -22.93 23.73
CA VAL D 226 -11.15 -24.14 23.76
C VAL D 226 -10.22 -23.99 22.53
N GLU D 227 -9.66 -22.79 22.39
CA GLU D 227 -8.73 -22.42 21.31
C GLU D 227 -7.32 -22.13 21.86
N MET D 228 -7.13 -20.95 22.46
CA MET D 228 -5.83 -20.60 23.04
C MET D 228 -5.86 -20.91 24.55
N ASN D 229 -4.95 -21.77 24.99
CA ASN D 229 -4.91 -22.17 26.40
C ASN D 229 -6.27 -22.72 26.80
N GLN D 230 -6.73 -23.75 26.08
CA GLN D 230 -8.02 -24.34 26.38
C GLN D 230 -7.97 -25.03 27.73
N GLY D 231 -6.75 -25.26 28.23
CA GLY D 231 -6.60 -25.89 29.53
C GLY D 231 -7.26 -25.05 30.60
N ARG D 232 -7.09 -23.73 30.51
CA ARG D 232 -7.69 -22.82 31.47
C ARG D 232 -9.22 -23.00 31.41
N ALA D 233 -9.77 -23.05 30.20
CA ALA D 233 -11.21 -23.20 29.99
C ALA D 233 -11.75 -24.58 30.36
N LEU D 234 -11.04 -25.64 29.97
CA LEU D 234 -11.48 -27.01 30.27
C LEU D 234 -11.48 -27.23 31.77
N ASN D 235 -10.57 -26.56 32.45
CA ASN D 235 -10.48 -26.68 33.90
C ASN D 235 -11.37 -25.71 34.67
N THR D 236 -12.26 -25.03 33.96
CA THR D 236 -13.17 -24.07 34.60
C THR D 236 -14.61 -24.59 34.68
N PRO D 237 -15.20 -24.61 35.88
CA PRO D 237 -16.58 -25.09 36.06
C PRO D 237 -17.43 -24.30 35.07
N THR D 238 -18.21 -24.98 34.24
CA THR D 238 -19.01 -24.30 33.23
C THR D 238 -20.12 -23.42 33.78
N LEU D 239 -20.50 -22.44 32.97
CA LEU D 239 -21.58 -21.53 33.32
C LEU D 239 -22.89 -22.28 33.16
N PHE D 240 -22.96 -23.17 32.19
CA PHE D 240 -24.16 -23.96 31.93
C PHE D 240 -24.56 -24.85 33.10
N ALA D 241 -23.58 -25.27 33.92
CA ALA D 241 -23.87 -26.13 35.07
C ALA D 241 -23.75 -25.39 36.40
N HIS D 242 -23.37 -24.12 36.35
CA HIS D 242 -23.25 -23.33 37.56
C HIS D 242 -24.65 -23.18 38.22
N ASP D 243 -24.71 -23.46 39.52
CA ASP D 243 -25.96 -23.38 40.27
C ASP D 243 -26.72 -22.07 40.14
N THR D 244 -25.98 -20.95 40.17
CA THR D 244 -26.65 -19.67 40.04
C THR D 244 -27.38 -19.58 38.71
N ILE D 245 -26.72 -19.99 37.63
CA ILE D 245 -27.34 -19.93 36.32
C ILE D 245 -28.47 -20.94 36.14
N LYS D 246 -28.25 -22.15 36.66
CA LYS D 246 -29.26 -23.20 36.56
C LYS D 246 -30.53 -22.78 37.27
N ALA D 247 -30.40 -22.37 38.53
CA ALA D 247 -31.56 -21.92 39.31
C ALA D 247 -32.37 -20.88 38.53
N ILE D 248 -31.67 -19.90 37.94
CA ILE D 248 -32.34 -18.84 37.19
C ILE D 248 -32.99 -19.37 35.92
N ALA D 249 -32.30 -20.23 35.19
CA ALA D 249 -32.87 -20.80 33.97
C ALA D 249 -34.11 -21.66 34.31
N ALA D 250 -34.00 -22.43 35.40
CA ALA D 250 -35.09 -23.29 35.85
C ALA D 250 -36.27 -22.41 36.28
N LYS D 251 -35.95 -21.34 37.00
CA LYS D 251 -36.94 -20.38 37.47
C LYS D 251 -37.81 -19.85 36.33
N TYR D 252 -37.20 -19.56 35.18
CA TYR D 252 -37.91 -19.02 34.03
C TYR D 252 -38.21 -20.04 32.93
N ASN D 253 -37.77 -21.27 33.17
CA ASN D 253 -37.94 -22.34 32.19
C ASN D 253 -37.24 -21.94 30.88
N LYS D 254 -35.98 -21.56 31.02
CA LYS D 254 -35.16 -21.16 29.88
C LYS D 254 -33.87 -21.98 29.95
N THR D 255 -33.11 -22.03 28.86
CA THR D 255 -31.85 -22.78 28.88
C THR D 255 -30.80 -21.90 29.49
N PRO D 256 -29.75 -22.49 30.09
CA PRO D 256 -28.70 -21.64 30.67
C PRO D 256 -28.16 -20.67 29.61
N ALA D 257 -28.08 -21.13 28.37
CA ALA D 257 -27.61 -20.30 27.26
C ALA D 257 -28.47 -19.04 27.13
N GLU D 258 -29.80 -19.21 27.17
CA GLU D 258 -30.69 -18.06 27.04
C GLU D 258 -30.51 -17.05 28.18
N VAL D 259 -30.26 -17.55 29.38
CA VAL D 259 -30.05 -16.69 30.53
C VAL D 259 -28.75 -15.89 30.38
N LEU D 260 -27.71 -16.53 29.85
CA LEU D 260 -26.43 -15.88 29.68
C LEU D 260 -26.45 -14.81 28.58
N LEU D 261 -27.24 -15.04 27.54
CA LEU D 261 -27.34 -14.06 26.47
C LEU D 261 -28.23 -12.89 26.90
N ARG D 262 -29.29 -13.20 27.63
CA ARG D 262 -30.21 -12.16 28.09
C ARG D 262 -29.52 -11.28 29.12
N TRP D 263 -28.69 -11.90 29.95
CA TRP D 263 -27.95 -11.18 30.97
C TRP D 263 -27.21 -10.00 30.34
N ALA D 264 -26.64 -10.24 29.16
CA ALA D 264 -25.92 -9.20 28.44
C ALA D 264 -26.89 -8.24 27.73
N ALA D 265 -27.80 -8.80 26.94
CA ALA D 265 -28.76 -8.01 26.17
C ALA D 265 -29.56 -6.98 26.97
N GLN D 266 -30.10 -7.41 28.09
CA GLN D 266 -30.90 -6.55 28.93
C GLN D 266 -30.09 -5.36 29.44
N ARG D 267 -28.78 -5.46 29.41
CA ARG D 267 -27.95 -4.35 29.87
C ARG D 267 -27.46 -3.47 28.71
N GLY D 268 -28.11 -3.61 27.56
CA GLY D 268 -27.76 -2.83 26.37
C GLY D 268 -26.54 -3.31 25.61
N ILE D 269 -26.03 -4.48 25.98
CA ILE D 269 -24.84 -5.03 25.33
C ILE D 269 -25.24 -5.92 24.16
N ALA D 270 -24.61 -5.71 23.01
CA ALA D 270 -24.89 -6.52 21.82
C ALA D 270 -24.21 -7.90 21.95
N VAL D 271 -24.82 -8.92 21.36
CA VAL D 271 -24.27 -10.27 21.42
C VAL D 271 -24.10 -10.88 20.02
N ILE D 272 -23.14 -11.79 19.89
CA ILE D 272 -22.90 -12.41 18.61
C ILE D 272 -22.65 -13.92 18.71
N PRO D 273 -23.66 -14.68 19.20
CA PRO D 273 -23.63 -16.15 19.38
C PRO D 273 -23.36 -16.90 18.08
N LYS D 274 -22.76 -18.09 18.20
CA LYS D 274 -22.51 -18.93 17.03
C LYS D 274 -22.82 -20.39 17.33
N SER D 275 -23.71 -20.98 16.54
CA SER D 275 -24.05 -22.39 16.72
C SER D 275 -24.23 -23.10 15.39
N ASN D 276 -23.79 -24.37 15.37
CA ASN D 276 -23.87 -25.21 14.18
C ASN D 276 -25.25 -25.89 14.14
N LEU D 277 -25.98 -25.85 15.25
CA LEU D 277 -27.29 -26.48 15.32
C LEU D 277 -28.44 -25.55 14.96
N PRO D 278 -29.29 -25.97 14.01
CA PRO D 278 -30.43 -25.16 13.56
C PRO D 278 -31.30 -24.67 14.73
N GLU D 279 -31.54 -25.55 15.70
CA GLU D 279 -32.38 -25.17 16.84
C GLU D 279 -31.70 -24.17 17.76
N ARG D 280 -30.39 -24.29 17.94
CA ARG D 280 -29.68 -23.35 18.78
C ARG D 280 -29.63 -22.01 18.04
N LEU D 281 -29.49 -22.10 16.73
CA LEU D 281 -29.42 -20.93 15.86
C LEU D 281 -30.66 -20.09 16.12
N VAL D 282 -31.83 -20.73 16.07
CA VAL D 282 -33.08 -20.03 16.29
C VAL D 282 -33.15 -19.53 17.73
N GLN D 283 -32.77 -20.40 18.66
CA GLN D 283 -32.79 -20.08 20.08
C GLN D 283 -31.87 -18.88 20.40
N ASN D 284 -30.67 -18.85 19.84
CA ASN D 284 -29.76 -17.76 20.11
C ASN D 284 -30.24 -16.38 19.65
N ARG D 285 -31.36 -16.32 18.94
CA ARG D 285 -31.89 -15.04 18.48
C ARG D 285 -33.30 -14.79 18.97
N SER D 286 -33.80 -15.67 19.85
CA SER D 286 -35.17 -15.53 20.34
C SER D 286 -35.24 -15.47 21.85
N PHE D 287 -34.10 -15.25 22.51
CA PHE D 287 -34.10 -15.23 23.95
C PHE D 287 -34.71 -14.01 24.63
N ASN D 288 -35.04 -12.96 23.86
CA ASN D 288 -35.63 -11.77 24.48
C ASN D 288 -37.12 -11.92 24.75
N THR D 289 -37.48 -12.81 25.68
CA THR D 289 -38.87 -13.04 26.00
C THR D 289 -39.12 -12.94 27.48
N PHE D 290 -38.08 -12.61 28.24
CA PHE D 290 -38.20 -12.45 29.67
C PHE D 290 -37.20 -11.42 30.15
N ASP D 291 -37.35 -10.94 31.38
CA ASP D 291 -36.41 -9.97 31.93
C ASP D 291 -35.88 -10.52 33.22
N LEU D 292 -34.58 -10.34 33.46
CA LEU D 292 -33.95 -10.79 34.69
C LEU D 292 -34.31 -9.74 35.73
N THR D 293 -34.46 -10.16 37.00
CA THR D 293 -34.80 -9.22 38.07
C THR D 293 -33.55 -8.63 38.71
N LYS D 294 -33.76 -7.59 39.51
CA LYS D 294 -32.68 -6.94 40.23
C LYS D 294 -31.93 -8.01 41.03
N GLU D 295 -32.68 -8.88 41.71
CA GLU D 295 -32.06 -9.95 42.49
C GLU D 295 -31.28 -10.93 41.60
N ASP D 296 -31.80 -11.23 40.40
CA ASP D 296 -31.09 -12.14 39.50
C ASP D 296 -29.72 -11.55 39.16
N PHE D 297 -29.70 -10.27 38.84
CA PHE D 297 -28.46 -9.58 38.51
C PHE D 297 -27.50 -9.58 39.67
N GLU D 298 -28.03 -9.39 40.87
CA GLU D 298 -27.21 -9.40 42.06
C GLU D 298 -26.57 -10.78 42.26
N GLU D 299 -27.33 -11.83 41.98
CA GLU D 299 -26.79 -13.18 42.14
C GLU D 299 -25.75 -13.50 41.06
N ILE D 300 -26.04 -13.15 39.82
CA ILE D 300 -25.07 -13.38 38.75
C ILE D 300 -23.80 -12.54 38.97
N ALA D 301 -23.98 -11.31 39.46
CA ALA D 301 -22.85 -10.41 39.71
C ALA D 301 -21.82 -11.05 40.62
N LYS D 302 -22.27 -11.94 41.50
CA LYS D 302 -21.39 -12.63 42.41
C LYS D 302 -20.40 -13.57 41.71
N LEU D 303 -20.67 -13.92 40.45
CA LEU D 303 -19.77 -14.84 39.73
C LEU D 303 -18.50 -14.20 39.19
N ASP D 304 -18.46 -12.88 39.12
CA ASP D 304 -17.31 -12.19 38.58
C ASP D 304 -16.00 -12.45 39.33
N ILE D 305 -15.08 -13.14 38.68
CA ILE D 305 -13.78 -13.46 39.26
C ILE D 305 -12.67 -12.98 38.34
N GLY D 306 -13.06 -12.26 37.29
CA GLY D 306 -12.09 -11.74 36.35
C GLY D 306 -11.31 -12.84 35.67
N LEU D 307 -11.99 -13.92 35.29
CA LEU D 307 -11.33 -15.03 34.60
C LEU D 307 -11.41 -14.73 33.10
N ARG D 308 -10.24 -14.54 32.50
CA ARG D 308 -10.12 -14.16 31.08
C ARG D 308 -9.58 -15.32 30.23
N PHE D 309 -10.32 -15.71 29.19
CA PHE D 309 -9.87 -16.80 28.35
C PHE D 309 -9.09 -16.37 27.07
N ASN D 310 -9.30 -15.14 26.64
CA ASN D 310 -8.61 -14.60 25.45
C ASN D 310 -7.61 -13.57 25.94
N ASP D 311 -6.39 -13.99 26.23
CA ASP D 311 -5.42 -13.05 26.76
C ASP D 311 -4.07 -13.12 26.03
N PRO D 312 -3.66 -12.01 25.38
CA PRO D 312 -2.40 -11.88 24.64
C PRO D 312 -1.20 -12.17 25.51
N TRP D 313 -1.42 -12.21 26.82
CA TRP D 313 -0.33 -12.53 27.74
C TRP D 313 0.07 -13.99 27.49
N ASP D 314 -0.88 -14.79 27.01
CA ASP D 314 -0.61 -16.20 26.71
C ASP D 314 0.20 -16.32 25.40
N TRP D 315 0.05 -15.35 24.51
CA TRP D 315 0.77 -15.41 23.24
C TRP D 315 2.25 -15.19 23.42
N ASP D 316 2.60 -13.98 23.87
CA ASP D 316 3.98 -13.58 24.01
C ASP D 316 4.14 -12.58 25.16
N ASN D 317 3.46 -12.86 26.28
CA ASN D 317 3.48 -12.01 27.46
C ASN D 317 3.27 -10.54 27.11
N ILE D 318 2.29 -10.31 26.23
CA ILE D 318 1.92 -8.98 25.77
C ILE D 318 1.05 -8.43 26.92
N PRO D 319 1.45 -7.29 27.51
CA PRO D 319 0.79 -6.60 28.63
C PRO D 319 -0.53 -5.86 28.42
N ILE D 320 -1.36 -6.33 27.52
CA ILE D 320 -2.62 -5.64 27.26
C ILE D 320 -3.57 -5.55 28.47
N PHE D 321 -3.69 -6.64 29.21
CA PHE D 321 -4.58 -6.66 30.35
C PHE D 321 -3.91 -6.63 31.71
N VAL D 322 -2.73 -6.06 31.81
CA VAL D 322 -2.04 -5.99 33.09
C VAL D 322 -1.75 -4.54 33.49
PA NAP E . 5.86 23.01 -19.09
O1A NAP E . 4.90 22.93 -20.12
O2A NAP E . 5.59 23.11 -17.61
O5B NAP E . 6.90 24.21 -19.38
C5B NAP E . 6.34 25.46 -19.66
C4B NAP E . 7.49 26.48 -19.91
O4B NAP E . 6.61 27.62 -20.15
C3B NAP E . 8.27 26.85 -18.63
O3B NAP E . 9.58 27.05 -19.10
C2B NAP E . 7.68 28.13 -18.09
O2B NAP E . 8.62 29.16 -17.79
C1B NAP E . 6.65 28.62 -19.17
N9A NAP E . 5.32 28.71 -18.58
C8A NAP E . 4.71 27.98 -17.58
N7A NAP E . 3.47 28.35 -17.31
C5A NAP E . 3.25 29.39 -18.19
C6A NAP E . 2.11 30.18 -18.38
N6A NAP E . 0.94 30.10 -17.72
N1A NAP E . 2.18 31.18 -19.38
C2A NAP E . 3.35 31.37 -20.13
N3A NAP E . 4.49 30.60 -19.96
C4A NAP E . 4.40 29.62 -18.99
O3 NAP E . 6.82 21.80 -19.30
PN NAP E . 7.99 21.22 -18.45
O1N NAP E . 7.98 21.74 -17.07
O2N NAP E . 9.21 21.47 -19.26
O5D NAP E . 7.55 19.71 -18.42
C5D NAP E . 6.21 19.41 -17.91
C4D NAP E . 6.34 18.57 -16.66
O4D NAP E . 5.98 17.20 -16.99
C3D NAP E . 7.76 18.46 -15.97
O3D NAP E . 8.00 19.43 -14.94
C2D NAP E . 7.82 17.01 -15.50
O2D NAP E . 7.32 16.82 -14.19
C1D NAP E . 7.00 16.26 -16.48
N1N NAP E . 7.76 15.63 -17.64
C2N NAP E . 7.75 14.24 -17.81
C3N NAP E . 8.49 13.69 -18.86
C7N NAP E . 8.50 12.18 -19.04
O7N NAP E . 9.16 11.76 -19.94
N7N NAP E . 7.81 11.40 -18.22
C4N NAP E . 9.27 14.53 -19.78
C5N NAP E . 9.24 15.93 -19.59
C6N NAP E . 8.50 16.50 -18.52
P2B NAP E . 8.53 30.12 -16.45
O1X NAP E . 7.08 30.66 -16.39
O2X NAP E . 8.86 29.13 -15.37
O3X NAP E . 9.53 31.23 -16.66
PA NAP F . 2.45 -6.99 -53.74
O1A NAP F . 2.81 -5.65 -53.61
O2A NAP F . 3.36 -8.14 -53.95
O5B NAP F . 1.31 -7.17 -54.89
C5B NAP F . 1.53 -6.74 -56.17
C4B NAP F . 0.13 -6.50 -56.83
O4B NAP F . 0.71 -6.03 -58.06
C3B NAP F . -0.67 -7.77 -57.28
O3B NAP F . -2.03 -7.30 -57.32
C2B NAP F . -0.21 -8.11 -58.67
O2B NAP F . -1.26 -8.47 -59.60
C1B NAP F . 0.50 -6.83 -59.17
N9A NAP F . 1.79 -7.14 -59.69
C8A NAP F . 2.68 -8.18 -59.41
N7A NAP F . 3.78 -8.13 -60.09
C5A NAP F . 3.63 -7.00 -60.88
C6A NAP F . 4.48 -6.42 -61.84
N6A NAP F . 5.69 -6.88 -62.22
N1A NAP F . 4.02 -5.26 -62.47
C2A NAP F . 2.78 -4.70 -62.15
N3A NAP F . 1.92 -5.25 -61.21
C4A NAP F . 2.39 -6.38 -60.61
O3 NAP F . 1.42 -7.30 -52.59
PN NAP F . 1.14 -8.31 -51.48
O1N NAP F . 0.68 -9.57 -52.03
O2N NAP F . 0.24 -7.61 -50.56
O5D NAP F . 2.56 -8.51 -50.77
C5D NAP F . 3.42 -9.57 -51.21
C4D NAP F . 3.34 -10.72 -50.26
O4D NAP F . 3.84 -10.46 -48.90
C3D NAP F . 1.97 -11.46 -50.05
O3D NAP F . 1.58 -12.31 -51.14
C2D NAP F . 2.20 -12.19 -48.74
O2D NAP F . 2.93 -13.38 -48.93
C1D NAP F . 2.99 -11.19 -47.93
N1N NAP F . 2.18 -10.28 -47.04
C2N NAP F . 2.30 -10.37 -45.63
C3N NAP F . 1.52 -9.57 -44.81
C7N NAP F . 1.68 -9.68 -43.31
O7N NAP F . 0.95 -8.99 -42.63
N7N NAP F . 2.56 -10.50 -42.78
C4N NAP F . 0.54 -8.63 -45.38
C5N NAP F . 0.45 -8.55 -46.80
C6N NAP F . 1.25 -9.37 -47.66
P2B NAP F . -1.35 -9.93 -60.41
O1X NAP F . -0.06 -10.10 -61.21
O2X NAP F . -1.46 -10.91 -59.29
O3X NAP F . -2.58 -9.83 -61.32
PA NAP G . 4.03 4.94 52.43
O1A NAP G . 3.65 3.61 52.33
O2A NAP G . 5.41 5.47 52.25
O5B NAP G . 3.54 5.58 53.85
C5B NAP G . 3.88 4.95 55.02
C4B NAP G . 2.87 5.43 56.13
O4B NAP G . 3.46 4.59 57.16
C3B NAP G . 3.07 6.87 56.69
O3B NAP G . 1.76 7.19 57.20
C2B NAP G . 4.04 6.76 57.85
O2B NAP G . 3.74 7.54 59.03
C1B NAP G . 4.07 5.23 58.21
N9A NAP G . 5.41 4.75 58.28
C8A NAP G . 6.56 5.15 57.62
N7A NAP G . 7.62 4.48 57.93
C5A NAP G . 7.15 3.57 58.85
C6A NAP G . 7.83 2.57 59.54
N6A NAP G . 9.16 2.29 59.43
N1A NAP G . 7.09 1.80 60.44
C2A NAP G . 5.71 2.01 60.60
N3A NAP G . 5.01 3.00 59.92
C4A NAP G . 5.77 3.75 59.06
O3 NAP G . 2.99 5.80 51.57
PN NAP G . 2.97 6.99 50.58
O1N NAP G . 3.47 8.23 51.17
O2N NAP G . 1.59 7.02 50.07
O5D NAP G . 3.95 6.52 49.45
C5D NAP G . 5.34 6.83 49.54
C4D NAP G . 5.68 7.92 48.59
O4D NAP G . 5.48 7.57 47.19
C3D NAP G . 4.99 9.34 48.75
O3D NAP G . 5.53 10.18 49.79
C2D NAP G . 5.09 9.93 47.36
O2D NAP G . 6.32 10.60 47.13
C1D NAP G . 4.92 8.73 46.46
N1N NAP G . 3.53 8.48 45.95
C2N NAP G . 3.25 8.65 44.56
C3N NAP G . 1.96 8.49 44.10
C7N NAP G . 1.69 8.66 42.59
O7N NAP G . 0.53 8.54 42.23
N7N NAP G . 2.65 8.95 41.76
C4N NAP G . 0.87 8.14 45.01
C5N NAP G . 1.18 7.98 46.39
C6N NAP G . 2.51 8.14 46.89
P2B NAP G . 4.72 8.73 59.68
O1X NAP G . 6.07 8.06 60.02
O2X NAP G . 4.81 9.70 58.54
O3X NAP G . 4.03 9.24 60.92
PA NAP H . -20.05 -18.63 21.29
O1A NAP H . -19.57 -17.89 22.40
O2A NAP H . -21.48 -18.65 20.77
O5B NAP H . -19.61 -20.18 21.45
C5B NAP H . -20.61 -21.01 22.02
C4B NAP H . -20.12 -22.50 22.06
O4B NAP H . -21.35 -22.99 22.67
C3B NAP H . -20.07 -23.20 20.69
O3B NAP H . -19.08 -24.21 20.88
C2B NAP H . -21.41 -23.81 20.45
O2B NAP H . -21.37 -25.14 19.93
C1B NAP H . -22.13 -23.80 21.84
N9A NAP H . -23.43 -23.15 21.74
C8A NAP H . -23.88 -22.15 20.89
N7A NAP H . -25.14 -21.81 21.09
C5A NAP H . -25.53 -22.65 22.13
C6A NAP H . -26.77 -22.74 22.79
N6A NAP H . -27.88 -22.03 22.53
N1A NAP H . -26.88 -23.69 23.81
C2A NAP H . -25.79 -24.49 24.18
N3A NAP H . -24.56 -24.41 23.55
C4A NAP H . -24.48 -23.47 22.53
O3 NAP H . -19.22 -18.22 20.03
PN NAP H . -17.69 -18.01 19.87
O1N NAP H . -17.29 -18.34 18.48
O2N NAP H . -17.06 -18.79 20.96
O5D NAP H . -17.47 -16.45 20.12
C5D NAP H . -18.56 -15.52 19.87
C4D NAP H . -18.26 -14.72 18.63
O4D NAP H . -17.64 -13.45 18.97
C3D NAP H . -17.33 -15.36 17.53
O3D NAP H . -18.03 -16.13 16.53
C2D NAP H . -16.57 -14.18 16.94
O2D NAP H . -17.20 -13.64 15.81
C1D NAP H . -16.50 -13.19 18.07
N1N NAP H . -15.20 -13.18 18.83
C2N NAP H . -14.42 -12.02 18.86
C3N NAP H . -13.18 -12.06 19.51
C7N NAP H . -12.35 -10.77 19.53
O7N NAP H . -11.26 -10.84 20.07
N7N NAP H . -12.78 -9.68 18.95
C4N NAP H . -12.69 -13.26 20.18
C5N NAP H . -13.52 -14.42 20.13
C6N NAP H . -14.78 -14.40 19.47
P2B NAP H . -22.44 -25.69 18.80
O1X NAP H . -23.85 -25.32 19.30
O2X NAP H . -22.01 -24.93 17.59
O3X NAP H . -22.26 -27.20 18.75
#